data_3WA0
#
_entry.id   3WA0
#
_cell.length_a   85.363
_cell.length_b   135.760
_cell.length_c   238.495
_cell.angle_alpha   90.00
_cell.angle_beta   90.00
_cell.angle_gamma   90.00
#
_symmetry.space_group_name_H-M   'P 21 21 21'
#
loop_
_entity.id
_entity.type
_entity.pdbx_description
1 polymer Merlin
2 polymer 'Protein VPRBP'
3 polymer 'Protein VPRBP'
4 polymer 'Protein VPRBP'
5 polymer 'Protein VPRBP'
6 water water
#
loop_
_entity_poly.entity_id
_entity_poly.type
_entity_poly.pdbx_seq_one_letter_code
_entity_poly.pdbx_strand_id
1 'polypeptide(L)'
;GPLGSPKTFTVRIVTMDAEMEFNCEMKWKGKDLFDLVCRTLGLRETWFFGLQYTIKDTVAWLKMDKKVLDHDVSKEEPVT
FHFLAKFYPENAEEELVQEITQHLFFLQVKKQILDEKVYCPPEASVLLASYAVQAKYGDYDPSVHKRGFLAQEELLPKRV
INLYQMTPEMWEERITAWYAEHRGRARDEAEMEYLKIAQDLEMYGVNYFTIRNKKGTELLLGVDALGLHIYDPENRLTPK
ISFPWNEIRNISYSDKEFTIKPLDKKIDVFKFNSSKLRVNKLILQLCIGNHDLFMRRRKAD
;
A,B,C,D,E,F
2 'polypeptide(L)'
;GPLGSYDDDTDDLDELDTDQLLEAELEEDDNNENAGEDGDNDFSPSDEELANLLEEGEDGEDEDSDADEEVELILGDTDS
SDNSDLEDDIILSLNE
;
G,H
3 'polypeptide(L)' (UNK)(UNK)(UNK)(UNK)(UNK)(UNK)(UNK) I
4 'polypeptide(L)' (UNK)(UNK)(UNK)(UNK)(UNK)(UNK)(UNK)(UNK) J
5 'polypeptide(L)' (UNK)(UNK)(UNK)(UNK)(UNK)(UNK) K
#
# COMPACT_ATOMS: atom_id res chain seq x y z
N VAL A 11 32.77 -19.97 19.56
CA VAL A 11 32.96 -18.61 19.06
C VAL A 11 31.64 -17.85 18.92
N ARG A 12 31.75 -16.52 18.86
CA ARG A 12 30.58 -15.65 18.70
C ARG A 12 30.64 -14.94 17.35
N ILE A 13 29.74 -15.29 16.44
CA ILE A 13 29.72 -14.70 15.10
C ILE A 13 28.64 -13.62 14.97
N VAL A 14 29.06 -12.39 14.74
CA VAL A 14 28.13 -11.26 14.65
C VAL A 14 27.95 -10.77 13.22
N THR A 15 26.73 -10.89 12.71
CA THR A 15 26.38 -10.31 11.42
C THR A 15 25.76 -8.95 11.66
N MET A 16 25.31 -8.31 10.58
CA MET A 16 24.64 -7.01 10.72
C MET A 16 23.35 -7.11 11.55
N ASP A 17 22.46 -8.02 11.18
CA ASP A 17 21.16 -8.12 11.86
C ASP A 17 21.05 -9.20 12.95
N ALA A 18 22.08 -10.01 13.11
CA ALA A 18 21.95 -11.22 13.90
C ALA A 18 23.23 -11.68 14.62
N GLU A 19 23.06 -12.57 15.58
CA GLU A 19 24.15 -13.06 16.40
C GLU A 19 24.10 -14.58 16.52
N MET A 20 25.22 -15.23 16.29
CA MET A 20 25.29 -16.68 16.37
C MET A 20 26.26 -17.11 17.47
N GLU A 21 26.02 -18.30 18.01
CA GLU A 21 26.97 -18.92 18.92
C GLU A 21 27.38 -20.25 18.32
N PHE A 22 28.67 -20.54 18.33
CA PHE A 22 29.17 -21.76 17.71
C PHE A 22 30.16 -22.53 18.57
N ASN A 23 30.03 -23.85 18.55
CA ASN A 23 30.99 -24.71 19.22
C ASN A 23 32.04 -25.08 18.20
N CYS A 24 33.26 -24.59 18.41
CA CYS A 24 34.33 -24.75 17.45
C CYS A 24 35.36 -25.74 17.95
N GLU A 25 35.78 -26.62 17.07
CA GLU A 25 36.81 -27.60 17.39
C GLU A 25 38.18 -26.93 17.30
N MET A 26 39.02 -27.20 18.30
CA MET A 26 40.29 -26.50 18.47
C MET A 26 41.21 -26.50 17.24
N LYS A 27 41.16 -27.56 16.45
CA LYS A 27 42.02 -27.67 15.27
C LYS A 27 41.37 -27.20 13.96
N TRP A 28 40.16 -26.65 14.05
CA TRP A 28 39.47 -26.12 12.88
C TRP A 28 40.23 -24.93 12.28
N LYS A 29 39.98 -24.66 11.01
CA LYS A 29 40.67 -23.61 10.27
C LYS A 29 39.66 -22.55 9.86
N GLY A 30 40.17 -21.37 9.48
CA GLY A 30 39.31 -20.28 9.03
C GLY A 30 38.28 -20.72 8.01
N LYS A 31 38.72 -21.49 7.00
CA LYS A 31 37.83 -22.00 5.96
C LYS A 31 36.70 -22.86 6.54
N ASP A 32 36.98 -23.54 7.66
CA ASP A 32 35.96 -24.33 8.32
C ASP A 32 34.92 -23.42 8.98
N LEU A 33 35.39 -22.50 9.81
CA LEU A 33 34.51 -21.60 10.54
C LEU A 33 33.73 -20.68 9.59
N PHE A 34 34.39 -20.29 8.51
CA PHE A 34 33.76 -19.46 7.49
C PHE A 34 32.66 -20.25 6.79
N ASP A 35 33.01 -21.43 6.30
CA ASP A 35 32.04 -22.30 5.62
C ASP A 35 30.88 -22.64 6.54
N LEU A 36 31.17 -22.73 7.83
CA LEU A 36 30.13 -23.02 8.81
C LEU A 36 29.12 -21.88 8.88
N VAL A 37 29.64 -20.65 8.96
CA VAL A 37 28.79 -19.46 9.00
C VAL A 37 28.03 -19.31 7.70
N CYS A 38 28.73 -19.56 6.59
CA CYS A 38 28.12 -19.44 5.26
C CYS A 38 27.00 -20.45 5.03
N ARG A 39 27.23 -21.70 5.41
CA ARG A 39 26.20 -22.73 5.31
C ARG A 39 24.99 -22.40 6.19
N THR A 40 25.26 -21.92 7.40
CA THR A 40 24.22 -21.53 8.34
C THR A 40 23.32 -20.43 7.79
N LEU A 41 23.92 -19.50 7.05
CA LEU A 41 23.20 -18.36 6.47
C LEU A 41 22.52 -18.70 5.15
N GLY A 42 22.93 -19.81 4.54
CA GLY A 42 22.41 -20.19 3.24
C GLY A 42 23.08 -19.37 2.16
N LEU A 43 24.34 -19.02 2.42
CA LEU A 43 25.06 -18.04 1.60
C LEU A 43 26.00 -18.73 0.63
N ARG A 44 25.64 -18.71 -0.65
CA ARG A 44 26.46 -19.34 -1.69
C ARG A 44 27.42 -18.41 -2.43
N GLU A 45 27.27 -17.10 -2.27
CA GLU A 45 28.26 -16.22 -2.88
C GLU A 45 29.17 -15.77 -1.75
N THR A 46 30.28 -16.50 -1.63
CA THR A 46 31.09 -16.41 -0.43
C THR A 46 32.29 -15.50 -0.63
N TRP A 47 32.60 -15.20 -1.88
CA TRP A 47 33.83 -14.50 -2.20
C TRP A 47 33.85 -13.04 -1.72
N PHE A 48 32.68 -12.43 -1.56
CA PHE A 48 32.59 -11.05 -1.07
C PHE A 48 32.91 -10.94 0.41
N PHE A 49 32.74 -12.05 1.13
CA PHE A 49 32.76 -11.97 2.60
C PHE A 49 34.02 -12.48 3.30
N GLY A 50 34.05 -12.29 4.62
CA GLY A 50 35.19 -12.63 5.45
C GLY A 50 34.76 -12.53 6.90
N LEU A 51 35.68 -12.83 7.80
CA LEU A 51 35.38 -12.79 9.23
C LEU A 51 36.34 -11.83 9.91
N GLN A 52 35.80 -10.81 10.54
CA GLN A 52 36.62 -9.69 11.00
C GLN A 52 36.82 -9.62 12.51
N TYR A 53 38.06 -9.37 12.90
CA TYR A 53 38.40 -8.94 14.25
C TYR A 53 39.34 -7.76 14.05
N THR A 54 39.59 -6.99 15.08
CA THR A 54 40.48 -5.88 14.93
C THR A 54 41.63 -5.94 15.92
N ILE A 55 42.86 -5.75 15.44
CA ILE A 55 44.03 -5.67 16.32
C ILE A 55 44.50 -4.26 16.46
N LYS A 56 44.51 -3.73 17.66
CA LYS A 56 45.15 -2.45 17.87
C LYS A 56 44.61 -1.40 16.92
N ASP A 57 43.29 -1.34 16.81
CA ASP A 57 42.65 -0.26 16.05
C ASP A 57 42.70 -0.53 14.58
N THR A 58 43.15 -1.71 14.19
CA THR A 58 43.21 -2.03 12.79
C THR A 58 42.43 -3.27 12.48
N VAL A 59 41.63 -3.19 11.45
CA VAL A 59 40.82 -4.28 11.01
C VAL A 59 41.72 -5.39 10.55
N ALA A 60 41.38 -6.61 10.88
CA ALA A 60 42.03 -7.79 10.34
C ALA A 60 41.02 -8.87 9.97
N TRP A 61 41.40 -9.71 9.01
CA TRP A 61 40.50 -10.74 8.53
C TRP A 61 41.04 -12.15 8.81
N LEU A 62 40.13 -13.11 8.93
CA LEU A 62 40.50 -14.49 9.24
C LEU A 62 41.09 -15.19 8.02
N LYS A 63 42.29 -15.75 8.17
CA LYS A 63 42.90 -16.47 7.07
C LYS A 63 42.29 -17.86 6.94
N MET A 64 42.01 -18.25 5.70
CA MET A 64 41.30 -19.50 5.43
C MET A 64 42.14 -20.74 5.69
N ASP A 65 43.42 -20.67 5.32
CA ASP A 65 44.32 -21.82 5.41
C ASP A 65 45.12 -21.88 6.71
N LYS A 66 44.85 -20.95 7.63
CA LYS A 66 45.60 -20.90 8.88
C LYS A 66 44.71 -21.21 10.09
N LYS A 67 45.32 -21.72 11.15
CA LYS A 67 44.62 -22.09 12.39
C LYS A 67 43.85 -20.91 12.97
N VAL A 68 42.64 -21.18 13.44
CA VAL A 68 41.77 -20.13 13.97
C VAL A 68 42.36 -19.46 15.22
N LEU A 69 42.91 -20.26 16.13
CA LEU A 69 43.42 -19.73 17.39
C LEU A 69 44.84 -19.18 17.25
N ASP A 70 45.44 -19.38 16.08
CA ASP A 70 46.77 -18.85 15.78
C ASP A 70 46.71 -17.32 15.58
N HIS A 71 45.52 -16.85 15.22
CA HIS A 71 45.29 -15.42 14.98
C HIS A 71 45.40 -14.60 16.26
N ASP A 72 45.55 -13.29 16.08
CA ASP A 72 45.78 -12.37 17.20
C ASP A 72 44.50 -12.08 17.96
N VAL A 73 43.40 -12.69 17.52
CA VAL A 73 42.10 -12.52 18.15
C VAL A 73 42.18 -12.82 19.64
N SER A 74 41.44 -12.04 20.43
CA SER A 74 41.41 -12.24 21.88
C SER A 74 40.91 -13.64 22.21
N LYS A 75 41.70 -14.39 22.98
CA LYS A 75 41.31 -15.72 23.37
C LYS A 75 40.22 -15.67 24.44
N GLU A 76 40.05 -14.52 25.07
CA GLU A 76 39.11 -14.44 26.15
C GLU A 76 37.74 -14.71 25.60
N GLU A 77 36.99 -15.61 26.23
CA GLU A 77 35.61 -15.93 25.81
C GLU A 77 34.53 -14.88 26.14
N PRO A 78 33.54 -14.80 25.27
CA PRO A 78 33.52 -15.57 24.03
C PRO A 78 34.46 -14.99 23.00
N VAL A 79 34.89 -15.78 22.04
CA VAL A 79 35.84 -15.29 21.06
C VAL A 79 35.07 -14.89 19.83
N THR A 80 35.22 -13.64 19.44
CA THR A 80 34.25 -12.89 18.65
C THR A 80 34.76 -12.43 17.28
N PHE A 81 34.03 -12.79 16.23
CA PHE A 81 34.31 -12.34 14.87
C PHE A 81 33.06 -11.75 14.21
N HIS A 82 33.25 -10.69 13.43
CA HIS A 82 32.14 -10.07 12.72
C HIS A 82 32.12 -10.52 11.27
N PHE A 83 31.00 -11.09 10.85
CA PHE A 83 30.80 -11.48 9.48
C PHE A 83 30.43 -10.23 8.66
N LEU A 84 31.26 -9.89 7.68
CA LEU A 84 31.14 -8.63 6.94
C LEU A 84 31.62 -8.79 5.50
N ALA A 85 31.12 -7.96 4.60
CA ALA A 85 31.60 -7.96 3.23
C ALA A 85 33.00 -7.34 3.16
N LYS A 86 33.95 -8.09 2.63
CA LYS A 86 35.32 -7.60 2.45
C LYS A 86 35.44 -6.81 1.15
N PHE A 87 34.76 -7.30 0.12
CA PHE A 87 34.82 -6.73 -1.21
C PHE A 87 33.42 -6.41 -1.70
N TYR A 88 33.33 -5.47 -2.64
CA TYR A 88 32.06 -4.99 -3.12
C TYR A 88 31.92 -5.22 -4.62
N PRO A 89 30.71 -5.57 -5.07
CA PRO A 89 30.49 -5.76 -6.50
C PRO A 89 30.63 -4.44 -7.26
N GLU A 90 30.86 -4.51 -8.56
CA GLU A 90 30.84 -3.31 -9.38
C GLU A 90 29.41 -2.92 -9.72
N ASN A 91 28.59 -3.91 -10.07
CA ASN A 91 27.16 -3.68 -10.19
C ASN A 91 26.40 -4.60 -9.24
N ALA A 92 25.80 -4.04 -8.20
CA ALA A 92 25.15 -4.87 -7.18
C ALA A 92 24.00 -5.68 -7.76
N GLU A 93 23.15 -5.02 -8.55
CA GLU A 93 21.97 -5.66 -9.10
C GLU A 93 22.34 -6.83 -9.99
N GLU A 94 23.43 -6.67 -10.72
CA GLU A 94 23.88 -7.69 -11.66
C GLU A 94 24.55 -8.85 -10.93
N GLU A 95 25.44 -8.55 -9.97
CA GLU A 95 26.26 -9.57 -9.34
C GLU A 95 25.72 -10.25 -8.08
N LEU A 96 24.68 -9.70 -7.45
CA LEU A 96 24.19 -10.32 -6.22
C LEU A 96 22.94 -11.11 -6.57
N VAL A 97 23.08 -12.42 -6.64
CA VAL A 97 21.99 -13.27 -7.09
C VAL A 97 21.01 -13.63 -5.97
N GLN A 98 21.53 -13.97 -4.80
CA GLN A 98 20.69 -14.41 -3.69
C GLN A 98 20.18 -13.24 -2.89
N GLU A 99 18.93 -13.36 -2.43
CA GLU A 99 18.34 -12.34 -1.57
C GLU A 99 19.13 -12.19 -0.27
N ILE A 100 19.79 -13.26 0.16
CA ILE A 100 20.56 -13.23 1.40
C ILE A 100 21.78 -12.32 1.29
N THR A 101 22.48 -12.42 0.16
CA THR A 101 23.69 -11.63 -0.07
C THR A 101 23.32 -10.16 -0.23
N GLN A 102 22.30 -9.89 -1.04
CA GLN A 102 21.74 -8.55 -1.20
C GLN A 102 21.42 -7.92 0.14
N HIS A 103 20.74 -8.68 0.99
CA HIS A 103 20.29 -8.19 2.28
C HIS A 103 21.48 -7.88 3.19
N LEU A 104 22.54 -8.68 3.09
CA LEU A 104 23.73 -8.48 3.91
C LEU A 104 24.43 -7.18 3.52
N PHE A 105 24.59 -6.98 2.21
CA PHE A 105 25.12 -5.74 1.67
C PHE A 105 24.27 -4.53 2.07
N PHE A 106 22.95 -4.64 1.86
CA PHE A 106 22.04 -3.55 2.20
C PHE A 106 22.25 -3.07 3.63
N LEU A 107 22.31 -4.02 4.56
CA LEU A 107 22.39 -3.66 5.97
C LEU A 107 23.73 -3.01 6.32
N GLN A 108 24.81 -3.55 5.78
CA GLN A 108 26.15 -3.06 6.10
C GLN A 108 26.35 -1.69 5.48
N VAL A 109 25.93 -1.55 4.23
CA VAL A 109 26.09 -0.28 3.54
C VAL A 109 25.27 0.82 4.21
N LYS A 110 24.02 0.50 4.55
CA LYS A 110 23.15 1.47 5.19
C LYS A 110 23.77 1.94 6.50
N LYS A 111 24.43 1.03 7.20
CA LYS A 111 25.08 1.39 8.46
C LYS A 111 26.27 2.32 8.22
N GLN A 112 27.06 2.04 7.18
CA GLN A 112 28.18 2.90 6.80
C GLN A 112 27.71 4.31 6.49
N ILE A 113 26.59 4.43 5.79
CA ILE A 113 26.02 5.71 5.43
C ILE A 113 25.50 6.48 6.64
N LEU A 114 24.82 5.77 7.54
CA LEU A 114 24.28 6.42 8.74
C LEU A 114 25.38 6.86 9.68
N ASP A 115 26.47 6.09 9.73
CA ASP A 115 27.60 6.44 10.59
C ASP A 115 28.59 7.38 9.89
N GLU A 116 28.24 7.79 8.67
CA GLU A 116 29.05 8.75 7.91
C GLU A 116 30.41 8.20 7.53
N LYS A 117 30.51 6.87 7.45
CA LYS A 117 31.68 6.21 6.88
C LYS A 117 31.70 6.49 5.38
N VAL A 118 30.50 6.57 4.80
CA VAL A 118 30.35 6.91 3.40
C VAL A 118 29.53 8.20 3.31
N TYR A 119 30.15 9.25 2.79
CA TYR A 119 29.45 10.51 2.61
C TYR A 119 28.25 10.30 1.72
N CYS A 120 27.11 10.81 2.15
CA CYS A 120 25.94 10.88 1.28
C CYS A 120 25.40 12.31 1.37
N PRO A 121 25.06 12.92 0.22
CA PRO A 121 24.50 14.28 0.24
C PRO A 121 23.04 14.26 0.74
N PRO A 122 22.51 15.41 1.20
CA PRO A 122 21.20 15.43 1.87
C PRO A 122 20.04 14.86 1.04
N GLU A 123 19.87 15.29 -0.20
CA GLU A 123 18.72 14.87 -0.99
C GLU A 123 18.76 13.35 -1.25
N ALA A 124 19.93 12.86 -1.64
CA ALA A 124 20.12 11.42 -1.77
C ALA A 124 19.86 10.68 -0.47
N SER A 125 20.27 11.26 0.66
CA SER A 125 20.08 10.58 1.94
C SER A 125 18.58 10.43 2.28
N VAL A 126 17.77 11.38 1.82
CA VAL A 126 16.34 11.32 2.07
C VAL A 126 15.70 10.23 1.21
N LEU A 127 16.09 10.17 -0.06
CA LEU A 127 15.64 9.11 -0.95
C LEU A 127 16.08 7.72 -0.45
N LEU A 128 17.29 7.62 0.08
CA LEU A 128 17.77 6.35 0.61
C LEU A 128 16.92 5.94 1.83
N ALA A 129 16.76 6.86 2.78
CA ALA A 129 15.90 6.65 3.94
C ALA A 129 14.50 6.17 3.52
N SER A 130 13.96 6.75 2.45
CA SER A 130 12.61 6.35 2.01
C SER A 130 12.55 4.91 1.52
N TYR A 131 13.60 4.43 0.86
CA TYR A 131 13.63 3.03 0.43
C TYR A 131 13.81 2.08 1.60
N ALA A 132 14.51 2.54 2.63
CA ALA A 132 14.72 1.72 3.82
C ALA A 132 13.39 1.58 4.55
N VAL A 133 12.58 2.62 4.52
CA VAL A 133 11.26 2.61 5.15
C VAL A 133 10.32 1.69 4.38
N GLN A 134 10.38 1.77 3.05
CA GLN A 134 9.62 0.87 2.20
C GLN A 134 9.99 -0.58 2.45
N ALA A 135 11.28 -0.83 2.68
CA ALA A 135 11.76 -2.18 2.88
C ALA A 135 11.27 -2.77 4.20
N LYS A 136 11.29 -1.96 5.25
CA LYS A 136 10.86 -2.39 6.58
C LYS A 136 9.35 -2.44 6.80
N TYR A 137 8.65 -1.37 6.42
CA TYR A 137 7.23 -1.22 6.70
C TYR A 137 6.29 -1.63 5.57
N GLY A 138 6.84 -1.99 4.42
CA GLY A 138 6.02 -2.21 3.24
C GLY A 138 5.32 -0.95 2.76
N ASP A 139 4.29 -1.10 1.93
CA ASP A 139 3.59 0.03 1.30
C ASP A 139 3.11 1.07 2.28
N TYR A 140 3.33 2.33 1.93
CA TYR A 140 2.84 3.44 2.73
C TYR A 140 1.32 3.39 2.85
N ASP A 141 0.84 3.41 4.09
CA ASP A 141 -0.60 3.40 4.41
C ASP A 141 -0.95 4.47 5.45
N PRO A 142 -1.46 5.63 4.99
CA PRO A 142 -1.86 6.71 5.90
C PRO A 142 -2.77 6.29 7.06
N SER A 143 -3.61 5.27 6.88
CA SER A 143 -4.34 4.70 7.99
C SER A 143 -3.46 3.94 9.00
N VAL A 144 -2.52 3.15 8.53
CA VAL A 144 -1.48 2.60 9.36
C VAL A 144 -0.41 3.56 9.83
N HIS A 145 0.15 4.36 8.94
CA HIS A 145 1.29 5.18 9.34
C HIS A 145 0.88 6.60 9.44
N LYS A 146 0.86 7.10 10.64
CA LYS A 146 0.38 8.46 10.87
C LYS A 146 1.55 9.31 11.32
N ARG A 147 1.31 10.59 11.56
CA ARG A 147 2.37 11.51 11.93
C ARG A 147 3.06 11.08 13.21
N GLY A 148 4.38 10.92 13.13
CA GLY A 148 5.18 10.49 14.26
C GLY A 148 5.63 9.04 14.16
N PHE A 149 5.17 8.33 13.13
CA PHE A 149 5.47 6.90 13.01
C PHE A 149 6.96 6.55 12.79
N LEU A 150 7.75 7.49 12.27
CA LEU A 150 9.19 7.26 12.09
C LEU A 150 10.03 7.87 13.19
N ALA A 151 9.38 8.52 14.15
CA ALA A 151 10.05 9.36 15.15
C ALA A 151 11.16 8.69 15.98
N GLN A 152 11.07 7.38 16.17
CA GLN A 152 12.11 6.68 16.90
C GLN A 152 13.14 5.95 16.02
N GLU A 153 12.98 6.06 14.71
CA GLU A 153 13.92 5.49 13.76
C GLU A 153 15.11 6.42 13.53
N GLU A 154 16.30 5.88 13.27
CA GLU A 154 17.38 6.75 12.77
C GLU A 154 17.50 6.54 11.26
N LEU A 155 17.00 7.51 10.52
CA LEU A 155 16.93 7.41 9.07
C LEU A 155 18.01 8.18 8.30
N LEU A 156 18.68 9.11 8.98
CA LEU A 156 19.53 10.07 8.30
C LEU A 156 20.85 10.25 9.03
N PRO A 157 21.91 10.57 8.28
CA PRO A 157 23.18 10.95 8.90
C PRO A 157 23.00 12.21 9.72
N LYS A 158 23.65 12.28 10.87
CA LYS A 158 23.57 13.45 11.73
C LYS A 158 24.00 14.71 10.99
N ARG A 159 24.97 14.55 10.10
CA ARG A 159 25.49 15.65 9.30
C ARG A 159 24.39 16.28 8.44
N VAL A 160 23.48 15.46 7.91
CA VAL A 160 22.38 15.94 7.09
C VAL A 160 21.38 16.68 7.97
N ILE A 161 21.02 16.07 9.09
CA ILE A 161 20.13 16.67 10.07
C ILE A 161 20.66 18.01 10.60
N ASN A 162 21.96 18.06 10.89
CA ASN A 162 22.57 19.29 11.41
C ASN A 162 22.69 20.41 10.38
N LEU A 163 22.63 20.05 9.09
CA LEU A 163 22.73 21.01 8.01
C LEU A 163 21.44 21.85 7.89
N TYR A 164 20.39 21.41 8.56
CA TYR A 164 19.11 22.10 8.49
C TYR A 164 18.47 22.32 9.87
N GLN A 165 17.52 23.23 9.94
CA GLN A 165 16.86 23.56 11.21
C GLN A 165 15.68 22.65 11.44
N MET A 166 15.51 21.67 10.55
CA MET A 166 14.30 20.86 10.53
C MET A 166 14.09 19.99 11.77
N THR A 167 12.84 19.91 12.20
CA THR A 167 12.43 19.08 13.32
C THR A 167 12.25 17.65 12.82
N PRO A 168 12.20 16.67 13.75
CA PRO A 168 11.98 15.28 13.35
C PRO A 168 10.76 15.11 12.45
N GLU A 169 9.70 15.88 12.69
CA GLU A 169 8.49 15.75 11.89
C GLU A 169 8.64 16.41 10.52
N MET A 170 9.53 17.38 10.43
CA MET A 170 9.83 17.96 9.12
C MET A 170 10.57 16.91 8.28
N TRP A 171 11.53 16.25 8.91
CA TRP A 171 12.29 15.21 8.25
C TRP A 171 11.41 14.01 7.90
N GLU A 172 10.48 13.69 8.78
CA GLU A 172 9.56 12.59 8.52
C GLU A 172 8.71 12.89 7.30
N GLU A 173 8.31 14.15 7.18
CA GLU A 173 7.51 14.60 6.04
C GLU A 173 8.27 14.50 4.70
N ARG A 174 9.54 14.88 4.70
CA ARG A 174 10.37 14.75 3.50
C ARG A 174 10.54 13.29 3.08
N ILE A 175 10.76 12.43 4.06
CA ILE A 175 10.97 11.00 3.79
C ILE A 175 9.68 10.32 3.36
N THR A 176 8.59 10.65 4.04
CA THR A 176 7.28 10.08 3.74
C THR A 176 6.80 10.49 2.35
N ALA A 177 7.02 11.75 1.98
CA ALA A 177 6.72 12.22 0.63
C ALA A 177 7.31 11.28 -0.43
N TRP A 178 8.57 10.89 -0.25
CA TRP A 178 9.23 9.96 -1.18
C TRP A 178 8.69 8.53 -0.99
N TYR A 179 8.53 8.15 0.27
CA TYR A 179 8.05 6.82 0.64
C TYR A 179 6.72 6.50 -0.05
N ALA A 180 5.80 7.45 -0.04
CA ALA A 180 4.50 7.27 -0.66
C ALA A 180 4.59 6.81 -2.11
N GLU A 181 5.64 7.24 -2.82
CA GLU A 181 5.76 6.93 -4.25
C GLU A 181 6.40 5.57 -4.54
N HIS A 182 6.84 4.86 -3.50
CA HIS A 182 7.47 3.55 -3.70
C HIS A 182 6.47 2.38 -3.63
N ARG A 183 5.20 2.69 -3.43
CA ARG A 183 4.19 1.65 -3.21
C ARG A 183 4.23 0.60 -4.31
N GLY A 184 4.25 -0.68 -3.91
CA GLY A 184 4.32 -1.78 -4.86
C GLY A 184 5.67 -2.49 -4.93
N ARG A 185 6.70 -1.94 -4.30
CA ARG A 185 8.01 -2.60 -4.33
C ARG A 185 8.19 -3.51 -3.13
N ALA A 186 8.58 -4.75 -3.40
CA ALA A 186 8.83 -5.74 -2.37
C ALA A 186 10.06 -5.35 -1.59
N ARG A 187 10.20 -5.90 -0.39
CA ARG A 187 11.33 -5.65 0.49
C ARG A 187 12.70 -5.80 -0.20
N ASP A 188 12.84 -6.82 -1.04
CA ASP A 188 14.12 -7.05 -1.70
C ASP A 188 14.38 -6.04 -2.83
N GLU A 189 13.30 -5.63 -3.49
CA GLU A 189 13.42 -4.66 -4.57
C GLU A 189 13.77 -3.29 -4.01
N ALA A 190 13.18 -2.96 -2.86
CA ALA A 190 13.47 -1.71 -2.17
C ALA A 190 14.93 -1.66 -1.71
N GLU A 191 15.40 -2.75 -1.13
CA GLU A 191 16.77 -2.82 -0.63
C GLU A 191 17.76 -2.75 -1.78
N MET A 192 17.33 -3.22 -2.95
CA MET A 192 18.17 -3.17 -4.14
C MET A 192 18.19 -1.76 -4.73
N GLU A 193 17.05 -1.05 -4.66
CA GLU A 193 17.01 0.32 -5.11
C GLU A 193 17.90 1.18 -4.22
N TYR A 194 17.93 0.86 -2.94
CA TYR A 194 18.84 1.48 -2.01
C TYR A 194 20.29 1.29 -2.45
N LEU A 195 20.64 0.06 -2.82
CA LEU A 195 22.01 -0.29 -3.19
C LEU A 195 22.44 0.34 -4.51
N LYS A 196 21.50 0.47 -5.43
CA LYS A 196 21.81 1.09 -6.71
C LYS A 196 22.22 2.56 -6.52
N ILE A 197 21.56 3.24 -5.58
CA ILE A 197 21.89 4.62 -5.29
C ILE A 197 23.21 4.71 -4.52
N ALA A 198 23.35 3.89 -3.48
CA ALA A 198 24.52 3.92 -2.61
C ALA A 198 25.81 3.56 -3.35
N GLN A 199 25.74 2.65 -4.30
CA GLN A 199 26.96 2.20 -4.97
C GLN A 199 27.53 3.27 -5.89
N ASP A 200 26.73 4.28 -6.21
CA ASP A 200 27.23 5.40 -7.00
C ASP A 200 27.83 6.49 -6.13
N LEU A 201 27.67 6.39 -4.82
CA LEU A 201 28.33 7.32 -3.92
C LEU A 201 29.84 7.18 -4.10
N GLU A 202 30.55 8.29 -4.02
CA GLU A 202 31.96 8.31 -4.36
C GLU A 202 32.84 7.55 -3.35
N MET A 203 32.49 7.61 -2.07
CA MET A 203 33.24 6.89 -1.04
C MET A 203 32.79 5.42 -0.84
N TYR A 204 31.78 5.00 -1.58
CA TYR A 204 31.24 3.65 -1.41
C TYR A 204 32.27 2.58 -1.81
N GLY A 205 32.50 1.63 -0.91
CA GLY A 205 33.31 0.45 -1.23
C GLY A 205 34.80 0.74 -1.36
N VAL A 206 35.23 1.88 -0.82
CA VAL A 206 36.61 2.30 -0.89
C VAL A 206 37.27 2.10 0.46
N ASN A 207 38.43 1.45 0.46
CA ASN A 207 39.20 1.26 1.67
C ASN A 207 40.23 2.36 1.76
N TYR A 208 40.16 3.15 2.83
CA TYR A 208 41.06 4.29 2.95
C TYR A 208 42.22 3.99 3.88
N PHE A 209 43.42 4.41 3.46
CA PHE A 209 44.62 4.28 4.28
C PHE A 209 45.48 5.53 4.18
N THR A 210 45.93 6.02 5.33
CA THR A 210 46.88 7.12 5.36
C THR A 210 48.23 6.68 4.83
N ILE A 211 48.74 7.40 3.85
CA ILE A 211 50.07 7.16 3.31
C ILE A 211 50.86 8.47 3.27
N ARG A 212 52.07 8.42 2.74
CA ARG A 212 52.89 9.61 2.51
C ARG A 212 53.71 9.40 1.26
N ASN A 213 53.90 10.45 0.46
CA ASN A 213 54.72 10.30 -0.74
C ASN A 213 56.20 10.54 -0.44
N LYS A 214 57.01 10.55 -1.49
CA LYS A 214 58.46 10.71 -1.37
C LYS A 214 58.84 11.96 -0.57
N LYS A 215 58.22 13.09 -0.90
CA LYS A 215 58.45 14.34 -0.18
C LYS A 215 58.03 14.25 1.28
N GLY A 216 57.12 13.32 1.59
CA GLY A 216 56.59 13.19 2.93
C GLY A 216 55.24 13.89 3.08
N THR A 217 54.65 14.26 1.95
CA THR A 217 53.30 14.83 1.96
C THR A 217 52.30 13.75 2.35
N GLU A 218 51.49 14.03 3.36
CA GLU A 218 50.45 13.09 3.78
C GLU A 218 49.34 13.01 2.74
N LEU A 219 49.07 11.80 2.27
CA LEU A 219 48.01 11.56 1.29
C LEU A 219 47.16 10.38 1.75
N LEU A 220 46.15 10.04 0.95
CA LEU A 220 45.28 8.92 1.29
C LEU A 220 45.35 7.91 0.16
N LEU A 221 45.46 6.63 0.53
CA LEU A 221 45.38 5.55 -0.45
C LEU A 221 43.98 5.00 -0.35
N GLY A 222 43.24 5.01 -1.45
CA GLY A 222 42.04 4.21 -1.53
C GLY A 222 42.26 2.94 -2.33
N VAL A 223 41.53 1.89 -1.96
CA VAL A 223 41.59 0.61 -2.66
C VAL A 223 40.16 0.14 -2.83
N ASP A 224 39.73 -0.08 -4.07
CA ASP A 224 38.37 -0.54 -4.31
C ASP A 224 38.28 -1.49 -5.50
N ALA A 225 37.06 -1.82 -5.89
CA ALA A 225 36.82 -2.81 -6.95
C ALA A 225 37.36 -2.41 -8.32
N LEU A 226 37.49 -1.10 -8.57
CA LEU A 226 37.96 -0.61 -9.87
C LEU A 226 39.47 -0.37 -10.00
N GLY A 227 40.18 -0.31 -8.87
CA GLY A 227 41.60 0.03 -8.91
C GLY A 227 42.14 0.69 -7.65
N LEU A 228 43.25 1.43 -7.80
CA LEU A 228 43.90 2.15 -6.71
C LEU A 228 43.81 3.66 -6.91
N HIS A 229 43.77 4.41 -5.82
CA HIS A 229 43.48 5.85 -5.89
C HIS A 229 44.25 6.62 -4.84
N ILE A 230 44.76 7.78 -5.24
CA ILE A 230 45.43 8.65 -4.29
C ILE A 230 44.59 9.92 -4.08
N TYR A 231 44.40 10.30 -2.82
CA TYR A 231 43.56 11.43 -2.46
C TYR A 231 44.33 12.43 -1.62
N ASP A 232 43.96 13.70 -1.75
CA ASP A 232 44.27 14.69 -0.73
C ASP A 232 43.42 14.35 0.50
N PRO A 233 44.03 14.33 1.69
CA PRO A 233 43.41 13.95 2.96
C PRO A 233 42.10 14.64 3.24
N GLU A 234 41.96 15.87 2.74
CA GLU A 234 40.76 16.65 2.99
C GLU A 234 39.60 16.22 2.09
N ASN A 235 39.92 15.67 0.92
CA ASN A 235 38.88 15.24 -0.02
C ASN A 235 38.90 13.74 -0.36
N ARG A 236 37.93 13.02 0.18
CA ARG A 236 37.85 11.58 -0.04
C ARG A 236 36.92 11.25 -1.20
N LEU A 237 36.31 12.30 -1.76
CA LEU A 237 35.39 12.13 -2.87
C LEU A 237 36.06 11.98 -4.24
N THR A 238 37.03 12.85 -4.52
CA THR A 238 37.65 12.83 -5.83
C THR A 238 39.16 12.57 -5.72
N PRO A 239 39.63 11.47 -6.29
CA PRO A 239 41.06 11.18 -6.23
C PRO A 239 41.87 12.14 -7.12
N LYS A 240 43.07 12.50 -6.67
CA LYS A 240 44.02 13.21 -7.52
C LYS A 240 44.56 12.26 -8.61
N ILE A 241 44.79 10.99 -8.25
CA ILE A 241 45.24 9.99 -9.23
C ILE A 241 44.50 8.66 -9.11
N SER A 242 44.15 8.07 -10.25
CA SER A 242 43.56 6.74 -10.27
C SER A 242 44.34 5.77 -11.15
N PHE A 243 44.45 4.52 -10.69
CA PHE A 243 45.11 3.45 -11.43
C PHE A 243 44.15 2.27 -11.60
N PRO A 244 43.41 2.23 -12.71
CA PRO A 244 42.48 1.11 -12.95
C PRO A 244 43.22 -0.23 -12.97
N TRP A 245 42.58 -1.30 -12.50
CA TRP A 245 43.26 -2.60 -12.33
C TRP A 245 43.89 -3.11 -13.62
N ASN A 246 43.18 -2.98 -14.74
CA ASN A 246 43.70 -3.47 -16.01
C ASN A 246 44.67 -2.49 -16.66
N GLU A 247 44.89 -1.37 -15.96
CA GLU A 247 45.92 -0.40 -16.36
C GLU A 247 47.25 -0.49 -15.59
N ILE A 248 47.39 -1.46 -14.70
CA ILE A 248 48.65 -1.55 -13.95
C ILE A 248 49.45 -2.85 -14.19
N ARG A 249 50.73 -2.70 -14.51
CA ARG A 249 51.60 -3.86 -14.73
C ARG A 249 51.90 -4.62 -13.44
N ASN A 250 52.39 -3.92 -12.42
CA ASN A 250 52.64 -4.57 -11.12
C ASN A 250 52.64 -3.62 -9.93
N ILE A 251 52.39 -4.19 -8.75
CA ILE A 251 52.50 -3.50 -7.47
C ILE A 251 53.61 -4.18 -6.69
N SER A 252 54.48 -3.38 -6.10
CA SER A 252 55.64 -3.92 -5.41
C SER A 252 55.72 -3.38 -4.00
N TYR A 253 56.11 -4.26 -3.08
CA TYR A 253 56.24 -3.89 -1.68
C TYR A 253 57.50 -4.47 -1.06
N SER A 254 58.30 -3.59 -0.46
CA SER A 254 59.42 -3.98 0.38
C SER A 254 59.70 -2.90 1.42
N ASP A 255 60.06 -3.33 2.63
CA ASP A 255 60.26 -2.44 3.79
C ASP A 255 58.98 -1.69 4.14
N LYS A 256 59.04 -0.38 4.25
CA LYS A 256 57.82 0.39 4.51
C LYS A 256 57.19 1.01 3.25
N GLU A 257 57.74 0.64 2.09
CA GLU A 257 57.38 1.28 0.83
C GLU A 257 56.59 0.42 -0.17
N PHE A 258 55.66 1.08 -0.87
CA PHE A 258 54.96 0.48 -1.99
C PHE A 258 55.41 1.20 -3.26
N THR A 259 55.30 0.54 -4.40
CA THR A 259 55.49 1.22 -5.67
C THR A 259 54.53 0.70 -6.75
N ILE A 260 53.89 1.63 -7.44
CA ILE A 260 52.88 1.29 -8.41
C ILE A 260 53.41 1.53 -9.82
N LYS A 261 53.59 0.45 -10.58
CA LYS A 261 54.11 0.57 -11.93
C LYS A 261 53.01 0.42 -12.99
N PRO A 262 52.71 1.53 -13.68
CA PRO A 262 51.72 1.58 -14.76
C PRO A 262 52.07 0.67 -15.94
N LEU A 263 51.04 0.12 -16.57
CA LEU A 263 51.20 -0.73 -17.75
C LEU A 263 51.69 0.09 -18.94
N ASP A 264 51.46 1.40 -18.88
CA ASP A 264 52.03 2.33 -19.85
C ASP A 264 53.34 2.89 -19.30
N LYS A 265 54.44 2.63 -20.02
CA LYS A 265 55.76 3.02 -19.55
C LYS A 265 55.96 4.54 -19.56
N LYS A 266 55.07 5.25 -20.25
CA LYS A 266 55.20 6.69 -20.41
C LYS A 266 54.53 7.49 -19.29
N ILE A 267 54.01 6.79 -18.29
CA ILE A 267 53.56 7.46 -17.08
C ILE A 267 54.40 7.03 -15.87
N ASP A 268 54.82 8.03 -15.09
CA ASP A 268 55.66 7.82 -13.92
C ASP A 268 55.07 6.82 -12.95
N VAL A 269 55.93 6.01 -12.34
CA VAL A 269 55.50 5.12 -11.27
C VAL A 269 55.22 5.97 -10.04
N PHE A 270 54.29 5.50 -9.20
CA PHE A 270 53.97 6.19 -7.96
C PHE A 270 54.44 5.38 -6.76
N LYS A 271 55.19 6.04 -5.88
CA LYS A 271 55.72 5.39 -4.71
C LYS A 271 55.19 6.10 -3.47
N PHE A 272 54.91 5.33 -2.43
CA PHE A 272 54.47 5.91 -1.16
C PHE A 272 54.89 5.05 0.03
N ASN A 273 54.92 5.68 1.19
CA ASN A 273 55.28 5.02 2.44
C ASN A 273 54.07 4.77 3.32
N SER A 274 53.98 3.55 3.84
CA SER A 274 52.95 3.20 4.82
C SER A 274 53.66 2.51 5.99
N SER A 275 53.57 3.10 7.17
CA SER A 275 54.36 2.66 8.31
C SER A 275 53.87 1.35 8.94
N LYS A 276 52.64 1.35 9.45
CA LYS A 276 52.08 0.17 10.12
C LYS A 276 52.12 -1.08 9.24
N LEU A 277 52.62 -2.16 9.81
CA LEU A 277 52.88 -3.39 9.06
C LEU A 277 51.59 -4.17 8.80
N ARG A 278 50.71 -4.22 9.79
CA ARG A 278 49.44 -4.92 9.67
C ARG A 278 48.59 -4.33 8.54
N VAL A 279 48.63 -3.01 8.45
CA VAL A 279 47.94 -2.30 7.38
C VAL A 279 48.44 -2.74 6.00
N ASN A 280 49.75 -2.87 5.86
CA ASN A 280 50.35 -3.21 4.58
C ASN A 280 49.91 -4.57 4.04
N LYS A 281 49.69 -5.52 4.95
CA LYS A 281 49.17 -6.79 4.53
C LYS A 281 47.74 -6.62 4.02
N LEU A 282 46.93 -5.89 4.79
CA LEU A 282 45.56 -5.58 4.39
C LEU A 282 45.51 -5.02 2.98
N ILE A 283 46.39 -4.06 2.70
CA ILE A 283 46.47 -3.45 1.37
C ILE A 283 46.74 -4.46 0.26
N LEU A 284 47.73 -5.32 0.49
CA LEU A 284 48.07 -6.36 -0.48
C LEU A 284 46.91 -7.32 -0.64
N GLN A 285 46.34 -7.75 0.48
CA GLN A 285 45.17 -8.62 0.48
C GLN A 285 44.08 -7.99 -0.37
N LEU A 286 43.74 -6.75 -0.04
CA LEU A 286 42.66 -6.05 -0.71
C LEU A 286 42.95 -5.92 -2.21
N CYS A 287 44.20 -5.58 -2.53
CA CYS A 287 44.65 -5.49 -3.91
C CYS A 287 44.43 -6.77 -4.70
N ILE A 288 44.94 -7.88 -4.16
CA ILE A 288 44.83 -9.18 -4.81
C ILE A 288 43.37 -9.57 -4.98
N GLY A 289 42.62 -9.44 -3.89
CA GLY A 289 41.20 -9.76 -3.89
C GLY A 289 40.45 -8.97 -4.96
N ASN A 290 40.59 -7.65 -4.89
CA ASN A 290 39.88 -6.78 -5.81
C ASN A 290 40.27 -6.99 -7.28
N HIS A 291 41.56 -7.17 -7.52
CA HIS A 291 42.02 -7.44 -8.88
C HIS A 291 41.43 -8.74 -9.44
N ASP A 292 41.44 -9.78 -8.61
CA ASP A 292 40.89 -11.08 -8.99
C ASP A 292 39.43 -10.93 -9.45
N LEU A 293 38.63 -10.29 -8.60
CA LEU A 293 37.21 -10.08 -8.89
C LEU A 293 37.01 -9.17 -10.10
N PHE A 294 37.93 -8.23 -10.30
CA PHE A 294 37.86 -7.33 -11.44
C PHE A 294 37.99 -8.11 -12.75
N MET A 295 38.94 -9.03 -12.77
CA MET A 295 39.23 -9.81 -13.96
C MET A 295 38.16 -10.84 -14.26
N ARG A 296 37.65 -11.51 -13.24
CA ARG A 296 36.68 -12.57 -13.46
C ARG A 296 35.32 -12.07 -13.95
N ARG A 297 35.03 -10.79 -13.74
CA ARG A 297 33.81 -10.21 -14.27
C ARG A 297 33.95 -10.02 -15.78
N ARG A 298 35.19 -9.88 -16.23
CA ARG A 298 35.48 -9.62 -17.65
C ARG A 298 35.85 -10.86 -18.47
N LYS A 299 35.90 -12.02 -17.82
CA LYS A 299 36.26 -13.25 -18.50
C LYS A 299 35.10 -13.82 -19.32
N THR B 10 44.84 -11.87 -41.04
CA THR B 10 45.23 -13.07 -41.78
C THR B 10 46.20 -13.96 -41.00
N VAL B 11 45.67 -14.80 -40.12
CA VAL B 11 46.50 -15.71 -39.33
C VAL B 11 46.25 -17.19 -39.62
N ARG B 12 47.27 -18.00 -39.36
CA ARG B 12 47.18 -19.45 -39.51
C ARG B 12 47.22 -20.11 -38.12
N ILE B 13 46.24 -20.94 -37.83
CA ILE B 13 46.20 -21.65 -36.56
C ILE B 13 46.32 -23.16 -36.76
N VAL B 14 47.42 -23.73 -36.32
CA VAL B 14 47.67 -25.15 -36.47
C VAL B 14 47.41 -25.90 -35.16
N THR B 15 46.40 -26.77 -35.17
CA THR B 15 46.17 -27.68 -34.05
C THR B 15 46.89 -28.99 -34.36
N MET B 16 46.82 -29.94 -33.44
CA MET B 16 47.48 -31.22 -33.61
C MET B 16 47.06 -31.92 -34.91
N ASP B 17 45.75 -32.05 -35.12
CA ASP B 17 45.23 -32.71 -36.33
C ASP B 17 44.74 -31.80 -37.47
N ALA B 18 44.75 -30.49 -37.28
CA ALA B 18 44.06 -29.63 -38.24
C ALA B 18 44.69 -28.27 -38.53
N GLU B 19 44.25 -27.66 -39.63
CA GLU B 19 44.66 -26.32 -40.02
C GLU B 19 43.46 -25.38 -39.88
N MET B 20 43.74 -24.11 -39.60
CA MET B 20 42.67 -23.11 -39.51
C MET B 20 43.12 -21.74 -40.06
N GLU B 21 42.20 -21.05 -40.72
CA GLU B 21 42.43 -19.69 -41.19
C GLU B 21 41.43 -18.75 -40.55
N PHE B 22 41.93 -17.61 -40.07
CA PHE B 22 41.07 -16.58 -39.49
C PHE B 22 41.47 -15.21 -40.04
N ASN B 23 40.48 -14.41 -40.42
CA ASN B 23 40.74 -13.03 -40.80
C ASN B 23 40.90 -12.24 -39.52
N CYS B 24 42.07 -11.65 -39.34
CA CYS B 24 42.39 -11.01 -38.08
C CYS B 24 42.42 -9.49 -38.19
N GLU B 25 41.62 -8.85 -37.35
CA GLU B 25 41.56 -7.39 -37.30
C GLU B 25 42.82 -6.86 -36.63
N MET B 26 43.46 -5.89 -37.29
CA MET B 26 44.79 -5.41 -36.90
C MET B 26 44.95 -5.01 -35.43
N LYS B 27 43.87 -4.54 -34.81
CA LYS B 27 43.92 -4.12 -33.41
C LYS B 27 43.46 -5.20 -32.42
N TRP B 28 43.19 -6.40 -32.91
CA TRP B 28 42.79 -7.50 -32.05
C TRP B 28 43.92 -7.86 -31.09
N LYS B 29 43.56 -8.52 -30.00
CA LYS B 29 44.50 -8.86 -28.94
C LYS B 29 44.64 -10.36 -28.86
N GLY B 30 45.71 -10.82 -28.20
CA GLY B 30 45.91 -12.23 -27.94
C GLY B 30 44.68 -12.91 -27.37
N LYS B 31 44.02 -12.26 -26.41
CA LYS B 31 42.79 -12.78 -25.84
C LYS B 31 41.70 -12.97 -26.90
N ASP B 32 41.57 -12.02 -27.80
CA ASP B 32 40.53 -12.08 -28.84
C ASP B 32 40.71 -13.29 -29.76
N LEU B 33 41.91 -13.45 -30.31
CA LEU B 33 42.21 -14.56 -31.20
C LEU B 33 42.06 -15.89 -30.46
N PHE B 34 42.58 -15.91 -29.24
CA PHE B 34 42.51 -17.10 -28.37
C PHE B 34 41.08 -17.46 -28.02
N ASP B 35 40.27 -16.45 -27.68
CA ASP B 35 38.86 -16.67 -27.36
C ASP B 35 38.14 -17.23 -28.58
N LEU B 36 38.54 -16.75 -29.76
CA LEU B 36 37.92 -17.17 -31.01
C LEU B 36 38.28 -18.61 -31.36
N VAL B 37 39.58 -18.90 -31.34
CA VAL B 37 40.09 -20.23 -31.63
C VAL B 37 39.43 -21.29 -30.74
N CYS B 38 39.31 -20.98 -29.45
CA CYS B 38 38.65 -21.88 -28.51
C CYS B 38 37.16 -22.00 -28.79
N ARG B 39 36.55 -20.88 -29.18
CA ARG B 39 35.11 -20.86 -29.46
C ARG B 39 34.78 -21.67 -30.71
N THR B 40 35.57 -21.50 -31.76
CA THR B 40 35.39 -22.26 -32.99
C THR B 40 35.51 -23.75 -32.72
N LEU B 41 36.45 -24.11 -31.83
CA LEU B 41 36.70 -25.51 -31.49
C LEU B 41 35.69 -26.06 -30.50
N GLY B 42 34.95 -25.16 -29.85
CA GLY B 42 33.99 -25.57 -28.86
C GLY B 42 34.69 -26.03 -27.59
N LEU B 43 35.88 -25.48 -27.37
CA LEU B 43 36.70 -25.84 -26.22
C LEU B 43 36.45 -24.87 -25.07
N ARG B 44 35.80 -25.35 -24.00
CA ARG B 44 35.56 -24.53 -22.82
C ARG B 44 36.61 -24.66 -21.70
N GLU B 45 37.49 -25.65 -21.79
CA GLU B 45 38.53 -25.72 -20.77
C GLU B 45 39.76 -25.13 -21.43
N THR B 46 39.94 -23.84 -21.17
CA THR B 46 40.80 -23.04 -21.99
C THR B 46 42.13 -22.79 -21.30
N TRP B 47 42.19 -23.14 -20.03
CA TRP B 47 43.31 -22.72 -19.20
C TRP B 47 44.57 -23.56 -19.44
N PHE B 48 44.39 -24.73 -20.07
CA PHE B 48 45.53 -25.60 -20.36
C PHE B 48 46.25 -25.13 -21.60
N PHE B 49 45.53 -24.40 -22.45
CA PHE B 49 46.02 -24.12 -23.78
C PHE B 49 46.56 -22.72 -24.00
N GLY B 50 47.11 -22.50 -25.18
CA GLY B 50 47.79 -21.26 -25.52
C GLY B 50 48.15 -21.26 -26.99
N LEU B 51 48.63 -20.13 -27.47
CA LEU B 51 49.02 -20.00 -28.86
C LEU B 51 50.54 -19.90 -28.94
N GLN B 52 51.16 -20.83 -29.66
CA GLN B 52 52.61 -20.90 -29.66
C GLN B 52 53.27 -20.44 -30.97
N TYR B 53 54.37 -19.73 -30.81
CA TYR B 53 55.29 -19.40 -31.89
C TYR B 53 56.68 -19.55 -31.30
N THR B 54 57.71 -19.44 -32.10
CA THR B 54 59.08 -19.65 -31.63
C THR B 54 60.05 -18.51 -31.88
N ILE B 55 60.83 -18.16 -30.88
CA ILE B 55 61.86 -17.15 -31.08
C ILE B 55 63.25 -17.72 -30.96
N LYS B 56 64.01 -17.69 -32.04
CA LYS B 56 65.41 -18.02 -31.94
C LYS B 56 65.59 -19.38 -31.31
N ASP B 57 64.68 -20.28 -31.63
CA ASP B 57 64.76 -21.64 -31.11
C ASP B 57 64.31 -21.75 -29.68
N THR B 58 63.69 -20.71 -29.15
CA THR B 58 63.04 -20.80 -27.87
C THR B 58 61.60 -20.69 -28.18
N VAL B 59 60.77 -21.46 -27.51
CA VAL B 59 59.36 -21.33 -27.71
C VAL B 59 58.86 -20.10 -27.00
N ALA B 60 57.75 -19.58 -27.45
CA ALA B 60 57.11 -18.44 -26.80
C ALA B 60 55.58 -18.48 -26.92
N TRP B 61 54.90 -17.90 -25.93
CA TRP B 61 53.45 -17.93 -25.89
C TRP B 61 52.84 -16.55 -26.13
N LEU B 62 51.78 -16.52 -26.93
CA LEU B 62 51.03 -15.29 -27.18
C LEU B 62 50.51 -14.76 -25.85
N LYS B 63 50.57 -13.43 -25.69
CA LYS B 63 50.12 -12.79 -24.47
C LYS B 63 48.66 -12.39 -24.64
N MET B 64 47.91 -12.58 -23.57
CA MET B 64 46.52 -12.29 -23.57
C MET B 64 46.31 -10.79 -23.61
N ASP B 65 47.07 -10.09 -22.78
CA ASP B 65 46.92 -8.66 -22.59
C ASP B 65 47.72 -7.82 -23.55
N LYS B 66 48.25 -8.44 -24.59
CA LYS B 66 49.01 -7.69 -25.56
C LYS B 66 48.36 -7.77 -26.91
N LYS B 67 48.55 -6.74 -27.70
CA LYS B 67 48.13 -6.82 -29.11
C LYS B 67 48.96 -7.89 -29.81
N VAL B 68 48.30 -8.65 -30.68
CA VAL B 68 48.94 -9.76 -31.38
C VAL B 68 50.20 -9.33 -32.14
N LEU B 69 50.09 -8.25 -32.91
CA LEU B 69 51.18 -7.80 -33.77
C LEU B 69 52.37 -7.21 -33.02
N ASP B 70 52.22 -7.07 -31.71
CA ASP B 70 53.31 -6.54 -30.87
C ASP B 70 54.30 -7.63 -30.45
N HIS B 71 53.96 -8.89 -30.73
CA HIS B 71 54.85 -10.00 -30.43
C HIS B 71 55.99 -10.12 -31.43
N ASP B 72 57.06 -10.79 -31.03
CA ASP B 72 58.25 -10.96 -31.86
C ASP B 72 57.98 -11.80 -33.12
N VAL B 73 56.77 -12.38 -33.20
CA VAL B 73 56.38 -13.23 -34.31
C VAL B 73 56.54 -12.53 -35.68
N SER B 74 57.11 -13.26 -36.64
CA SER B 74 57.31 -12.74 -37.98
C SER B 74 56.00 -12.28 -38.61
N LYS B 75 55.96 -11.03 -39.03
CA LYS B 75 54.76 -10.44 -39.56
C LYS B 75 54.49 -10.96 -40.94
N GLU B 76 55.48 -11.64 -41.51
CA GLU B 76 55.33 -12.19 -42.83
C GLU B 76 54.16 -13.15 -42.80
N GLU B 77 53.26 -12.98 -43.74
CA GLU B 77 52.02 -13.72 -43.77
C GLU B 77 52.24 -15.14 -44.26
N PRO B 78 51.30 -16.04 -44.02
CA PRO B 78 50.23 -15.77 -43.06
C PRO B 78 50.85 -15.82 -41.69
N VAL B 79 50.49 -14.90 -40.79
CA VAL B 79 51.10 -14.93 -39.49
C VAL B 79 50.60 -16.19 -38.87
N THR B 80 51.50 -16.98 -38.30
CA THR B 80 51.09 -18.30 -37.87
C THR B 80 51.37 -18.64 -36.45
N PHE B 81 50.56 -19.53 -35.94
CA PHE B 81 50.64 -19.97 -34.56
C PHE B 81 50.28 -21.45 -34.45
N HIS B 82 50.73 -22.09 -33.38
CA HIS B 82 50.35 -23.47 -33.10
C HIS B 82 49.55 -23.52 -31.80
N PHE B 83 48.33 -24.03 -31.90
CA PHE B 83 47.50 -24.25 -30.72
C PHE B 83 47.98 -25.52 -30.01
N LEU B 84 48.36 -25.38 -28.73
CA LEU B 84 48.93 -26.48 -27.97
C LEU B 84 48.57 -26.37 -26.50
N ALA B 85 48.68 -27.48 -25.77
CA ALA B 85 48.52 -27.44 -24.32
C ALA B 85 49.77 -26.87 -23.69
N LYS B 86 49.62 -25.81 -22.91
CA LYS B 86 50.74 -25.20 -22.19
C LYS B 86 50.93 -25.79 -20.78
N PHE B 87 49.86 -26.36 -20.26
CA PHE B 87 49.85 -26.91 -18.90
C PHE B 87 49.15 -28.27 -18.95
N TYR B 88 49.43 -29.12 -17.97
CA TYR B 88 48.86 -30.46 -17.95
C TYR B 88 48.12 -30.71 -16.65
N PRO B 89 47.00 -31.45 -16.72
CA PRO B 89 46.31 -31.77 -15.47
C PRO B 89 47.16 -32.71 -14.64
N GLU B 90 46.87 -32.79 -13.34
CA GLU B 90 47.55 -33.74 -12.47
C GLU B 90 46.91 -35.10 -12.67
N ASN B 91 45.60 -35.09 -12.91
CA ASN B 91 44.84 -36.29 -13.23
C ASN B 91 44.00 -36.00 -14.47
N ALA B 92 44.34 -36.66 -15.58
CA ALA B 92 43.67 -36.36 -16.83
C ALA B 92 42.23 -36.85 -16.82
N GLU B 93 41.99 -37.97 -16.17
CA GLU B 93 40.68 -38.59 -16.20
C GLU B 93 39.65 -37.75 -15.45
N GLU B 94 40.08 -37.09 -14.37
CA GLU B 94 39.20 -36.16 -13.67
C GLU B 94 39.14 -34.75 -14.28
N GLU B 95 40.28 -34.23 -14.71
CA GLU B 95 40.36 -32.83 -15.08
C GLU B 95 40.08 -32.51 -16.55
N LEU B 96 39.97 -33.52 -17.40
CA LEU B 96 39.60 -33.22 -18.77
C LEU B 96 38.19 -33.72 -19.04
N VAL B 97 37.24 -32.80 -19.00
CA VAL B 97 35.81 -33.13 -19.11
C VAL B 97 35.31 -33.25 -20.55
N GLN B 98 35.72 -32.33 -21.40
CA GLN B 98 35.26 -32.31 -22.78
C GLN B 98 36.01 -33.32 -23.66
N GLU B 99 35.27 -33.99 -24.53
CA GLU B 99 35.89 -34.92 -25.47
C GLU B 99 36.93 -34.22 -26.31
N ILE B 100 36.70 -32.96 -26.63
CA ILE B 100 37.65 -32.23 -27.49
C ILE B 100 38.93 -31.92 -26.73
N THR B 101 38.83 -31.73 -25.41
CA THR B 101 39.99 -31.42 -24.60
C THR B 101 40.86 -32.68 -24.53
N GLN B 102 40.23 -33.81 -24.20
CA GLN B 102 40.90 -35.09 -24.11
C GLN B 102 41.62 -35.46 -25.40
N HIS B 103 40.96 -35.20 -26.53
CA HIS B 103 41.49 -35.59 -27.84
C HIS B 103 42.72 -34.77 -28.23
N LEU B 104 42.75 -33.52 -27.81
CA LEU B 104 43.89 -32.65 -28.11
C LEU B 104 45.10 -33.03 -27.26
N PHE B 105 44.86 -33.31 -25.98
CA PHE B 105 45.92 -33.76 -25.10
C PHE B 105 46.46 -35.09 -25.61
N PHE B 106 45.56 -35.99 -25.99
CA PHE B 106 45.94 -37.29 -26.51
C PHE B 106 46.87 -37.17 -27.71
N LEU B 107 46.51 -36.34 -28.67
CA LEU B 107 47.31 -36.18 -29.87
C LEU B 107 48.67 -35.52 -29.59
N GLN B 108 48.68 -34.55 -28.68
CA GLN B 108 49.93 -33.87 -28.36
C GLN B 108 50.89 -34.78 -27.60
N VAL B 109 50.37 -35.48 -26.60
CA VAL B 109 51.21 -36.37 -25.81
C VAL B 109 51.75 -37.51 -26.66
N LYS B 110 50.88 -38.11 -27.48
CA LYS B 110 51.31 -39.18 -28.38
C LYS B 110 52.49 -38.75 -29.23
N LYS B 111 52.40 -37.58 -29.85
CA LYS B 111 53.51 -37.05 -30.64
C LYS B 111 54.78 -36.85 -29.78
N GLN B 112 54.60 -36.43 -28.54
CA GLN B 112 55.75 -36.26 -27.65
C GLN B 112 56.43 -37.59 -27.39
N ILE B 113 55.63 -38.65 -27.30
CA ILE B 113 56.17 -39.97 -27.03
C ILE B 113 56.82 -40.55 -28.28
N LEU B 114 56.15 -40.44 -29.42
CA LEU B 114 56.70 -40.96 -30.66
C LEU B 114 57.99 -40.27 -31.07
N ASP B 115 58.12 -38.97 -30.77
CA ASP B 115 59.31 -38.20 -31.10
C ASP B 115 60.38 -38.25 -30.00
N GLU B 116 60.08 -38.97 -28.91
CA GLU B 116 61.02 -39.15 -27.79
C GLU B 116 61.31 -37.87 -27.01
N LYS B 117 60.40 -36.91 -27.04
CA LYS B 117 60.45 -35.79 -26.11
C LYS B 117 60.19 -36.33 -24.71
N VAL B 118 59.31 -37.32 -24.62
CA VAL B 118 59.00 -37.95 -23.34
C VAL B 118 59.43 -39.40 -23.41
N TYR B 119 60.44 -39.76 -22.61
CA TYR B 119 60.90 -41.14 -22.56
C TYR B 119 59.75 -42.10 -22.19
N CYS B 120 59.65 -43.18 -22.95
CA CYS B 120 58.72 -44.26 -22.60
C CYS B 120 59.43 -45.60 -22.75
N PRO B 121 59.31 -46.48 -21.76
CA PRO B 121 59.98 -47.79 -21.89
C PRO B 121 59.25 -48.68 -22.89
N PRO B 122 59.94 -49.69 -23.44
CA PRO B 122 59.47 -50.55 -24.54
C PRO B 122 58.11 -51.20 -24.33
N GLU B 123 57.90 -51.84 -23.19
CA GLU B 123 56.62 -52.53 -22.97
C GLU B 123 55.46 -51.53 -22.88
N ALA B 124 55.65 -50.43 -22.15
CA ALA B 124 54.61 -49.40 -22.07
C ALA B 124 54.34 -48.80 -23.43
N SER B 125 55.38 -48.72 -24.28
CA SER B 125 55.23 -48.09 -25.57
C SER B 125 54.38 -48.97 -26.49
N VAL B 126 54.46 -50.28 -26.30
CA VAL B 126 53.63 -51.24 -27.03
C VAL B 126 52.19 -51.15 -26.55
N LEU B 127 51.99 -51.05 -25.23
CA LEU B 127 50.66 -50.89 -24.68
C LEU B 127 50.03 -49.58 -25.15
N LEU B 128 50.79 -48.49 -25.11
CA LEU B 128 50.34 -47.21 -25.63
C LEU B 128 49.91 -47.31 -27.10
N ALA B 129 50.74 -47.95 -27.93
CA ALA B 129 50.43 -48.12 -29.35
C ALA B 129 49.14 -48.91 -29.55
N SER B 130 48.89 -49.89 -28.69
CA SER B 130 47.66 -50.68 -28.83
C SER B 130 46.40 -49.84 -28.58
N TYR B 131 46.49 -48.88 -27.66
CA TYR B 131 45.37 -47.98 -27.40
C TYR B 131 45.23 -46.92 -28.49
N ALA B 132 46.35 -46.47 -29.06
CA ALA B 132 46.28 -45.52 -30.14
C ALA B 132 45.60 -46.22 -31.32
N VAL B 133 45.89 -47.51 -31.48
CA VAL B 133 45.30 -48.31 -32.53
C VAL B 133 43.79 -48.49 -32.32
N GLN B 134 43.41 -48.87 -31.11
CA GLN B 134 42.00 -48.96 -30.74
C GLN B 134 41.29 -47.65 -31.05
N ALA B 135 41.90 -46.53 -30.66
CA ALA B 135 41.35 -45.18 -30.84
C ALA B 135 41.05 -44.87 -32.30
N LYS B 136 42.00 -45.19 -33.17
CA LYS B 136 41.87 -44.90 -34.59
C LYS B 136 40.97 -45.87 -35.36
N TYR B 137 41.16 -47.18 -35.16
CA TYR B 137 40.47 -48.18 -35.96
C TYR B 137 39.18 -48.72 -35.34
N GLY B 138 38.93 -48.40 -34.06
CA GLY B 138 37.87 -49.04 -33.31
C GLY B 138 38.22 -50.48 -32.95
N ASP B 139 37.21 -51.27 -32.58
CA ASP B 139 37.41 -52.67 -32.20
C ASP B 139 38.13 -53.48 -33.28
N TYR B 140 39.03 -54.36 -32.86
CA TYR B 140 39.66 -55.30 -33.76
C TYR B 140 38.62 -56.10 -34.52
N ASP B 141 38.71 -56.05 -35.85
CA ASP B 141 37.84 -56.81 -36.73
C ASP B 141 38.70 -57.73 -37.57
N PRO B 142 38.60 -59.04 -37.32
CA PRO B 142 39.45 -60.03 -38.00
C PRO B 142 39.33 -59.96 -39.54
N SER B 143 38.16 -59.59 -40.05
CA SER B 143 37.95 -59.52 -41.50
C SER B 143 38.53 -58.25 -42.11
N VAL B 144 38.99 -57.35 -41.25
CA VAL B 144 39.47 -56.05 -41.67
C VAL B 144 40.93 -55.87 -41.28
N HIS B 145 41.28 -55.97 -39.99
CA HIS B 145 42.67 -55.72 -39.68
C HIS B 145 43.44 -57.05 -39.74
N LYS B 146 43.86 -57.36 -40.96
CA LYS B 146 44.54 -58.60 -41.29
C LYS B 146 46.01 -58.39 -41.00
N ARG B 147 46.75 -59.48 -40.80
CA ARG B 147 48.19 -59.36 -40.60
C ARG B 147 48.79 -58.49 -41.71
N GLY B 148 49.56 -57.48 -41.32
CA GLY B 148 50.08 -56.51 -42.25
C GLY B 148 49.38 -55.17 -42.21
N PHE B 149 48.21 -55.08 -41.55
CA PHE B 149 47.45 -53.84 -41.58
C PHE B 149 48.16 -52.66 -40.91
N LEU B 150 49.14 -52.94 -40.06
CA LEU B 150 49.84 -51.86 -39.35
C LEU B 150 51.16 -51.44 -40.02
N ALA B 151 51.49 -52.06 -41.14
CA ALA B 151 52.80 -51.90 -41.78
C ALA B 151 53.23 -50.46 -42.04
N GLN B 152 52.29 -49.60 -42.41
CA GLN B 152 52.62 -48.21 -42.77
C GLN B 152 52.47 -47.21 -41.62
N GLU B 153 52.10 -47.67 -40.43
CA GLU B 153 51.88 -46.76 -39.30
C GLU B 153 53.16 -46.62 -38.49
N GLU B 154 53.40 -45.45 -37.91
CA GLU B 154 54.49 -45.35 -36.94
C GLU B 154 53.90 -45.37 -35.54
N LEU B 155 54.04 -46.50 -34.86
CA LEU B 155 53.38 -46.67 -33.57
C LEU B 155 54.30 -46.60 -32.35
N LEU B 156 55.61 -46.61 -32.58
CA LEU B 156 56.58 -46.80 -31.52
C LEU B 156 57.76 -45.86 -31.68
N PRO B 157 58.34 -45.41 -30.56
CA PRO B 157 59.56 -44.60 -30.69
C PRO B 157 60.63 -45.39 -31.46
N LYS B 158 61.46 -44.68 -32.22
CA LYS B 158 62.56 -45.31 -32.95
C LYS B 158 63.50 -46.04 -32.00
N ARG B 159 63.71 -45.44 -30.83
CA ARG B 159 64.54 -46.03 -29.79
C ARG B 159 64.09 -47.45 -29.44
N VAL B 160 62.78 -47.64 -29.30
CA VAL B 160 62.23 -48.95 -28.98
C VAL B 160 62.46 -49.92 -30.12
N ILE B 161 62.28 -49.44 -31.34
CA ILE B 161 62.53 -50.24 -32.53
C ILE B 161 64.00 -50.64 -32.62
N ASN B 162 64.90 -49.68 -32.46
CA ASN B 162 66.34 -49.95 -32.45
C ASN B 162 66.78 -50.93 -31.37
N LEU B 163 66.05 -50.99 -30.26
CA LEU B 163 66.41 -51.84 -29.13
C LEU B 163 66.23 -53.32 -29.42
N TYR B 164 65.41 -53.66 -30.40
CA TYR B 164 65.22 -55.06 -30.76
C TYR B 164 65.50 -55.37 -32.22
N GLN B 165 65.68 -56.64 -32.53
CA GLN B 165 65.95 -57.06 -33.90
C GLN B 165 64.63 -57.33 -34.57
N MET B 166 63.56 -56.97 -33.87
CA MET B 166 62.20 -57.28 -34.31
C MET B 166 61.74 -56.60 -35.61
N THR B 167 61.28 -57.44 -36.54
CA THR B 167 60.73 -56.98 -37.80
C THR B 167 59.39 -56.30 -37.56
N PRO B 168 58.89 -55.54 -38.55
CA PRO B 168 57.53 -54.99 -38.54
C PRO B 168 56.43 -56.03 -38.23
N GLU B 169 56.60 -57.26 -38.70
CA GLU B 169 55.64 -58.30 -38.38
C GLU B 169 55.64 -58.57 -36.89
N MET B 170 56.83 -58.68 -36.33
CA MET B 170 56.96 -58.95 -34.90
C MET B 170 56.35 -57.82 -34.06
N TRP B 171 56.60 -56.58 -34.48
CA TRP B 171 56.05 -55.45 -33.75
C TRP B 171 54.53 -55.37 -33.92
N GLU B 172 54.04 -55.63 -35.13
CA GLU B 172 52.61 -55.63 -35.38
C GLU B 172 51.95 -56.69 -34.51
N GLU B 173 52.63 -57.82 -34.37
CA GLU B 173 52.05 -58.93 -33.61
C GLU B 173 51.93 -58.58 -32.11
N ARG B 174 52.96 -57.95 -31.56
CA ARG B 174 52.91 -57.58 -30.16
C ARG B 174 51.83 -56.53 -29.92
N ILE B 175 51.69 -55.59 -30.84
CA ILE B 175 50.69 -54.53 -30.72
C ILE B 175 49.30 -55.13 -30.90
N THR B 176 49.18 -56.05 -31.84
CA THR B 176 47.88 -56.65 -32.15
C THR B 176 47.35 -57.50 -30.99
N ALA B 177 48.26 -58.19 -30.30
CA ALA B 177 47.93 -58.98 -29.12
C ALA B 177 47.19 -58.14 -28.09
N TRP B 178 47.74 -56.96 -27.78
CA TRP B 178 47.11 -56.06 -26.82
C TRP B 178 45.81 -55.48 -27.40
N TYR B 179 45.89 -54.98 -28.63
CA TYR B 179 44.75 -54.39 -29.34
C TYR B 179 43.52 -55.29 -29.27
N ALA B 180 43.72 -56.57 -29.51
CA ALA B 180 42.59 -57.51 -29.50
C ALA B 180 41.89 -57.58 -28.14
N GLU B 181 42.63 -57.28 -27.08
CA GLU B 181 42.08 -57.35 -25.73
C GLU B 181 41.29 -56.08 -25.38
N HIS B 182 41.41 -55.05 -26.22
CA HIS B 182 40.77 -53.76 -25.95
C HIS B 182 39.33 -53.62 -26.48
N ARG B 183 38.78 -54.69 -27.06
CA ARG B 183 37.44 -54.62 -27.68
C ARG B 183 36.39 -54.05 -26.73
N GLY B 184 35.60 -53.09 -27.21
CA GLY B 184 34.57 -52.50 -26.38
C GLY B 184 34.91 -51.10 -25.89
N ARG B 185 36.14 -50.65 -26.13
CA ARG B 185 36.52 -49.29 -25.77
C ARG B 185 36.15 -48.33 -26.88
N ALA B 186 35.29 -47.37 -26.57
CA ALA B 186 35.00 -46.28 -27.50
C ALA B 186 36.28 -45.47 -27.70
N ARG B 187 36.31 -44.67 -28.77
CA ARG B 187 37.46 -43.83 -29.10
C ARG B 187 37.96 -43.03 -27.92
N ASP B 188 37.06 -42.35 -27.20
CA ASP B 188 37.47 -41.48 -26.11
C ASP B 188 37.97 -42.29 -24.91
N GLU B 189 37.41 -43.47 -24.70
CA GLU B 189 37.87 -44.36 -23.64
C GLU B 189 39.29 -44.90 -23.91
N ALA B 190 39.61 -45.17 -25.18
CA ALA B 190 40.95 -45.60 -25.55
C ALA B 190 41.98 -44.48 -25.40
N GLU B 191 41.60 -43.27 -25.81
CA GLU B 191 42.50 -42.13 -25.71
C GLU B 191 42.74 -41.75 -24.25
N MET B 192 41.72 -41.94 -23.41
CA MET B 192 41.91 -41.66 -21.99
C MET B 192 42.78 -42.70 -21.32
N GLU B 193 42.59 -43.98 -21.68
CA GLU B 193 43.46 -45.05 -21.15
C GLU B 193 44.90 -44.79 -21.55
N TYR B 194 45.09 -44.31 -22.77
CA TYR B 194 46.41 -43.89 -23.25
C TYR B 194 46.99 -42.81 -22.33
N LEU B 195 46.19 -41.78 -22.03
CA LEU B 195 46.64 -40.65 -21.22
C LEU B 195 46.93 -41.09 -19.79
N LYS B 196 46.14 -42.03 -19.27
CA LYS B 196 46.34 -42.52 -17.92
C LYS B 196 47.68 -43.23 -17.75
N ILE B 197 48.15 -43.90 -18.80
CA ILE B 197 49.46 -44.53 -18.78
C ILE B 197 50.54 -43.48 -19.02
N ALA B 198 50.29 -42.58 -19.96
CA ALA B 198 51.31 -41.62 -20.35
C ALA B 198 51.61 -40.61 -19.23
N GLN B 199 50.60 -40.27 -18.44
CA GLN B 199 50.75 -39.24 -17.42
C GLN B 199 51.61 -39.75 -16.26
N ASP B 200 51.72 -41.06 -16.13
CA ASP B 200 52.59 -41.64 -15.11
C ASP B 200 54.05 -41.66 -15.53
N LEU B 201 54.35 -41.35 -16.78
CA LEU B 201 55.74 -41.34 -17.24
C LEU B 201 56.47 -40.22 -16.51
N GLU B 202 57.72 -40.46 -16.15
CA GLU B 202 58.48 -39.53 -15.32
C GLU B 202 58.75 -38.18 -15.99
N MET B 203 58.90 -38.18 -17.32
CA MET B 203 59.16 -36.95 -18.08
C MET B 203 57.90 -36.25 -18.60
N TYR B 204 56.73 -36.84 -18.36
CA TYR B 204 55.47 -36.28 -18.85
C TYR B 204 55.16 -34.97 -18.16
N GLY B 205 54.75 -33.97 -18.94
CA GLY B 205 54.32 -32.70 -18.42
C GLY B 205 55.41 -31.87 -17.75
N VAL B 206 56.67 -32.25 -17.96
CA VAL B 206 57.79 -31.50 -17.41
C VAL B 206 58.42 -30.57 -18.46
N ASN B 207 58.50 -29.27 -18.15
CA ASN B 207 59.25 -28.33 -18.98
C ASN B 207 60.69 -28.25 -18.50
N TYR B 208 61.64 -28.61 -19.36
CA TYR B 208 63.06 -28.63 -18.99
C TYR B 208 63.82 -27.39 -19.49
N PHE B 209 64.73 -26.89 -18.66
CA PHE B 209 65.59 -25.74 -19.02
C PHE B 209 67.00 -25.91 -18.50
N THR B 210 67.98 -25.68 -19.38
CA THR B 210 69.39 -25.75 -18.99
C THR B 210 69.76 -24.60 -18.06
N ILE B 211 70.33 -24.93 -16.90
CA ILE B 211 70.69 -23.92 -15.90
C ILE B 211 72.07 -24.18 -15.29
N ARG B 212 72.47 -23.32 -14.34
CA ARG B 212 73.72 -23.49 -13.62
C ARG B 212 73.55 -23.06 -12.18
N ASN B 213 74.13 -23.81 -11.26
CA ASN B 213 74.15 -23.37 -9.87
C ASN B 213 75.32 -22.42 -9.66
N LYS B 214 75.53 -21.99 -8.42
CA LYS B 214 76.54 -20.99 -8.11
C LYS B 214 77.97 -21.49 -8.40
N LYS B 215 78.20 -22.77 -8.16
CA LYS B 215 79.51 -23.37 -8.41
C LYS B 215 79.79 -23.54 -9.90
N GLY B 216 78.79 -23.25 -10.72
CA GLY B 216 78.94 -23.30 -12.17
C GLY B 216 78.53 -24.63 -12.76
N THR B 217 78.08 -25.56 -11.91
CA THR B 217 77.71 -26.90 -12.35
C THR B 217 76.48 -26.84 -13.25
N GLU B 218 76.59 -27.37 -14.45
CA GLU B 218 75.45 -27.43 -15.36
C GLU B 218 74.40 -28.35 -14.77
N LEU B 219 73.17 -27.84 -14.68
CA LEU B 219 72.05 -28.61 -14.17
C LEU B 219 70.84 -28.40 -15.08
N LEU B 220 69.70 -28.95 -14.68
CA LEU B 220 68.47 -28.85 -15.44
C LEU B 220 67.36 -28.42 -14.51
N LEU B 221 66.55 -27.46 -14.95
CA LEU B 221 65.37 -27.04 -14.21
C LEU B 221 64.16 -27.70 -14.86
N GLY B 222 63.42 -28.50 -14.09
CA GLY B 222 62.10 -28.89 -14.53
C GLY B 222 60.98 -28.10 -13.89
N VAL B 223 59.95 -27.81 -14.66
CA VAL B 223 58.80 -27.07 -14.21
C VAL B 223 57.57 -27.85 -14.63
N ASP B 224 56.79 -28.29 -13.65
CA ASP B 224 55.58 -29.04 -13.99
C ASP B 224 54.42 -28.72 -13.07
N ALA B 225 53.34 -29.46 -13.23
CA ALA B 225 52.14 -29.25 -12.46
C ALA B 225 52.36 -29.43 -10.95
N LEU B 226 53.38 -30.19 -10.57
CA LEU B 226 53.62 -30.47 -9.17
C LEU B 226 54.57 -29.49 -8.47
N GLY B 227 55.41 -28.79 -9.23
CA GLY B 227 56.41 -27.95 -8.61
C GLY B 227 57.67 -27.69 -9.43
N LEU B 228 58.73 -27.33 -8.73
CA LEU B 228 60.02 -27.11 -9.39
C LEU B 228 60.99 -28.24 -9.02
N HIS B 229 61.82 -28.63 -9.99
CA HIS B 229 62.66 -29.80 -9.83
C HIS B 229 64.04 -29.56 -10.43
N ILE B 230 65.07 -29.97 -9.71
CA ILE B 230 66.43 -29.82 -10.22
C ILE B 230 66.98 -31.20 -10.58
N TYR B 231 67.44 -31.32 -11.83
CA TYR B 231 67.94 -32.60 -12.32
C TYR B 231 69.39 -32.47 -12.70
N ASP B 232 70.15 -33.53 -12.45
CA ASP B 232 71.44 -33.69 -13.11
C ASP B 232 71.11 -33.82 -14.59
N PRO B 233 71.91 -33.19 -15.45
CA PRO B 233 71.60 -33.19 -16.89
C PRO B 233 71.60 -34.58 -17.52
N GLU B 234 72.22 -35.54 -16.85
CA GLU B 234 72.26 -36.91 -17.36
C GLU B 234 70.98 -37.69 -17.07
N ASN B 235 70.33 -37.37 -15.95
CA ASN B 235 69.10 -38.06 -15.57
C ASN B 235 67.88 -37.12 -15.57
N ARG B 236 67.03 -37.22 -16.59
CA ARG B 236 65.82 -36.42 -16.68
C ARG B 236 64.61 -37.14 -16.09
N LEU B 237 64.81 -38.38 -15.67
CA LEU B 237 63.77 -39.19 -15.06
C LEU B 237 63.53 -38.86 -13.60
N THR B 238 64.62 -38.75 -12.84
CA THR B 238 64.51 -38.61 -11.39
C THR B 238 65.19 -37.33 -10.91
N PRO B 239 64.39 -36.41 -10.33
CA PRO B 239 65.00 -35.15 -9.88
C PRO B 239 65.88 -35.35 -8.64
N LYS B 240 66.98 -34.62 -8.57
CA LYS B 240 67.80 -34.58 -7.36
C LYS B 240 67.06 -33.85 -6.23
N ILE B 241 66.35 -32.77 -6.56
CA ILE B 241 65.57 -32.04 -5.56
C ILE B 241 64.21 -31.60 -6.11
N SER B 242 63.18 -31.69 -5.29
CA SER B 242 61.86 -31.21 -5.67
C SER B 242 61.33 -30.16 -4.70
N PHE B 243 60.62 -29.18 -5.26
CA PHE B 243 59.98 -28.13 -4.49
C PHE B 243 58.52 -28.09 -4.86
N PRO B 244 57.66 -28.80 -4.11
CA PRO B 244 56.21 -28.76 -4.35
C PRO B 244 55.69 -27.33 -4.34
N TRP B 245 54.74 -27.01 -5.23
CA TRP B 245 54.22 -25.64 -5.33
C TRP B 245 53.77 -25.05 -4.00
N ASN B 246 53.08 -25.85 -3.19
CA ASN B 246 52.60 -25.40 -1.90
C ASN B 246 53.69 -25.19 -0.84
N GLU B 247 54.90 -25.67 -1.13
CA GLU B 247 56.03 -25.52 -0.20
C GLU B 247 56.99 -24.37 -0.52
N ILE B 248 56.68 -23.61 -1.57
CA ILE B 248 57.49 -22.46 -1.95
C ILE B 248 56.79 -21.17 -1.52
N ARG B 249 57.50 -20.30 -0.79
CA ARG B 249 56.96 -19.00 -0.42
C ARG B 249 56.99 -18.04 -1.62
N ASN B 250 58.15 -17.95 -2.27
CA ASN B 250 58.28 -17.14 -3.47
C ASN B 250 59.48 -17.54 -4.32
N ILE B 251 59.50 -17.04 -5.54
CA ILE B 251 60.62 -17.20 -6.46
C ILE B 251 61.06 -15.84 -7.01
N SER B 252 62.31 -15.48 -6.79
CA SER B 252 62.82 -14.18 -7.21
C SER B 252 63.63 -14.26 -8.48
N TYR B 253 63.54 -13.23 -9.29
CA TYR B 253 64.38 -13.15 -10.49
C TYR B 253 65.02 -11.78 -10.67
N SER B 254 66.35 -11.74 -10.61
CA SER B 254 67.13 -10.53 -10.81
C SER B 254 68.31 -10.85 -11.72
N ASP B 255 68.48 -10.04 -12.76
CA ASP B 255 69.48 -10.31 -13.80
C ASP B 255 69.26 -11.63 -14.51
N LYS B 256 70.27 -12.49 -14.50
CA LYS B 256 70.15 -13.79 -15.14
C LYS B 256 69.85 -14.88 -14.10
N GLU B 257 69.70 -14.47 -12.84
CA GLU B 257 69.70 -15.40 -11.71
C GLU B 257 68.38 -15.52 -10.92
N PHE B 258 67.97 -16.77 -10.67
CA PHE B 258 66.71 -17.06 -9.97
C PHE B 258 66.96 -17.49 -8.54
N THR B 259 66.03 -17.18 -7.65
CA THR B 259 66.14 -17.63 -6.27
C THR B 259 64.86 -18.30 -5.81
N ILE B 260 64.91 -19.61 -5.53
CA ILE B 260 63.74 -20.32 -5.01
C ILE B 260 63.77 -20.29 -3.49
N LYS B 261 62.73 -19.74 -2.88
CA LYS B 261 62.70 -19.62 -1.44
C LYS B 261 61.61 -20.49 -0.82
N PRO B 262 62.02 -21.56 -0.12
CA PRO B 262 61.12 -22.47 0.56
C PRO B 262 60.30 -21.76 1.63
N LEU B 263 59.11 -22.27 1.87
CA LEU B 263 58.26 -21.74 2.93
C LEU B 263 58.93 -22.02 4.26
N ASP B 264 59.50 -23.22 4.37
CA ASP B 264 60.22 -23.63 5.57
C ASP B 264 61.53 -22.87 5.69
N LYS B 265 61.73 -22.23 6.84
CA LYS B 265 62.94 -21.45 7.08
C LYS B 265 64.12 -22.33 7.48
N LYS B 266 63.83 -23.61 7.75
CA LYS B 266 64.87 -24.57 8.11
C LYS B 266 65.46 -25.21 6.86
N ILE B 267 65.03 -24.75 5.70
CA ILE B 267 65.58 -25.22 4.44
C ILE B 267 66.19 -24.05 3.67
N ASP B 268 67.38 -24.27 3.12
CA ASP B 268 68.10 -23.24 2.38
C ASP B 268 67.32 -22.81 1.15
N VAL B 269 67.54 -21.58 0.71
CA VAL B 269 67.04 -21.16 -0.60
C VAL B 269 67.94 -21.78 -1.66
N PHE B 270 67.42 -21.91 -2.87
CA PHE B 270 68.21 -22.47 -3.95
C PHE B 270 68.32 -21.45 -5.07
N LYS B 271 69.54 -21.20 -5.52
CA LYS B 271 69.78 -20.17 -6.53
C LYS B 271 70.41 -20.76 -7.77
N PHE B 272 70.00 -20.26 -8.93
CA PHE B 272 70.58 -20.68 -10.19
C PHE B 272 70.47 -19.55 -11.21
N ASN B 273 71.27 -19.62 -12.25
CA ASN B 273 71.21 -18.59 -13.28
C ASN B 273 71.09 -19.18 -14.67
N SER B 274 70.38 -18.45 -15.54
CA SER B 274 70.18 -18.88 -16.91
C SER B 274 70.52 -17.74 -17.86
N SER B 275 71.38 -18.04 -18.83
CA SER B 275 71.91 -17.02 -19.73
C SER B 275 70.82 -16.34 -20.56
N LYS B 276 70.09 -17.13 -21.35
CA LYS B 276 69.11 -16.57 -22.27
C LYS B 276 67.93 -15.94 -21.55
N LEU B 277 67.65 -14.68 -21.88
CA LEU B 277 66.60 -13.92 -21.22
C LEU B 277 65.21 -14.31 -21.72
N ARG B 278 65.11 -14.59 -23.02
CA ARG B 278 63.87 -15.06 -23.63
C ARG B 278 63.38 -16.32 -22.92
N VAL B 279 64.33 -17.20 -22.60
CA VAL B 279 64.04 -18.41 -21.84
C VAL B 279 63.54 -18.08 -20.43
N ASN B 280 64.18 -17.11 -19.79
CA ASN B 280 63.88 -16.76 -18.42
C ASN B 280 62.46 -16.28 -18.15
N LYS B 281 61.85 -15.59 -19.12
CA LYS B 281 60.47 -15.15 -18.93
C LYS B 281 59.51 -16.33 -19.11
N LEU B 282 59.82 -17.19 -20.08
CA LEU B 282 59.04 -18.41 -20.28
C LEU B 282 59.01 -19.21 -18.98
N ILE B 283 60.20 -19.41 -18.41
CA ILE B 283 60.32 -20.07 -17.12
C ILE B 283 59.39 -19.42 -16.11
N LEU B 284 59.46 -18.08 -16.06
CA LEU B 284 58.64 -17.30 -15.13
C LEU B 284 57.13 -17.49 -15.36
N GLN B 285 56.71 -17.40 -16.61
CA GLN B 285 55.32 -17.64 -17.00
C GLN B 285 54.86 -19.01 -16.53
N LEU B 286 55.67 -20.01 -16.83
CA LEU B 286 55.32 -21.40 -16.55
C LEU B 286 55.13 -21.61 -15.06
N CYS B 287 56.01 -21.00 -14.26
CA CYS B 287 55.89 -21.09 -12.80
C CYS B 287 54.57 -20.53 -12.32
N ILE B 288 54.22 -19.34 -12.82
CA ILE B 288 53.00 -18.65 -12.41
C ILE B 288 51.79 -19.48 -12.76
N GLY B 289 51.72 -19.88 -14.04
CA GLY B 289 50.64 -20.72 -14.52
C GLY B 289 50.46 -22.02 -13.75
N ASN B 290 51.56 -22.77 -13.57
CA ASN B 290 51.50 -24.04 -12.86
C ASN B 290 51.09 -23.90 -11.39
N HIS B 291 51.72 -22.94 -10.71
CA HIS B 291 51.38 -22.69 -9.31
C HIS B 291 49.90 -22.34 -9.19
N ASP B 292 49.44 -21.46 -10.09
CA ASP B 292 48.04 -21.04 -10.09
C ASP B 292 47.12 -22.25 -10.26
N LEU B 293 47.38 -23.05 -11.28
CA LEU B 293 46.59 -24.25 -11.53
C LEU B 293 46.68 -25.23 -10.37
N PHE B 294 47.87 -25.34 -9.79
CA PHE B 294 48.07 -26.23 -8.65
C PHE B 294 47.11 -25.87 -7.51
N MET B 295 47.12 -24.60 -7.12
CA MET B 295 46.24 -24.12 -6.05
C MET B 295 44.76 -24.25 -6.35
N ARG B 296 44.36 -23.93 -7.58
CA ARG B 296 42.96 -24.03 -7.97
C ARG B 296 42.34 -25.41 -7.72
N ARG B 297 43.12 -26.47 -8.00
CA ARG B 297 42.65 -27.85 -7.82
C ARG B 297 42.32 -28.18 -6.37
N ARG B 298 43.01 -27.51 -5.44
CA ARG B 298 42.97 -27.90 -4.04
C ARG B 298 42.03 -27.11 -3.13
N LYS B 299 41.34 -26.12 -3.70
CA LYS B 299 40.43 -25.29 -2.92
C LYS B 299 39.17 -26.05 -2.48
N THR C 8 -18.47 -42.53 34.55
CA THR C 8 -18.73 -41.10 34.39
C THR C 8 -17.61 -40.23 34.95
N PHE C 9 -17.09 -39.32 34.11
CA PHE C 9 -16.18 -38.28 34.57
C PHE C 9 -16.73 -36.94 34.06
N THR C 10 -16.49 -35.88 34.81
CA THR C 10 -17.02 -34.58 34.46
C THR C 10 -16.10 -33.81 33.51
N VAL C 11 -16.70 -33.19 32.50
CA VAL C 11 -15.96 -32.37 31.56
C VAL C 11 -16.42 -30.92 31.61
N ARG C 12 -15.47 -30.00 31.43
CA ARG C 12 -15.78 -28.58 31.41
C ARG C 12 -15.75 -28.06 29.97
N ILE C 13 -16.86 -27.45 29.54
CA ILE C 13 -16.96 -26.93 28.18
C ILE C 13 -17.06 -25.41 28.19
N VAL C 14 -16.01 -24.76 27.72
CA VAL C 14 -15.96 -23.30 27.68
C VAL C 14 -16.37 -22.75 26.32
N THR C 15 -17.46 -21.97 26.28
CA THR C 15 -17.79 -21.20 25.07
C THR C 15 -17.28 -19.77 25.25
N MET C 16 -17.47 -18.93 24.24
CA MET C 16 -16.99 -17.55 24.34
C MET C 16 -17.62 -16.79 25.53
N ASP C 17 -18.95 -16.84 25.67
CA ASP C 17 -19.63 -16.19 26.82
C ASP C 17 -20.08 -17.09 27.99
N ALA C 18 -19.79 -18.38 27.96
CA ALA C 18 -20.33 -19.27 28.99
C ALA C 18 -19.50 -20.52 29.28
N GLU C 19 -19.78 -21.14 30.43
CA GLU C 19 -19.17 -22.43 30.78
C GLU C 19 -20.25 -23.50 31.01
N MET C 20 -19.94 -24.72 30.59
CA MET C 20 -20.85 -25.85 30.76
C MET C 20 -20.12 -27.01 31.44
N GLU C 21 -20.83 -27.71 32.32
CA GLU C 21 -20.30 -28.95 32.89
C GLU C 21 -21.21 -30.13 32.53
N PHE C 22 -20.59 -31.19 32.04
CA PHE C 22 -21.31 -32.38 31.64
C PHE C 22 -20.74 -33.60 32.31
N ASN C 23 -21.57 -34.63 32.48
CA ASN C 23 -21.12 -35.90 33.01
C ASN C 23 -20.91 -36.88 31.87
N CYS C 24 -19.65 -37.17 31.58
CA CYS C 24 -19.27 -37.88 30.37
C CYS C 24 -18.95 -39.35 30.68
N GLU C 25 -19.64 -40.26 30.00
CA GLU C 25 -19.39 -41.69 30.17
C GLU C 25 -18.05 -42.07 29.54
N MET C 26 -17.27 -42.89 30.24
CA MET C 26 -15.87 -43.14 29.88
C MET C 26 -15.62 -43.66 28.46
N LYS C 27 -16.61 -44.34 27.88
CA LYS C 27 -16.46 -44.86 26.51
C LYS C 27 -17.08 -43.96 25.43
N TRP C 28 -17.55 -42.77 25.84
CA TRP C 28 -18.08 -41.79 24.90
C TRP C 28 -17.04 -41.32 23.89
N LYS C 29 -17.52 -40.89 22.73
CA LYS C 29 -16.65 -40.48 21.64
C LYS C 29 -16.87 -38.98 21.42
N GLY C 30 -15.92 -38.35 20.74
CA GLY C 30 -15.99 -36.93 20.44
C GLY C 30 -17.35 -36.55 19.90
N LYS C 31 -17.89 -37.37 19.00
CA LYS C 31 -19.20 -37.11 18.43
C LYS C 31 -20.30 -37.06 19.50
N ASP C 32 -20.11 -37.81 20.58
CA ASP C 32 -21.12 -37.82 21.65
C ASP C 32 -21.10 -36.53 22.44
N LEU C 33 -19.91 -36.15 22.87
CA LEU C 33 -19.70 -34.89 23.59
C LEU C 33 -20.15 -33.70 22.73
N PHE C 34 -19.63 -33.65 21.49
CA PHE C 34 -19.93 -32.57 20.56
C PHE C 34 -21.43 -32.37 20.34
N ASP C 35 -22.12 -33.44 19.99
CA ASP C 35 -23.56 -33.38 19.75
C ASP C 35 -24.31 -32.91 20.99
N LEU C 36 -23.87 -33.37 22.15
CA LEU C 36 -24.47 -32.96 23.41
C LEU C 36 -24.36 -31.44 23.62
N VAL C 37 -23.16 -30.91 23.39
CA VAL C 37 -22.91 -29.48 23.50
C VAL C 37 -23.78 -28.68 22.53
N CYS C 38 -23.79 -29.10 21.27
CA CYS C 38 -24.61 -28.41 20.25
C CYS C 38 -26.10 -28.46 20.58
N ARG C 39 -26.57 -29.61 21.05
CA ARG C 39 -27.97 -29.81 21.41
C ARG C 39 -28.33 -28.88 22.56
N THR C 40 -27.46 -28.81 23.56
CA THR C 40 -27.69 -27.93 24.70
C THR C 40 -27.81 -26.48 24.25
N LEU C 41 -26.98 -26.11 23.26
CA LEU C 41 -26.99 -24.74 22.75
C LEU C 41 -28.15 -24.47 21.79
N GLY C 42 -28.79 -25.53 21.31
CA GLY C 42 -29.83 -25.39 20.32
C GLY C 42 -29.21 -25.05 18.98
N LEU C 43 -27.96 -25.46 18.81
CA LEU C 43 -27.19 -25.13 17.62
C LEU C 43 -27.28 -26.22 16.57
N ARG C 44 -27.94 -25.92 15.45
CA ARG C 44 -28.01 -26.89 14.34
C ARG C 44 -26.95 -26.74 13.24
N GLU C 45 -26.21 -25.64 13.20
CA GLU C 45 -25.22 -25.57 12.13
C GLU C 45 -23.90 -25.88 12.78
N THR C 46 -23.57 -27.17 12.79
CA THR C 46 -22.51 -27.67 13.66
C THR C 46 -21.20 -27.80 12.91
N TRP C 47 -21.30 -27.71 11.58
CA TRP C 47 -20.15 -28.01 10.75
C TRP C 47 -19.02 -26.99 10.93
N PHE C 48 -19.40 -25.75 11.30
CA PHE C 48 -18.41 -24.68 11.53
C PHE C 48 -17.57 -24.91 12.78
N PHE C 49 -18.09 -25.72 13.70
CA PHE C 49 -17.58 -25.73 15.07
C PHE C 49 -16.83 -27.01 15.44
N GLY C 50 -15.98 -26.90 16.46
CA GLY C 50 -15.30 -28.05 17.03
C GLY C 50 -15.02 -27.86 18.52
N LEU C 51 -14.46 -28.89 19.14
CA LEU C 51 -14.06 -28.78 20.54
C LEU C 51 -12.53 -28.82 20.63
N GLN C 52 -11.96 -27.78 21.22
CA GLN C 52 -10.54 -27.53 21.09
C GLN C 52 -9.80 -27.60 22.42
N TYR C 53 -8.56 -28.02 22.37
CA TYR C 53 -7.68 -27.99 23.50
C TYR C 53 -6.34 -27.80 22.92
N THR C 54 -5.36 -27.45 23.71
CA THR C 54 -4.05 -27.17 23.20
C THR C 54 -3.00 -28.07 23.81
N ILE C 55 -2.16 -28.67 23.00
CA ILE C 55 -1.04 -29.41 23.54
C ILE C 55 0.29 -28.82 23.10
N LYS C 56 1.14 -28.52 24.06
CA LYS C 56 2.48 -28.11 23.73
C LYS C 56 2.49 -26.98 22.71
N ASP C 57 1.80 -25.90 23.03
CA ASP C 57 1.82 -24.69 22.21
C ASP C 57 1.10 -24.81 20.86
N THR C 58 0.27 -25.83 20.68
CA THR C 58 -0.50 -25.95 19.46
C THR C 58 -1.90 -26.41 19.70
N VAL C 59 -2.87 -25.81 19.04
CA VAL C 59 -4.23 -26.22 19.20
C VAL C 59 -4.48 -27.57 18.60
N ALA C 60 -5.41 -28.29 19.18
CA ALA C 60 -5.81 -29.56 18.69
C ALA C 60 -7.27 -29.62 18.83
N TRP C 61 -7.90 -30.37 17.96
CA TRP C 61 -9.34 -30.52 17.99
C TRP C 61 -9.69 -31.94 18.37
N LEU C 62 -10.87 -32.12 18.97
CA LEU C 62 -11.35 -33.43 19.35
C LEU C 62 -11.86 -34.17 18.10
N LYS C 63 -11.32 -35.36 17.87
CA LYS C 63 -11.77 -36.22 16.77
C LYS C 63 -13.17 -36.75 17.08
N MET C 64 -14.01 -36.85 16.06
CA MET C 64 -15.39 -37.23 16.28
C MET C 64 -15.62 -38.73 16.51
N ASP C 65 -14.86 -39.57 15.82
CA ASP C 65 -15.01 -41.01 15.93
C ASP C 65 -14.06 -41.60 16.97
N LYS C 66 -13.29 -40.74 17.62
CA LYS C 66 -12.30 -41.17 18.59
C LYS C 66 -12.85 -41.01 20.00
N LYS C 67 -12.46 -41.91 20.89
CA LYS C 67 -12.91 -41.83 22.27
C LYS C 67 -12.25 -40.64 22.97
N VAL C 68 -13.04 -39.91 23.75
CA VAL C 68 -12.62 -38.66 24.38
C VAL C 68 -11.32 -38.77 25.16
N LEU C 69 -11.10 -39.93 25.78
CA LEU C 69 -9.95 -40.09 26.67
C LEU C 69 -8.71 -40.64 25.99
N ASP C 70 -8.82 -41.00 24.71
CA ASP C 70 -7.67 -41.47 23.96
C ASP C 70 -6.79 -40.29 23.55
N HIS C 71 -7.34 -39.09 23.67
CA HIS C 71 -6.60 -37.88 23.32
C HIS C 71 -5.53 -37.58 24.36
N ASP C 72 -4.53 -36.79 23.96
CA ASP C 72 -3.43 -36.46 24.86
C ASP C 72 -3.76 -35.24 25.71
N VAL C 73 -5.02 -34.80 25.63
CA VAL C 73 -5.54 -33.79 26.53
C VAL C 73 -5.29 -34.22 27.96
N SER C 74 -4.94 -33.27 28.83
CA SER C 74 -4.61 -33.57 30.22
C SER C 74 -5.78 -34.24 30.92
N LYS C 75 -5.51 -35.40 31.50
CA LYS C 75 -6.53 -36.20 32.19
C LYS C 75 -6.90 -35.54 33.53
N GLU C 76 -6.09 -34.58 33.95
CA GLU C 76 -6.32 -33.84 35.20
C GLU C 76 -7.71 -33.19 35.23
N GLU C 77 -8.45 -33.50 36.29
CA GLU C 77 -9.77 -32.92 36.51
C GLU C 77 -9.66 -31.41 36.80
N PRO C 78 -10.55 -30.61 36.24
CA PRO C 78 -11.64 -31.13 35.40
C PRO C 78 -11.31 -30.98 33.92
N VAL C 79 -11.42 -32.07 33.17
CA VAL C 79 -11.01 -32.07 31.78
C VAL C 79 -11.80 -30.98 31.08
N THR C 80 -11.13 -30.23 30.22
CA THR C 80 -11.70 -29.02 29.66
C THR C 80 -11.45 -28.83 28.18
N PHE C 81 -12.49 -28.54 27.45
CA PHE C 81 -12.41 -28.18 26.03
C PHE C 81 -13.03 -26.80 25.79
N HIS C 82 -12.56 -26.13 24.73
CA HIS C 82 -13.17 -24.88 24.31
C HIS C 82 -14.02 -25.12 23.06
N PHE C 83 -15.27 -24.68 23.11
CA PHE C 83 -16.15 -24.80 21.96
C PHE C 83 -16.00 -23.54 21.10
N LEU C 84 -15.48 -23.71 19.89
CA LEU C 84 -15.09 -22.60 19.04
C LEU C 84 -15.39 -22.91 17.58
N ALA C 85 -15.53 -21.87 16.76
CA ALA C 85 -15.62 -22.08 15.33
C ALA C 85 -14.26 -22.50 14.80
N LYS C 86 -14.22 -23.64 14.12
CA LYS C 86 -13.05 -24.10 13.35
C LYS C 86 -13.02 -23.51 11.93
N PHE C 87 -14.20 -23.35 11.33
CA PHE C 87 -14.35 -22.87 9.97
C PHE C 87 -15.26 -21.64 9.91
N TYR C 88 -15.04 -20.82 8.90
CA TYR C 88 -15.79 -19.58 8.75
C TYR C 88 -16.56 -19.57 7.45
N PRO C 89 -17.76 -19.00 7.47
CA PRO C 89 -18.53 -18.82 6.24
C PRO C 89 -17.87 -17.81 5.31
N GLU C 90 -18.13 -17.92 4.01
CA GLU C 90 -17.68 -16.91 3.08
C GLU C 90 -18.58 -15.68 3.16
N ASN C 91 -19.85 -15.92 3.50
CA ASN C 91 -20.81 -14.83 3.72
C ASN C 91 -21.62 -15.11 4.98
N ALA C 92 -21.41 -14.30 6.02
CA ALA C 92 -21.99 -14.58 7.33
C ALA C 92 -23.51 -14.43 7.33
N GLU C 93 -24.01 -13.44 6.60
CA GLU C 93 -25.43 -13.14 6.63
C GLU C 93 -26.23 -14.24 5.95
N GLU C 94 -25.68 -14.76 4.86
CA GLU C 94 -26.34 -15.78 4.07
C GLU C 94 -26.21 -17.14 4.74
N GLU C 95 -25.00 -17.45 5.20
CA GLU C 95 -24.73 -18.79 5.72
C GLU C 95 -25.02 -19.02 7.20
N LEU C 96 -25.14 -17.98 8.01
CA LEU C 96 -25.43 -18.25 9.41
C LEU C 96 -26.92 -17.97 9.62
N VAL C 97 -27.70 -19.04 9.68
CA VAL C 97 -29.15 -18.92 9.75
C VAL C 97 -29.68 -18.73 11.17
N GLN C 98 -29.15 -19.49 12.12
CA GLN C 98 -29.59 -19.40 13.50
C GLN C 98 -28.94 -18.23 14.25
N GLU C 99 -29.66 -17.71 15.23
CA GLU C 99 -29.17 -16.64 16.08
C GLU C 99 -27.97 -17.08 16.91
N ILE C 100 -28.07 -18.27 17.50
CA ILE C 100 -26.98 -18.79 18.34
C ILE C 100 -25.68 -18.89 17.55
N THR C 101 -25.79 -19.23 16.27
CA THR C 101 -24.60 -19.40 15.44
C THR C 101 -23.97 -18.04 15.17
N GLN C 102 -24.81 -17.06 14.82
CA GLN C 102 -24.37 -15.70 14.57
C GLN C 102 -23.70 -15.10 15.80
N HIS C 103 -24.33 -15.33 16.95
CA HIS C 103 -23.86 -14.81 18.23
C HIS C 103 -22.49 -15.41 18.60
N LEU C 104 -22.33 -16.71 18.34
CA LEU C 104 -21.07 -17.37 18.66
C LEU C 104 -19.92 -16.88 17.78
N PHE C 105 -20.20 -16.66 16.50
CA PHE C 105 -19.19 -16.11 15.62
C PHE C 105 -18.86 -14.69 16.07
N PHE C 106 -19.90 -13.91 16.38
CA PHE C 106 -19.74 -12.54 16.83
C PHE C 106 -18.74 -12.44 17.98
N LEU C 107 -18.96 -13.24 19.02
CA LEU C 107 -18.09 -13.20 20.20
C LEU C 107 -16.66 -13.59 19.89
N GLN C 108 -16.48 -14.63 19.08
CA GLN C 108 -15.13 -15.11 18.80
C GLN C 108 -14.34 -14.13 17.93
N VAL C 109 -15.02 -13.56 16.95
CA VAL C 109 -14.41 -12.61 16.04
C VAL C 109 -14.07 -11.32 16.79
N LYS C 110 -14.99 -10.85 17.62
CA LYS C 110 -14.74 -9.64 18.42
C LYS C 110 -13.48 -9.80 19.27
N LYS C 111 -13.33 -10.96 19.90
CA LYS C 111 -12.15 -11.18 20.73
C LYS C 111 -10.87 -11.23 19.89
N GLN C 112 -10.95 -11.84 18.70
CA GLN C 112 -9.80 -11.86 17.81
C GLN C 112 -9.34 -10.45 17.43
N ILE C 113 -10.31 -9.57 17.18
CA ILE C 113 -10.03 -8.19 16.81
C ILE C 113 -9.47 -7.39 18.00
N LEU C 114 -10.10 -7.53 19.16
CA LEU C 114 -9.64 -6.84 20.37
C LEU C 114 -8.24 -7.28 20.78
N ASP C 115 -7.92 -8.56 20.61
CA ASP C 115 -6.59 -9.06 20.95
C ASP C 115 -5.55 -8.86 19.85
N GLU C 116 -5.97 -8.25 18.73
CA GLU C 116 -5.09 -7.97 17.60
C GLU C 116 -4.62 -9.23 16.87
N LYS C 117 -5.40 -10.30 16.96
CA LYS C 117 -5.17 -11.47 16.12
C LYS C 117 -5.55 -11.11 14.71
N VAL C 118 -6.61 -10.30 14.57
CA VAL C 118 -7.07 -9.83 13.28
C VAL C 118 -6.94 -8.32 13.20
N TYR C 119 -6.04 -7.84 12.33
CA TYR C 119 -5.85 -6.40 12.15
C TYR C 119 -7.17 -5.73 11.80
N CYS C 120 -7.40 -4.55 12.36
CA CYS C 120 -8.53 -3.73 11.96
C CYS C 120 -8.09 -2.26 11.95
N PRO C 121 -8.46 -1.51 10.90
CA PRO C 121 -8.16 -0.07 10.83
C PRO C 121 -8.95 0.73 11.86
N PRO C 122 -8.47 1.95 12.20
CA PRO C 122 -9.02 2.70 13.33
C PRO C 122 -10.52 3.07 13.21
N GLU C 123 -10.95 3.63 12.08
CA GLU C 123 -12.36 4.05 11.96
C GLU C 123 -13.29 2.85 11.95
N ALA C 124 -12.93 1.79 11.24
CA ALA C 124 -13.68 0.54 11.33
C ALA C 124 -13.75 0.05 12.78
N SER C 125 -12.65 0.16 13.50
CA SER C 125 -12.61 -0.41 14.84
C SER C 125 -13.60 0.32 15.76
N VAL C 126 -13.76 1.63 15.53
CA VAL C 126 -14.74 2.43 16.26
C VAL C 126 -16.19 2.08 15.89
N LEU C 127 -16.46 1.95 14.59
CA LEU C 127 -17.75 1.47 14.11
C LEU C 127 -18.09 0.08 14.70
N LEU C 128 -17.11 -0.83 14.66
CA LEU C 128 -17.30 -2.16 15.21
C LEU C 128 -17.69 -2.11 16.67
N ALA C 129 -16.96 -1.30 17.44
CA ALA C 129 -17.19 -1.17 18.86
C ALA C 129 -18.60 -0.65 19.11
N SER C 130 -19.09 0.21 18.22
CA SER C 130 -20.42 0.76 18.43
C SER C 130 -21.52 -0.28 18.22
N TYR C 131 -21.30 -1.23 17.31
CA TYR C 131 -22.26 -2.33 17.14
C TYR C 131 -22.18 -3.30 18.31
N ALA C 132 -20.97 -3.56 18.80
CA ALA C 132 -20.78 -4.36 20.00
C ALA C 132 -21.54 -3.73 21.18
N VAL C 133 -21.51 -2.40 21.24
CA VAL C 133 -22.22 -1.68 22.30
C VAL C 133 -23.74 -1.78 22.08
N GLN C 134 -24.18 -1.57 20.85
CA GLN C 134 -25.59 -1.74 20.52
C GLN C 134 -26.08 -3.15 20.86
N ALA C 135 -25.25 -4.15 20.61
CA ALA C 135 -25.60 -5.55 20.90
C ALA C 135 -25.76 -5.81 22.39
N LYS C 136 -24.78 -5.39 23.18
CA LYS C 136 -24.82 -5.61 24.60
C LYS C 136 -25.93 -4.81 25.28
N TYR C 137 -25.96 -3.51 25.05
CA TYR C 137 -26.81 -2.61 25.84
C TYR C 137 -28.21 -2.32 25.29
N GLY C 138 -28.48 -2.68 24.03
CA GLY C 138 -29.72 -2.27 23.37
C GLY C 138 -29.67 -0.80 22.97
N ASP C 139 -30.82 -0.23 22.66
CA ASP C 139 -30.88 1.17 22.23
C ASP C 139 -30.29 2.14 23.25
N TYR C 140 -29.57 3.14 22.74
CA TYR C 140 -29.08 4.22 23.57
C TYR C 140 -30.25 4.89 24.30
N ASP C 141 -30.13 4.94 25.62
CA ASP C 141 -31.07 5.64 26.49
C ASP C 141 -30.29 6.72 27.22
N PRO C 142 -30.57 7.99 26.94
CA PRO C 142 -29.87 9.09 27.61
C PRO C 142 -29.97 9.10 29.14
N SER C 143 -31.00 8.47 29.70
CA SER C 143 -31.19 8.45 31.15
C SER C 143 -30.42 7.30 31.80
N VAL C 144 -29.84 6.46 30.95
CA VAL C 144 -29.14 5.26 31.41
C VAL C 144 -27.68 5.30 30.99
N HIS C 145 -27.39 5.39 29.70
CA HIS C 145 -25.98 5.35 29.39
C HIS C 145 -25.48 6.80 29.38
N LYS C 146 -25.07 7.27 30.56
CA LYS C 146 -24.55 8.61 30.73
C LYS C 146 -23.08 8.59 30.34
N ARG C 147 -22.54 9.75 29.98
CA ARG C 147 -21.11 9.86 29.72
C ARG C 147 -20.33 9.24 30.87
N GLY C 148 -19.41 8.34 30.53
CA GLY C 148 -18.71 7.52 31.51
C GLY C 148 -19.15 6.06 31.56
N PHE C 149 -20.28 5.72 30.95
CA PHE C 149 -20.79 4.35 31.07
C PHE C 149 -19.95 3.26 30.40
N LEU C 150 -19.09 3.66 29.46
CA LEU C 150 -18.21 2.70 28.77
C LEU C 150 -16.79 2.63 29.36
N ALA C 151 -16.51 3.45 30.38
CA ALA C 151 -15.14 3.62 30.90
C ALA C 151 -14.41 2.33 31.28
N GLN C 152 -15.16 1.33 31.73
CA GLN C 152 -14.59 0.03 32.11
C GLN C 152 -14.66 -1.10 31.06
N GLU C 153 -15.14 -0.80 29.86
CA GLU C 153 -15.29 -1.81 28.80
C GLU C 153 -14.06 -1.85 27.91
N GLU C 154 -13.67 -3.01 27.42
CA GLU C 154 -12.61 -3.01 26.41
C GLU C 154 -13.26 -2.98 25.02
N LEU C 155 -13.17 -1.82 24.39
CA LEU C 155 -13.87 -1.62 23.15
C LEU C 155 -13.02 -1.56 21.89
N LEU C 156 -11.71 -1.40 22.05
CA LEU C 156 -10.85 -1.08 20.90
C LEU C 156 -9.55 -1.83 21.01
N PRO C 157 -8.96 -2.22 19.87
CA PRO C 157 -7.60 -2.78 19.98
C PRO C 157 -6.65 -1.76 20.62
N LYS C 158 -5.74 -2.22 21.46
CA LYS C 158 -4.77 -1.33 22.09
C LYS C 158 -3.92 -0.59 21.05
N ARG C 159 -3.60 -1.26 19.95
CA ARG C 159 -2.91 -0.63 18.83
C ARG C 159 -3.63 0.64 18.38
N VAL C 160 -4.94 0.56 18.19
CA VAL C 160 -5.70 1.71 17.68
C VAL C 160 -5.59 2.87 18.66
N ILE C 161 -5.79 2.58 19.94
CA ILE C 161 -5.67 3.58 20.99
C ILE C 161 -4.30 4.28 21.02
N ASN C 162 -3.23 3.51 20.84
CA ASN C 162 -1.88 4.06 20.86
C ASN C 162 -1.55 4.89 19.62
N LEU C 163 -2.34 4.70 18.56
CA LEU C 163 -2.16 5.45 17.31
C LEU C 163 -2.56 6.91 17.49
N TYR C 164 -3.19 7.21 18.63
CA TYR C 164 -3.67 8.55 18.91
C TYR C 164 -3.30 8.97 20.32
N GLN C 165 -3.35 10.27 20.59
CA GLN C 165 -3.11 10.79 21.93
C GLN C 165 -4.42 10.98 22.70
N MET C 166 -5.51 10.50 22.12
CA MET C 166 -6.85 10.65 22.70
C MET C 166 -7.07 9.97 24.05
N THR C 167 -7.91 10.59 24.88
CA THR C 167 -8.25 10.07 26.19
C THR C 167 -9.38 9.03 26.12
N PRO C 168 -9.51 8.19 27.18
CA PRO C 168 -10.64 7.26 27.28
C PRO C 168 -11.97 7.98 27.09
N GLU C 169 -12.05 9.21 27.59
CA GLU C 169 -13.22 10.05 27.42
C GLU C 169 -13.50 10.35 25.95
N MET C 170 -12.44 10.63 25.19
CA MET C 170 -12.58 10.97 23.78
C MET C 170 -13.01 9.78 22.93
N TRP C 171 -12.49 8.61 23.28
CA TRP C 171 -12.81 7.39 22.57
C TRP C 171 -14.23 6.93 22.88
N GLU C 172 -14.65 7.08 24.14
CA GLU C 172 -16.05 6.78 24.50
C GLU C 172 -16.98 7.67 23.68
N GLU C 173 -16.57 8.91 23.49
CA GLU C 173 -17.40 9.88 22.77
C GLU C 173 -17.53 9.53 21.28
N ARG C 174 -16.45 9.08 20.65
CA ARG C 174 -16.49 8.64 19.25
C ARG C 174 -17.43 7.42 19.10
N ILE C 175 -17.23 6.42 19.96
CA ILE C 175 -18.06 5.23 19.94
C ILE C 175 -19.54 5.54 20.22
N THR C 176 -19.79 6.41 21.18
CA THR C 176 -21.15 6.79 21.55
C THR C 176 -21.83 7.56 20.42
N ALA C 177 -21.04 8.29 19.64
CA ALA C 177 -21.58 9.04 18.52
C ALA C 177 -22.26 8.08 17.55
N TRP C 178 -21.54 7.03 17.16
CA TRP C 178 -22.07 6.00 16.28
C TRP C 178 -23.22 5.21 16.95
N TYR C 179 -23.01 4.82 18.19
CA TYR C 179 -23.98 4.03 18.96
C TYR C 179 -25.37 4.67 18.94
N ALA C 180 -25.43 5.98 19.17
CA ALA C 180 -26.73 6.67 19.15
C ALA C 180 -27.41 6.59 17.78
N GLU C 181 -26.64 6.30 16.73
CA GLU C 181 -27.25 6.24 15.40
C GLU C 181 -27.80 4.84 15.09
N HIS C 182 -27.52 3.87 15.96
CA HIS C 182 -27.90 2.48 15.74
C HIS C 182 -29.25 2.10 16.35
N ARG C 183 -29.94 3.05 16.95
CA ARG C 183 -31.19 2.77 17.65
C ARG C 183 -32.19 2.04 16.77
N GLY C 184 -32.77 0.97 17.32
CA GLY C 184 -33.79 0.23 16.59
C GLY C 184 -33.26 -1.08 16.05
N ARG C 185 -31.95 -1.28 16.10
CA ARG C 185 -31.39 -2.55 15.68
C ARG C 185 -31.32 -3.48 16.87
N ALA C 186 -31.99 -4.63 16.71
CA ALA C 186 -32.02 -5.68 17.73
C ALA C 186 -30.65 -6.29 17.92
N ARG C 187 -30.46 -7.00 19.02
CA ARG C 187 -29.18 -7.60 19.34
C ARG C 187 -28.58 -8.35 18.15
N ASP C 188 -29.36 -9.23 17.53
CA ASP C 188 -28.85 -10.06 16.44
C ASP C 188 -28.54 -9.26 15.18
N GLU C 189 -29.32 -8.23 14.91
CA GLU C 189 -29.01 -7.31 13.82
C GLU C 189 -27.67 -6.59 14.04
N ALA C 190 -27.45 -6.10 15.26
CA ALA C 190 -26.23 -5.37 15.58
C ALA C 190 -25.03 -6.30 15.41
N GLU C 191 -25.16 -7.53 15.93
CA GLU C 191 -24.09 -8.50 15.82
C GLU C 191 -23.79 -8.90 14.37
N MET C 192 -24.83 -8.96 13.55
CA MET C 192 -24.62 -9.30 12.14
C MET C 192 -23.97 -8.15 11.37
N GLU C 193 -24.33 -6.91 11.69
CA GLU C 193 -23.67 -5.75 11.11
C GLU C 193 -22.18 -5.74 11.45
N TYR C 194 -21.87 -6.10 12.70
CA TYR C 194 -20.49 -6.30 13.13
C TYR C 194 -19.78 -7.32 12.24
N LEU C 195 -20.38 -8.51 12.10
CA LEU C 195 -19.79 -9.60 11.32
C LEU C 195 -19.62 -9.23 9.85
N LYS C 196 -20.57 -8.46 9.31
CA LYS C 196 -20.53 -8.06 7.92
C LYS C 196 -19.33 -7.15 7.66
N ILE C 197 -19.00 -6.31 8.63
CA ILE C 197 -17.81 -5.47 8.53
C ILE C 197 -16.56 -6.33 8.71
N ALA C 198 -16.57 -7.16 9.75
CA ALA C 198 -15.36 -7.88 10.14
C ALA C 198 -14.95 -8.93 9.12
N GLN C 199 -15.92 -9.52 8.43
CA GLN C 199 -15.62 -10.59 7.49
C GLN C 199 -14.85 -10.06 6.28
N ASP C 200 -14.86 -8.74 6.10
CA ASP C 200 -14.14 -8.11 5.01
C ASP C 200 -12.71 -7.69 5.41
N LEU C 201 -12.35 -7.88 6.67
CA LEU C 201 -10.97 -7.62 7.09
C LEU C 201 -10.05 -8.66 6.46
N GLU C 202 -8.89 -8.20 6.00
CA GLU C 202 -7.94 -9.05 5.29
C GLU C 202 -7.53 -10.31 6.06
N MET C 203 -7.38 -10.19 7.39
CA MET C 203 -6.92 -11.31 8.21
C MET C 203 -8.07 -12.19 8.76
N TYR C 204 -9.31 -11.76 8.56
CA TYR C 204 -10.47 -12.51 9.02
C TYR C 204 -10.53 -13.97 8.54
N GLY C 205 -10.68 -14.89 9.47
CA GLY C 205 -10.85 -16.29 9.11
C GLY C 205 -9.63 -16.99 8.53
N VAL C 206 -8.45 -16.40 8.67
CA VAL C 206 -7.23 -16.99 8.14
C VAL C 206 -6.43 -17.68 9.25
N ASN C 207 -6.13 -18.96 9.06
CA ASN C 207 -5.24 -19.68 9.96
C ASN C 207 -3.79 -19.53 9.48
N TYR C 208 -2.93 -18.97 10.32
CA TYR C 208 -1.55 -18.73 9.94
C TYR C 208 -0.61 -19.78 10.53
N PHE C 209 0.42 -20.15 9.78
CA PHE C 209 1.41 -21.14 10.22
C PHE C 209 2.78 -20.77 9.67
N THR C 210 3.82 -20.97 10.49
CA THR C 210 5.18 -20.69 10.04
C THR C 210 5.74 -21.83 9.19
N ILE C 211 6.27 -21.48 8.02
CA ILE C 211 6.83 -22.48 7.12
C ILE C 211 8.14 -21.96 6.51
N ARG C 212 8.80 -22.81 5.73
CA ARG C 212 9.99 -22.42 4.96
C ARG C 212 9.90 -23.05 3.58
N ASN C 213 10.30 -22.32 2.55
CA ASN C 213 10.37 -22.93 1.21
C ASN C 213 11.68 -23.65 0.97
N LYS C 214 11.93 -24.08 -0.26
CA LYS C 214 13.12 -24.87 -0.55
C LYS C 214 14.38 -24.01 -0.48
N LYS C 215 14.24 -22.72 -0.78
CA LYS C 215 15.35 -21.77 -0.64
C LYS C 215 15.68 -21.52 0.83
N GLY C 216 14.81 -22.01 1.72
CA GLY C 216 15.02 -21.87 3.16
C GLY C 216 14.42 -20.60 3.72
N THR C 217 13.84 -19.78 2.85
CA THR C 217 13.23 -18.51 3.25
C THR C 217 12.06 -18.79 4.19
N GLU C 218 11.99 -18.03 5.28
CA GLU C 218 10.86 -18.15 6.18
C GLU C 218 9.64 -17.51 5.52
N LEU C 219 8.51 -18.22 5.56
CA LEU C 219 7.26 -17.71 5.00
C LEU C 219 6.06 -18.04 5.89
N LEU C 220 4.89 -17.59 5.46
CA LEU C 220 3.64 -17.86 6.16
C LEU C 220 2.63 -18.56 5.24
N LEU C 221 2.11 -19.68 5.70
CA LEU C 221 0.99 -20.33 5.03
C LEU C 221 -0.28 -19.82 5.70
N GLY C 222 -1.18 -19.23 4.92
CA GLY C 222 -2.54 -19.05 5.41
C GLY C 222 -3.46 -20.14 4.92
N VAL C 223 -4.39 -20.56 5.78
CA VAL C 223 -5.40 -21.51 5.35
C VAL C 223 -6.75 -20.89 5.72
N ASP C 224 -7.60 -20.72 4.73
CA ASP C 224 -8.91 -20.12 4.98
C ASP C 224 -10.00 -20.68 4.07
N ALA C 225 -11.16 -20.05 4.09
CA ALA C 225 -12.31 -20.56 3.35
C ALA C 225 -12.12 -20.52 1.83
N LEU C 226 -11.31 -19.58 1.34
CA LEU C 226 -11.08 -19.38 -0.09
C LEU C 226 -9.99 -20.28 -0.70
N GLY C 227 -8.92 -20.54 0.05
CA GLY C 227 -7.87 -21.41 -0.44
C GLY C 227 -6.61 -21.38 0.42
N LEU C 228 -5.50 -21.77 -0.18
CA LEU C 228 -4.20 -21.70 0.48
C LEU C 228 -3.50 -20.43 0.03
N HIS C 229 -2.75 -19.82 0.94
CA HIS C 229 -2.09 -18.55 0.64
C HIS C 229 -0.68 -18.52 1.21
N ILE C 230 0.22 -17.87 0.48
CA ILE C 230 1.60 -17.71 0.91
C ILE C 230 1.91 -16.24 1.18
N TYR C 231 2.39 -15.95 2.39
CA TYR C 231 2.66 -14.58 2.79
C TYR C 231 4.15 -14.38 3.10
N ASP C 232 4.65 -13.18 2.86
CA ASP C 232 5.89 -12.74 3.50
C ASP C 232 5.57 -12.61 4.98
N PRO C 233 6.49 -13.05 5.85
CA PRO C 233 6.30 -13.00 7.31
C PRO C 233 5.92 -11.62 7.84
N GLU C 234 6.35 -10.57 7.14
CA GLU C 234 6.14 -9.21 7.60
C GLU C 234 4.78 -8.67 7.16
N ASN C 235 4.12 -9.37 6.25
CA ASN C 235 2.80 -8.93 5.80
C ASN C 235 1.77 -10.05 5.91
N ARG C 236 0.85 -9.92 6.86
CA ARG C 236 -0.20 -10.92 7.01
C ARG C 236 -1.48 -10.48 6.31
N LEU C 237 -1.45 -9.27 5.76
CA LEU C 237 -2.61 -8.71 5.06
C LEU C 237 -2.80 -9.26 3.65
N THR C 238 -1.73 -9.21 2.86
CA THR C 238 -1.81 -9.60 1.45
C THR C 238 -0.89 -10.76 1.09
N PRO C 239 -1.46 -11.89 0.66
CA PRO C 239 -0.62 -13.02 0.24
C PRO C 239 0.16 -12.68 -1.03
N LYS C 240 1.32 -13.30 -1.20
CA LYS C 240 2.11 -13.15 -2.42
C LYS C 240 1.57 -14.08 -3.50
N ILE C 241 1.09 -15.24 -3.07
CA ILE C 241 0.46 -16.21 -3.96
C ILE C 241 -0.80 -16.76 -3.29
N SER C 242 -1.86 -16.92 -4.08
CA SER C 242 -3.07 -17.57 -3.59
C SER C 242 -3.48 -18.74 -4.47
N PHE C 243 -3.88 -19.83 -3.81
CA PHE C 243 -4.33 -21.03 -4.48
C PHE C 243 -5.77 -21.33 -4.08
N PRO C 244 -6.75 -20.81 -4.83
CA PRO C 244 -8.16 -21.09 -4.60
C PRO C 244 -8.43 -22.60 -4.50
N TRP C 245 -9.42 -22.98 -3.70
CA TRP C 245 -9.67 -24.40 -3.45
C TRP C 245 -10.04 -25.17 -4.71
N ASN C 246 -10.74 -24.51 -5.63
CA ASN C 246 -11.14 -25.18 -6.87
C ASN C 246 -9.97 -25.39 -7.86
N GLU C 247 -8.89 -24.64 -7.67
CA GLU C 247 -7.74 -24.72 -8.57
C GLU C 247 -6.63 -25.68 -8.11
N ILE C 248 -6.86 -26.40 -7.01
CA ILE C 248 -5.86 -27.33 -6.51
C ILE C 248 -6.23 -28.78 -6.78
N ARG C 249 -5.44 -29.45 -7.60
CA ARG C 249 -5.64 -30.87 -7.84
C ARG C 249 -5.26 -31.65 -6.60
N ASN C 250 -4.06 -31.38 -6.10
CA ASN C 250 -3.49 -32.23 -5.05
C ASN C 250 -2.64 -31.48 -4.02
N ILE C 251 -2.78 -31.88 -2.76
CA ILE C 251 -1.83 -31.51 -1.72
C ILE C 251 -1.26 -32.80 -1.15
N SER C 252 0.05 -32.93 -1.22
CA SER C 252 0.71 -34.13 -0.72
C SER C 252 1.68 -33.80 0.39
N TYR C 253 1.83 -34.74 1.31
CA TYR C 253 2.68 -34.52 2.46
C TYR C 253 3.49 -35.76 2.81
N SER C 254 4.81 -35.59 2.88
CA SER C 254 5.68 -36.65 3.38
C SER C 254 6.85 -36.06 4.16
N ASP C 255 7.22 -36.73 5.25
CA ASP C 255 8.21 -36.21 6.20
C ASP C 255 7.79 -34.85 6.73
N LYS C 256 8.65 -33.85 6.56
CA LYS C 256 8.26 -32.51 6.96
C LYS C 256 7.82 -31.66 5.77
N GLU C 257 7.76 -32.27 4.58
CA GLU C 257 7.52 -31.51 3.35
C GLU C 257 6.09 -31.55 2.82
N PHE C 258 5.61 -30.40 2.39
CA PHE C 258 4.31 -30.28 1.72
C PHE C 258 4.53 -29.92 0.25
N THR C 259 3.61 -30.36 -0.61
CA THR C 259 3.60 -29.93 -2.00
C THR C 259 2.19 -29.58 -2.46
N ILE C 260 2.02 -28.36 -2.99
CA ILE C 260 0.74 -27.95 -3.55
C ILE C 260 0.79 -28.09 -5.06
N LYS C 261 -0.01 -29.00 -5.61
CA LYS C 261 -0.07 -29.20 -7.05
C LYS C 261 -1.34 -28.62 -7.65
N PRO C 262 -1.20 -27.52 -8.41
CA PRO C 262 -2.35 -26.92 -9.09
C PRO C 262 -3.00 -27.89 -10.07
N LEU C 263 -4.31 -27.77 -10.26
CA LEU C 263 -5.00 -28.57 -11.27
C LEU C 263 -4.44 -28.23 -12.64
N ASP C 264 -3.78 -27.08 -12.71
CA ASP C 264 -3.07 -26.62 -13.89
C ASP C 264 -1.62 -27.10 -13.90
N LYS C 265 -1.21 -27.69 -15.01
CA LYS C 265 0.15 -28.20 -15.14
C LYS C 265 1.17 -27.09 -15.44
N LYS C 266 0.74 -26.08 -16.19
CA LYS C 266 1.64 -25.01 -16.63
C LYS C 266 1.97 -24.01 -15.52
N ILE C 267 1.32 -24.13 -14.37
CA ILE C 267 1.73 -23.38 -13.17
C ILE C 267 2.61 -24.28 -12.30
N ASP C 268 3.74 -23.74 -11.86
CA ASP C 268 4.70 -24.53 -11.08
C ASP C 268 4.13 -24.97 -9.74
N VAL C 269 4.63 -26.11 -9.26
CA VAL C 269 4.26 -26.62 -7.94
C VAL C 269 4.79 -25.71 -6.85
N PHE C 270 4.22 -25.81 -5.67
CA PHE C 270 4.76 -25.09 -4.52
C PHE C 270 5.07 -26.05 -3.37
N LYS C 271 6.33 -26.07 -2.97
CA LYS C 271 6.77 -26.93 -1.88
C LYS C 271 7.19 -26.07 -0.69
N PHE C 272 6.88 -26.54 0.52
CA PHE C 272 7.34 -25.86 1.72
C PHE C 272 7.57 -26.81 2.89
N ASN C 273 8.31 -26.34 3.89
CA ASN C 273 8.66 -27.16 5.04
C ASN C 273 8.15 -26.64 6.39
N SER C 274 7.64 -27.56 7.20
CA SER C 274 7.29 -27.27 8.58
C SER C 274 7.77 -28.41 9.48
N SER C 275 8.59 -28.07 10.48
CA SER C 275 9.20 -29.07 11.35
C SER C 275 8.24 -29.65 12.39
N LYS C 276 7.37 -28.80 12.94
CA LYS C 276 6.47 -29.24 14.00
C LYS C 276 5.36 -30.12 13.43
N LEU C 277 5.30 -31.35 13.94
CA LEU C 277 4.45 -32.38 13.34
C LEU C 277 2.97 -32.23 13.68
N ARG C 278 2.66 -31.72 14.86
CA ARG C 278 1.26 -31.51 15.23
C ARG C 278 0.66 -30.27 14.55
N VAL C 279 1.52 -29.35 14.16
CA VAL C 279 1.10 -28.26 13.28
C VAL C 279 0.63 -28.86 11.96
N ASN C 280 1.47 -29.71 11.38
CA ASN C 280 1.22 -30.26 10.07
C ASN C 280 -0.09 -31.03 9.97
N LYS C 281 -0.43 -31.74 11.05
CA LYS C 281 -1.66 -32.50 11.07
C LYS C 281 -2.85 -31.56 11.12
N LEU C 282 -2.68 -30.43 11.83
CA LEU C 282 -3.73 -29.44 11.91
C LEU C 282 -3.94 -28.82 10.53
N ILE C 283 -2.84 -28.50 9.84
CA ILE C 283 -2.90 -27.92 8.50
C ILE C 283 -3.70 -28.80 7.56
N LEU C 284 -3.39 -30.09 7.56
CA LEU C 284 -4.07 -31.03 6.67
C LEU C 284 -5.57 -31.04 6.93
N GLN C 285 -5.94 -31.09 8.21
CA GLN C 285 -7.34 -31.08 8.60
C GLN C 285 -8.06 -29.80 8.16
N LEU C 286 -7.39 -28.66 8.34
CA LEU C 286 -7.95 -27.38 7.94
C LEU C 286 -8.13 -27.29 6.42
N CYS C 287 -7.20 -27.89 5.69
CA CYS C 287 -7.29 -27.96 4.24
C CYS C 287 -8.49 -28.78 3.81
N ILE C 288 -8.60 -29.98 4.36
CA ILE C 288 -9.73 -30.85 4.05
C ILE C 288 -11.07 -30.17 4.34
N GLY C 289 -11.19 -29.64 5.56
CA GLY C 289 -12.42 -29.01 6.00
C GLY C 289 -12.84 -27.84 5.14
N ASN C 290 -11.90 -26.93 4.90
CA ASN C 290 -12.19 -25.74 4.13
C ASN C 290 -12.54 -26.06 2.67
N HIS C 291 -11.72 -26.91 2.05
CA HIS C 291 -11.98 -27.34 0.68
C HIS C 291 -13.39 -27.90 0.53
N ASP C 292 -13.78 -28.79 1.44
CA ASP C 292 -15.12 -29.37 1.41
C ASP C 292 -16.21 -28.31 1.43
N LEU C 293 -16.19 -27.45 2.45
CA LEU C 293 -17.22 -26.43 2.62
C LEU C 293 -17.24 -25.46 1.45
N PHE C 294 -16.08 -25.23 0.87
CA PHE C 294 -15.95 -24.41 -0.33
C PHE C 294 -16.75 -25.01 -1.49
N MET C 295 -16.67 -26.33 -1.64
CA MET C 295 -17.37 -27.00 -2.73
C MET C 295 -18.87 -27.07 -2.47
N ARG C 296 -19.24 -27.28 -1.21
CA ARG C 296 -20.64 -27.37 -0.84
C ARG C 296 -21.38 -26.06 -1.10
N ARG C 297 -20.71 -24.94 -0.90
CA ARG C 297 -21.33 -23.65 -1.18
C ARG C 297 -21.55 -23.48 -2.68
N ARG C 298 -20.74 -24.19 -3.46
CA ARG C 298 -20.72 -24.02 -4.91
C ARG C 298 -21.55 -25.02 -5.72
N LYS C 299 -22.27 -25.90 -5.05
CA LYS C 299 -23.27 -26.71 -5.73
C LYS C 299 -24.38 -25.75 -6.16
N ALA C 300 -24.65 -25.71 -7.47
CA ALA C 300 -25.59 -24.73 -8.02
C ALA C 300 -27.03 -25.21 -7.89
N PRO D 6 16.12 12.69 -62.55
CA PRO D 6 15.79 12.13 -61.24
C PRO D 6 14.76 13.00 -60.51
N LYS D 7 13.58 13.12 -61.09
CA LYS D 7 12.49 13.95 -60.56
C LYS D 7 12.18 13.58 -59.11
N THR D 8 12.19 14.57 -58.23
CA THR D 8 12.08 14.33 -56.80
C THR D 8 11.18 15.31 -56.07
N PHE D 9 10.41 14.80 -55.12
CA PHE D 9 9.53 15.62 -54.30
C PHE D 9 10.16 15.84 -52.92
N THR D 10 9.93 17.02 -52.35
CA THR D 10 10.61 17.43 -51.12
C THR D 10 9.96 16.88 -49.84
N VAL D 11 10.81 16.31 -48.99
CA VAL D 11 10.37 15.74 -47.71
C VAL D 11 11.03 16.44 -46.52
N ARG D 12 10.21 16.82 -45.54
CA ARG D 12 10.69 17.41 -44.30
C ARG D 12 10.62 16.40 -43.16
N ILE D 13 11.73 16.21 -42.46
CA ILE D 13 11.78 15.24 -41.36
C ILE D 13 11.98 15.92 -40.01
N VAL D 14 11.03 15.75 -39.11
CA VAL D 14 11.11 16.35 -37.77
C VAL D 14 11.57 15.37 -36.69
N THR D 15 12.75 15.61 -36.13
CA THR D 15 13.18 14.87 -34.95
C THR D 15 12.77 15.65 -33.71
N MET D 16 13.09 15.13 -32.53
CA MET D 16 12.74 15.82 -31.30
C MET D 16 13.45 17.16 -31.15
N ASP D 17 14.73 17.21 -31.49
CA ASP D 17 15.50 18.48 -31.42
C ASP D 17 15.76 19.25 -32.73
N ALA D 18 15.37 18.71 -33.89
CA ALA D 18 15.85 19.26 -35.15
C ALA D 18 14.96 19.02 -36.38
N GLU D 19 15.25 19.74 -37.47
CA GLU D 19 14.56 19.57 -38.76
C GLU D 19 15.53 19.23 -39.90
N MET D 20 15.07 18.40 -40.83
CA MET D 20 15.85 18.07 -42.02
C MET D 20 15.01 18.14 -43.28
N GLU D 21 15.68 18.41 -44.40
CA GLU D 21 15.03 18.44 -45.70
C GLU D 21 15.73 17.47 -46.64
N PHE D 22 14.97 16.51 -47.16
CA PHE D 22 15.53 15.54 -48.09
C PHE D 22 14.78 15.57 -49.41
N ASN D 23 15.52 15.35 -50.50
CA ASN D 23 14.89 15.17 -51.80
C ASN D 23 14.61 13.70 -52.01
N CYS D 24 13.33 13.37 -52.09
CA CYS D 24 12.88 11.99 -52.16
C CYS D 24 12.43 11.70 -53.59
N GLU D 25 13.10 10.76 -54.25
CA GLU D 25 12.68 10.38 -55.60
C GLU D 25 11.31 9.73 -55.60
N MET D 26 10.53 10.03 -56.63
CA MET D 26 9.12 9.65 -56.71
C MET D 26 8.90 8.14 -56.52
N LYS D 27 9.89 7.36 -56.91
CA LYS D 27 9.78 5.91 -56.86
C LYS D 27 10.07 5.33 -55.48
N TRP D 28 10.51 6.19 -54.56
CA TRP D 28 11.02 5.71 -53.28
C TRP D 28 10.01 5.04 -52.36
N LYS D 29 10.52 4.14 -51.54
CA LYS D 29 9.75 3.29 -50.66
C LYS D 29 10.07 3.74 -49.24
N GLY D 30 9.18 3.44 -48.29
CA GLY D 30 9.39 3.81 -46.90
C GLY D 30 10.74 3.38 -46.38
N LYS D 31 11.20 2.23 -46.87
CA LYS D 31 12.52 1.68 -46.57
C LYS D 31 13.65 2.65 -46.89
N ASP D 32 13.62 3.22 -48.10
CA ASP D 32 14.69 4.08 -48.57
C ASP D 32 14.79 5.36 -47.76
N LEU D 33 13.64 5.96 -47.45
CA LEU D 33 13.59 7.21 -46.72
C LEU D 33 14.09 7.00 -45.29
N PHE D 34 13.56 5.96 -44.64
CA PHE D 34 13.93 5.62 -43.27
C PHE D 34 15.43 5.40 -43.16
N ASP D 35 15.97 4.57 -44.05
CA ASP D 35 17.40 4.30 -44.09
C ASP D 35 18.20 5.59 -44.25
N LEU D 36 17.68 6.50 -45.07
CA LEU D 36 18.36 7.76 -45.32
C LEU D 36 18.38 8.66 -44.08
N VAL D 37 17.27 8.72 -43.36
CA VAL D 37 17.20 9.52 -42.14
C VAL D 37 18.14 8.94 -41.09
N CYS D 38 18.00 7.65 -40.83
CA CYS D 38 18.86 6.95 -39.88
C CYS D 38 20.34 7.15 -40.22
N ARG D 39 20.66 7.13 -41.50
CA ARG D 39 22.04 7.27 -41.95
C ARG D 39 22.53 8.70 -41.70
N THR D 40 21.63 9.66 -41.87
CA THR D 40 21.97 11.06 -41.67
C THR D 40 22.17 11.33 -40.18
N LEU D 41 21.45 10.57 -39.36
CA LEU D 41 21.53 10.70 -37.91
C LEU D 41 22.72 9.97 -37.33
N GLY D 42 23.31 9.05 -38.09
CA GLY D 42 24.37 8.22 -37.59
C GLY D 42 23.79 7.19 -36.62
N LEU D 43 22.53 6.84 -36.85
CA LEU D 43 21.82 5.95 -35.94
C LEU D 43 21.80 4.51 -36.46
N ARG D 44 22.50 3.62 -35.75
CA ARG D 44 22.51 2.22 -36.11
C ARG D 44 21.44 1.37 -35.42
N GLU D 45 20.83 1.84 -34.34
CA GLU D 45 19.85 0.98 -33.69
C GLU D 45 18.51 1.49 -34.16
N THR D 46 18.04 0.90 -35.25
CA THR D 46 16.94 1.49 -36.00
C THR D 46 15.60 0.84 -35.68
N TRP D 47 15.65 -0.32 -35.02
CA TRP D 47 14.47 -1.13 -34.84
C TRP D 47 13.48 -0.50 -33.86
N PHE D 48 13.96 0.46 -33.07
CA PHE D 48 13.09 1.19 -32.15
C PHE D 48 12.31 2.26 -32.88
N PHE D 49 12.85 2.75 -33.98
CA PHE D 49 12.35 3.99 -34.56
C PHE D 49 11.44 3.80 -35.78
N GLY D 50 10.91 4.92 -36.28
CA GLY D 50 9.98 4.92 -37.40
C GLY D 50 9.67 6.32 -37.88
N LEU D 51 8.93 6.42 -38.99
CA LEU D 51 8.54 7.70 -39.54
C LEU D 51 7.05 7.88 -39.41
N GLN D 52 6.64 8.82 -38.57
CA GLN D 52 5.25 8.95 -38.19
C GLN D 52 4.59 10.14 -38.88
N TYR D 53 3.36 9.94 -39.27
CA TYR D 53 2.50 11.00 -39.73
C TYR D 53 1.14 10.76 -39.17
N THR D 54 0.31 11.78 -39.15
CA THR D 54 -1.01 11.66 -38.56
C THR D 54 -2.13 11.93 -39.54
N ILE D 55 -3.11 11.05 -39.57
CA ILE D 55 -4.30 11.25 -40.36
C ILE D 55 -5.57 10.98 -39.60
N LYS D 56 -6.55 11.86 -39.73
CA LYS D 56 -7.85 11.57 -39.14
C LYS D 56 -7.67 11.46 -37.64
N ASP D 57 -6.68 12.17 -37.15
CA ASP D 57 -6.45 12.18 -35.73
C ASP D 57 -5.89 10.88 -35.26
N THR D 58 -5.40 10.07 -36.18
CA THR D 58 -4.78 8.82 -35.77
C THR D 58 -3.40 8.70 -36.32
N VAL D 59 -2.46 8.30 -35.48
CA VAL D 59 -1.06 8.17 -35.86
C VAL D 59 -0.88 6.98 -36.78
N ALA D 60 0.05 7.09 -37.70
CA ALA D 60 0.35 6.01 -38.57
C ALA D 60 1.83 5.97 -38.84
N TRP D 61 2.37 4.80 -39.12
CA TRP D 61 3.80 4.69 -39.38
C TRP D 61 4.07 4.32 -40.83
N LEU D 62 5.13 4.87 -41.40
CA LEU D 62 5.52 4.57 -42.77
C LEU D 62 5.82 3.09 -42.91
N LYS D 63 5.11 2.43 -43.82
CA LYS D 63 5.39 1.03 -44.12
C LYS D 63 6.71 0.93 -44.89
N MET D 64 7.58 0.03 -44.46
CA MET D 64 8.91 -0.09 -45.07
C MET D 64 8.88 -0.63 -46.50
N ASP D 65 7.90 -1.48 -46.79
CA ASP D 65 7.79 -2.12 -48.11
C ASP D 65 6.85 -1.39 -49.08
N LYS D 66 6.31 -0.26 -48.65
CA LYS D 66 5.34 0.50 -49.44
C LYS D 66 5.95 1.80 -50.00
N LYS D 67 5.49 2.17 -51.18
CA LYS D 67 5.85 3.45 -51.78
C LYS D 67 5.52 4.57 -50.80
N VAL D 68 6.41 5.56 -50.70
CA VAL D 68 6.18 6.70 -49.83
C VAL D 68 4.85 7.39 -50.16
N LEU D 69 4.65 7.68 -51.44
CA LEU D 69 3.49 8.44 -51.87
C LEU D 69 2.23 7.59 -52.08
N ASP D 70 2.33 6.29 -51.81
CA ASP D 70 1.14 5.43 -51.78
C ASP D 70 0.44 5.51 -50.43
N HIS D 71 1.16 6.03 -49.44
CA HIS D 71 0.57 6.31 -48.13
C HIS D 71 -0.42 7.46 -48.27
N ASP D 72 -1.37 7.54 -47.33
CA ASP D 72 -2.39 8.57 -47.39
C ASP D 72 -1.99 9.87 -46.69
N VAL D 73 -0.71 9.96 -46.31
CA VAL D 73 -0.13 11.19 -45.78
C VAL D 73 -0.35 12.34 -46.77
N SER D 74 -0.50 13.55 -46.25
CA SER D 74 -0.83 14.67 -47.07
C SER D 74 0.27 14.89 -48.05
N LYS D 75 -0.07 15.21 -49.29
CA LYS D 75 0.93 15.46 -50.31
C LYS D 75 1.33 16.92 -50.43
N GLU D 76 0.71 17.78 -49.63
CA GLU D 76 1.09 19.17 -49.66
C GLU D 76 2.52 19.29 -49.25
N GLU D 77 3.32 19.90 -50.10
CA GLU D 77 4.75 20.06 -49.85
C GLU D 77 5.05 21.09 -48.75
N PRO D 78 6.12 20.89 -48.00
CA PRO D 78 6.90 19.66 -48.06
C PRO D 78 6.16 18.51 -47.37
N VAL D 79 6.30 17.29 -47.89
CA VAL D 79 5.73 16.13 -47.22
C VAL D 79 6.42 16.04 -45.88
N THR D 80 5.68 15.71 -44.83
CA THR D 80 6.23 15.84 -43.51
C THR D 80 6.11 14.60 -42.65
N PHE D 81 7.20 14.18 -42.06
CA PHE D 81 7.21 13.05 -41.12
C PHE D 81 7.96 13.38 -39.84
N HIS D 82 7.47 12.84 -38.73
CA HIS D 82 8.16 12.94 -37.45
C HIS D 82 8.95 11.67 -37.16
N PHE D 83 10.26 11.81 -36.95
CA PHE D 83 11.10 10.67 -36.59
C PHE D 83 11.00 10.46 -35.09
N LEU D 84 10.46 9.31 -34.68
CA LEU D 84 10.17 9.02 -33.29
C LEU D 84 10.41 7.54 -32.96
N ALA D 85 10.69 7.25 -31.70
CA ALA D 85 10.75 5.87 -31.27
C ALA D 85 9.34 5.27 -31.32
N LYS D 86 9.22 4.18 -32.09
CA LYS D 86 8.00 3.37 -32.16
C LYS D 86 7.93 2.36 -31.00
N PHE D 87 9.08 1.81 -30.64
CA PHE D 87 9.14 0.80 -29.60
C PHE D 87 10.12 1.21 -28.50
N TYR D 88 9.90 0.72 -27.29
CA TYR D 88 10.75 1.08 -26.17
C TYR D 88 11.44 -0.16 -25.62
N PRO D 89 12.71 -0.03 -25.23
CA PRO D 89 13.43 -1.18 -24.66
C PRO D 89 12.84 -1.59 -23.31
N GLU D 90 13.13 -2.80 -22.84
CA GLU D 90 12.76 -3.18 -21.48
C GLU D 90 13.74 -2.60 -20.47
N ASN D 91 15.01 -2.57 -20.84
CA ASN D 91 16.04 -1.95 -20.02
C ASN D 91 16.88 -0.97 -20.86
N ALA D 92 16.73 0.33 -20.60
CA ALA D 92 17.34 1.35 -21.43
C ALA D 92 18.86 1.37 -21.33
N GLU D 93 19.36 1.22 -20.10
CA GLU D 93 20.79 1.27 -19.85
C GLU D 93 21.46 0.10 -20.57
N GLU D 94 20.76 -1.02 -20.58
CA GLU D 94 21.26 -2.22 -21.24
C GLU D 94 21.18 -2.08 -22.74
N GLU D 95 20.01 -1.73 -23.25
CA GLU D 95 19.73 -1.86 -24.68
C GLU D 95 20.10 -0.69 -25.58
N LEU D 96 20.32 0.51 -25.02
CA LEU D 96 20.64 1.63 -25.89
C LEU D 96 22.14 1.91 -25.83
N VAL D 97 22.84 1.47 -26.88
CA VAL D 97 24.29 1.51 -26.92
C VAL D 97 24.83 2.85 -27.41
N GLN D 98 24.20 3.37 -28.46
CA GLN D 98 24.63 4.63 -29.05
C GLN D 98 24.09 5.81 -28.25
N GLU D 99 24.91 6.84 -28.10
CA GLU D 99 24.50 8.07 -27.45
C GLU D 99 23.34 8.72 -28.22
N ILE D 100 23.43 8.67 -29.55
CA ILE D 100 22.41 9.29 -30.40
C ILE D 100 21.05 8.65 -30.08
N THR D 101 21.07 7.35 -29.87
CA THR D 101 19.85 6.61 -29.54
C THR D 101 19.38 7.02 -28.15
N GLN D 102 20.32 7.05 -27.21
CA GLN D 102 20.02 7.44 -25.84
C GLN D 102 19.40 8.82 -25.81
N HIS D 103 19.98 9.75 -26.57
CA HIS D 103 19.55 11.13 -26.59
C HIS D 103 18.13 11.28 -27.17
N LEU D 104 17.86 10.57 -28.27
CA LEU D 104 16.55 10.64 -28.91
C LEU D 104 15.45 10.12 -28.00
N PHE D 105 15.75 9.05 -27.26
CA PHE D 105 14.79 8.51 -26.31
C PHE D 105 14.55 9.52 -25.20
N PHE D 106 15.63 10.08 -24.66
CA PHE D 106 15.55 11.05 -23.58
C PHE D 106 14.65 12.22 -23.92
N LEU D 107 14.88 12.83 -25.09
CA LEU D 107 14.07 13.96 -25.53
C LEU D 107 12.60 13.58 -25.70
N GLN D 108 12.35 12.41 -26.28
CA GLN D 108 10.98 11.96 -26.53
C GLN D 108 10.26 11.65 -25.20
N VAL D 109 10.94 10.96 -24.30
CA VAL D 109 10.33 10.61 -23.03
C VAL D 109 10.10 11.82 -22.12
N LYS D 110 11.07 12.74 -22.07
CA LYS D 110 10.92 13.97 -21.28
C LYS D 110 9.67 14.73 -21.72
N LYS D 111 9.50 14.83 -23.02
CA LYS D 111 8.34 15.51 -23.60
C LYS D 111 7.03 14.86 -23.15
N GLN D 112 7.00 13.52 -23.17
CA GLN D 112 5.81 12.79 -22.74
C GLN D 112 5.48 13.06 -21.29
N ILE D 113 6.50 13.13 -20.45
CA ILE D 113 6.32 13.43 -19.04
C ILE D 113 5.87 14.87 -18.79
N LEU D 114 6.51 15.82 -19.47
CA LEU D 114 6.14 17.22 -19.32
C LEU D 114 4.73 17.52 -19.83
N ASP D 115 4.33 16.85 -20.91
CA ASP D 115 2.99 17.03 -21.48
C ASP D 115 1.95 16.16 -20.78
N GLU D 116 2.38 15.43 -19.75
CA GLU D 116 1.49 14.58 -18.96
C GLU D 116 0.88 13.41 -19.74
N LYS D 117 1.55 13.01 -20.82
CA LYS D 117 1.19 11.78 -21.53
C LYS D 117 1.55 10.58 -20.66
N VAL D 118 2.55 10.78 -19.81
CA VAL D 118 3.01 9.73 -18.91
C VAL D 118 2.97 10.26 -17.49
N TYR D 119 2.12 9.66 -16.66
CA TYR D 119 1.95 10.13 -15.30
C TYR D 119 3.28 10.08 -14.58
N CYS D 120 3.59 11.12 -13.80
CA CYS D 120 4.75 11.03 -12.92
C CYS D 120 4.42 11.64 -11.57
N PRO D 121 4.83 10.97 -10.48
CA PRO D 121 4.55 11.50 -9.14
C PRO D 121 5.44 12.72 -8.81
N PRO D 122 5.03 13.55 -7.84
CA PRO D 122 5.69 14.85 -7.63
C PRO D 122 7.20 14.79 -7.33
N GLU D 123 7.60 13.92 -6.41
CA GLU D 123 9.01 13.85 -6.03
C GLU D 123 9.86 13.34 -7.18
N ALA D 124 9.40 12.29 -7.86
CA ALA D 124 10.13 11.79 -9.02
C ALA D 124 10.24 12.84 -10.14
N SER D 125 9.23 13.70 -10.29
CA SER D 125 9.23 14.70 -11.35
C SER D 125 10.27 15.79 -11.06
N VAL D 126 10.52 16.05 -9.78
CA VAL D 126 11.59 16.95 -9.38
C VAL D 126 12.95 16.33 -9.66
N LEU D 127 13.13 15.07 -9.27
CA LEU D 127 14.37 14.34 -9.55
C LEU D 127 14.67 14.32 -11.05
N LEU D 128 13.64 14.05 -11.84
CA LEU D 128 13.79 14.02 -13.29
C LEU D 128 14.23 15.37 -13.85
N ALA D 129 13.55 16.43 -13.41
CA ALA D 129 13.91 17.78 -13.83
C ALA D 129 15.38 18.07 -13.53
N SER D 130 15.83 17.67 -12.35
CA SER D 130 17.20 17.93 -11.93
C SER D 130 18.25 17.23 -12.79
N TYR D 131 17.91 16.06 -13.33
CA TYR D 131 18.81 15.37 -14.24
C TYR D 131 18.79 16.03 -15.60
N ALA D 132 17.63 16.56 -15.97
CA ALA D 132 17.49 17.25 -17.24
C ALA D 132 18.30 18.54 -17.19
N VAL D 133 18.24 19.24 -16.05
CA VAL D 133 19.07 20.43 -15.85
C VAL D 133 20.58 20.10 -15.92
N GLN D 134 21.00 19.04 -15.24
CA GLN D 134 22.40 18.62 -15.28
C GLN D 134 22.86 18.33 -16.70
N ALA D 135 22.00 17.69 -17.48
CA ALA D 135 22.28 17.34 -18.87
C ALA D 135 22.50 18.57 -19.73
N LYS D 136 21.65 19.57 -19.54
CA LYS D 136 21.73 20.78 -20.33
C LYS D 136 22.77 21.80 -19.79
N TYR D 137 22.81 21.99 -18.48
CA TYR D 137 23.66 23.05 -17.92
C TYR D 137 25.08 22.67 -17.46
N GLY D 138 25.36 21.38 -17.34
CA GLY D 138 26.56 20.94 -16.65
C GLY D 138 26.43 21.19 -15.16
N ASP D 139 27.53 20.99 -14.43
CA ASP D 139 27.55 21.14 -12.97
C ASP D 139 27.02 22.46 -12.46
N TYR D 140 26.27 22.40 -11.36
CA TYR D 140 25.77 23.60 -10.72
C TYR D 140 26.94 24.45 -10.26
N ASP D 141 26.92 25.73 -10.66
CA ASP D 141 28.02 26.67 -10.42
C ASP D 141 27.47 28.03 -10.01
N PRO D 142 27.42 28.30 -8.70
CA PRO D 142 26.87 29.57 -8.22
C PRO D 142 27.46 30.82 -8.86
N SER D 143 28.68 30.73 -9.42
CA SER D 143 29.30 31.90 -10.09
C SER D 143 28.69 32.14 -11.47
N VAL D 144 27.97 31.13 -11.95
CA VAL D 144 27.29 31.17 -13.25
C VAL D 144 25.77 31.14 -13.06
N HIS D 145 25.25 30.15 -12.32
CA HIS D 145 23.81 30.02 -12.23
C HIS D 145 23.27 30.83 -11.03
N LYS D 146 22.85 32.04 -11.34
CA LYS D 146 22.25 32.97 -10.39
C LYS D 146 20.75 32.73 -10.25
N ARG D 147 20.17 33.17 -9.14
CA ARG D 147 18.74 32.99 -8.94
C ARG D 147 17.97 33.50 -10.15
N GLY D 148 17.07 32.68 -10.65
CA GLY D 148 16.34 33.01 -11.86
C GLY D 148 16.84 32.30 -13.09
N PHE D 149 17.97 31.60 -12.99
CA PHE D 149 18.55 30.97 -14.19
C PHE D 149 17.65 29.92 -14.84
N LEU D 150 16.72 29.37 -14.08
CA LEU D 150 15.79 28.36 -14.62
C LEU D 150 14.40 28.93 -15.03
N ALA D 151 14.21 30.23 -14.86
CA ALA D 151 12.89 30.86 -15.03
C ALA D 151 12.23 30.62 -16.38
N GLN D 152 13.03 30.39 -17.42
CA GLN D 152 12.49 30.23 -18.77
C GLN D 152 12.29 28.78 -19.20
N GLU D 153 12.67 27.84 -18.36
CA GLU D 153 12.59 26.42 -18.73
C GLU D 153 11.27 25.79 -18.26
N GLU D 154 10.71 24.87 -19.04
CA GLU D 154 9.60 24.09 -18.49
C GLU D 154 10.19 22.82 -17.92
N LEU D 155 10.23 22.76 -16.60
CA LEU D 155 10.88 21.67 -15.91
C LEU D 155 9.94 20.59 -15.36
N LEU D 156 8.66 20.90 -15.24
CA LEU D 156 7.75 20.05 -14.48
C LEU D 156 6.39 20.00 -15.16
N PRO D 157 5.67 18.88 -14.99
CA PRO D 157 4.29 18.82 -15.50
C PRO D 157 3.45 19.86 -14.76
N LYS D 158 2.55 20.55 -15.44
CA LYS D 158 1.73 21.58 -14.79
C LYS D 158 0.92 21.00 -13.64
N ARG D 159 0.53 19.73 -13.80
CA ARG D 159 -0.15 18.95 -12.79
C ARG D 159 0.57 18.98 -11.45
N VAL D 160 1.90 18.80 -11.49
CA VAL D 160 2.70 18.80 -10.28
C VAL D 160 2.78 20.20 -9.69
N ILE D 161 2.98 21.20 -10.55
CA ILE D 161 3.08 22.59 -10.11
C ILE D 161 1.82 23.02 -9.36
N ASN D 162 0.67 22.62 -9.89
CA ASN D 162 -0.63 23.01 -9.32
C ASN D 162 -0.96 22.29 -8.02
N LEU D 163 -0.19 21.25 -7.72
CA LEU D 163 -0.37 20.49 -6.49
C LEU D 163 0.24 21.27 -5.33
N TYR D 164 0.94 22.36 -5.64
CA TYR D 164 1.66 23.13 -4.61
C TYR D 164 1.41 24.63 -4.67
N GLN D 165 1.79 25.32 -3.58
CA GLN D 165 1.63 26.77 -3.46
C GLN D 165 2.89 27.57 -3.80
N MET D 166 3.91 26.90 -4.31
CA MET D 166 5.23 27.49 -4.47
C MET D 166 5.41 28.40 -5.72
N THR D 167 6.18 29.46 -5.55
CA THR D 167 6.55 30.35 -6.65
C THR D 167 7.59 29.67 -7.54
N PRO D 168 7.75 30.16 -8.79
CA PRO D 168 8.80 29.69 -9.69
C PRO D 168 10.18 29.67 -9.03
N GLU D 169 10.44 30.67 -8.20
CA GLU D 169 11.68 30.75 -7.45
C GLU D 169 11.82 29.60 -6.45
N MET D 170 10.73 29.25 -5.78
CA MET D 170 10.79 28.16 -4.81
C MET D 170 11.02 26.82 -5.51
N TRP D 171 10.48 26.67 -6.71
CA TRP D 171 10.64 25.45 -7.48
C TRP D 171 12.08 25.32 -7.98
N GLU D 172 12.65 26.46 -8.38
CA GLU D 172 14.02 26.51 -8.83
C GLU D 172 14.93 26.05 -7.71
N GLU D 173 14.61 26.47 -6.49
CA GLU D 173 15.36 26.06 -5.32
C GLU D 173 15.21 24.57 -5.01
N ARG D 174 14.00 24.03 -5.15
CA ARG D 174 13.79 22.59 -4.93
C ARG D 174 14.57 21.77 -5.92
N ILE D 175 14.48 22.15 -7.19
CA ILE D 175 15.16 21.44 -8.26
C ILE D 175 16.68 21.57 -8.13
N THR D 176 17.15 22.77 -7.79
CA THR D 176 18.57 23.02 -7.60
C THR D 176 19.18 22.16 -6.49
N ALA D 177 18.41 21.93 -5.43
CA ALA D 177 18.87 21.10 -4.32
C ALA D 177 19.26 19.70 -4.83
N TRP D 178 18.49 19.17 -5.77
CA TRP D 178 18.83 17.87 -6.36
C TRP D 178 19.96 18.02 -7.39
N TYR D 179 19.82 19.03 -8.24
CA TYR D 179 20.72 19.28 -9.36
C TYR D 179 22.18 19.41 -8.90
N ALA D 180 22.37 20.10 -7.79
CA ALA D 180 23.68 20.31 -7.20
C ALA D 180 24.40 18.99 -6.86
N GLU D 181 23.64 17.96 -6.53
CA GLU D 181 24.23 16.67 -6.12
C GLU D 181 24.64 15.80 -7.31
N HIS D 182 24.22 16.20 -8.52
CA HIS D 182 24.51 15.46 -9.75
C HIS D 182 25.84 15.85 -10.40
N ARG D 183 26.59 16.74 -9.75
CA ARG D 183 27.78 17.29 -10.38
C ARG D 183 28.81 16.20 -10.71
N GLY D 184 29.47 16.35 -11.86
CA GLY D 184 30.42 15.36 -12.34
C GLY D 184 29.83 14.46 -13.41
N ARG D 185 28.51 14.42 -13.51
CA ARG D 185 27.91 13.56 -14.54
C ARG D 185 27.79 14.31 -15.86
N ALA D 186 28.32 13.72 -16.92
CA ALA D 186 28.26 14.32 -18.24
C ALA D 186 26.85 14.19 -18.80
N ARG D 187 26.61 14.78 -19.97
CA ARG D 187 25.26 14.84 -20.51
C ARG D 187 24.63 13.46 -20.71
N ASP D 188 25.40 12.49 -21.20
CA ASP D 188 24.81 11.19 -21.49
C ASP D 188 24.54 10.39 -20.22
N GLU D 189 25.39 10.57 -19.22
CA GLU D 189 25.18 9.97 -17.91
C GLU D 189 23.90 10.51 -17.26
N ALA D 190 23.75 11.83 -17.25
CA ALA D 190 22.53 12.47 -16.74
C ALA D 190 21.27 12.02 -17.49
N GLU D 191 21.35 11.98 -18.82
CA GLU D 191 20.17 11.61 -19.61
C GLU D 191 19.79 10.14 -19.43
N MET D 192 20.79 9.28 -19.17
CA MET D 192 20.51 7.87 -18.91
C MET D 192 19.91 7.68 -17.51
N GLU D 193 20.37 8.48 -16.55
CA GLU D 193 19.81 8.47 -15.22
C GLU D 193 18.35 8.87 -15.26
N TYR D 194 18.05 9.88 -16.09
CA TYR D 194 16.68 10.29 -16.35
C TYR D 194 15.86 9.12 -16.91
N LEU D 195 16.40 8.43 -17.91
CA LEU D 195 15.71 7.32 -18.55
C LEU D 195 15.49 6.15 -17.58
N LYS D 196 16.43 5.97 -16.67
CA LYS D 196 16.36 4.88 -15.70
C LYS D 196 15.24 5.07 -14.68
N ILE D 197 14.93 6.32 -14.36
CA ILE D 197 13.80 6.62 -13.51
C ILE D 197 12.49 6.53 -14.32
N ALA D 198 12.50 7.13 -15.51
CA ALA D 198 11.30 7.22 -16.33
C ALA D 198 10.74 5.86 -16.73
N GLN D 199 11.61 4.92 -17.10
CA GLN D 199 11.16 3.61 -17.59
C GLN D 199 10.44 2.79 -16.52
N ASP D 200 10.58 3.18 -15.26
CA ASP D 200 9.90 2.50 -14.16
C ASP D 200 8.54 3.12 -13.83
N LEU D 201 8.15 4.14 -14.59
CA LEU D 201 6.82 4.71 -14.44
C LEU D 201 5.79 3.77 -15.07
N GLU D 202 4.62 3.64 -14.44
CA GLU D 202 3.62 2.66 -14.87
C GLU D 202 3.13 2.91 -16.30
N MET D 203 2.94 4.18 -16.67
CA MET D 203 2.45 4.52 -18.01
C MET D 203 3.53 4.55 -19.08
N TYR D 204 4.80 4.45 -18.66
CA TYR D 204 5.93 4.50 -19.59
C TYR D 204 5.83 3.45 -20.70
N GLY D 205 6.01 3.89 -21.94
CA GLY D 205 6.04 3.00 -23.08
C GLY D 205 4.77 2.21 -23.36
N VAL D 206 3.64 2.66 -22.84
CA VAL D 206 2.37 1.97 -23.08
C VAL D 206 1.55 2.66 -24.17
N ASN D 207 1.13 1.89 -25.17
CA ASN D 207 0.26 2.43 -26.22
C ASN D 207 -1.19 2.16 -25.83
N TYR D 208 -1.92 3.23 -25.52
CA TYR D 208 -3.29 3.10 -25.02
C TYR D 208 -4.30 3.20 -26.15
N PHE D 209 -5.30 2.30 -26.12
CA PHE D 209 -6.37 2.29 -27.11
C PHE D 209 -7.72 2.05 -26.47
N THR D 210 -8.70 2.85 -26.85
CA THR D 210 -10.07 2.66 -26.38
C THR D 210 -10.72 1.43 -27.05
N ILE D 211 -11.21 0.50 -26.22
CA ILE D 211 -11.85 -0.71 -26.72
C ILE D 211 -13.13 -1.06 -25.94
N ARG D 212 -13.81 -2.11 -26.37
CA ARG D 212 -15.02 -2.62 -25.71
C ARG D 212 -15.07 -4.15 -25.71
N ASN D 213 -15.44 -4.75 -24.58
CA ASN D 213 -15.59 -6.20 -24.50
C ASN D 213 -16.90 -6.68 -25.13
N LYS D 214 -17.22 -7.96 -24.93
CA LYS D 214 -18.49 -8.50 -25.42
C LYS D 214 -19.68 -7.69 -24.91
N LYS D 215 -19.73 -7.51 -23.59
CA LYS D 215 -20.82 -6.80 -22.93
C LYS D 215 -21.08 -5.40 -23.52
N GLY D 216 -20.05 -4.80 -24.11
CA GLY D 216 -20.16 -3.45 -24.62
C GLY D 216 -19.59 -2.45 -23.62
N THR D 217 -18.95 -2.99 -22.58
CA THR D 217 -18.31 -2.18 -21.54
C THR D 217 -17.11 -1.45 -22.11
N GLU D 218 -16.99 -0.16 -21.80
CA GLU D 218 -15.86 0.63 -22.27
C GLU D 218 -14.60 0.24 -21.52
N LEU D 219 -13.54 -0.05 -22.27
CA LEU D 219 -12.27 -0.49 -21.70
C LEU D 219 -11.11 0.20 -22.40
N LEU D 220 -9.91 0.06 -21.84
CA LEU D 220 -8.71 0.55 -22.49
C LEU D 220 -7.73 -0.59 -22.75
N LEU D 221 -7.00 -0.48 -23.85
CA LEU D 221 -6.04 -1.50 -24.25
C LEU D 221 -4.63 -0.93 -24.19
N GLY D 222 -3.81 -1.44 -23.28
CA GLY D 222 -2.38 -1.14 -23.33
C GLY D 222 -1.58 -2.10 -24.20
N VAL D 223 -0.64 -1.56 -24.95
CA VAL D 223 0.26 -2.38 -25.77
C VAL D 223 1.70 -1.91 -25.52
N ASP D 224 2.54 -2.77 -24.98
CA ASP D 224 3.89 -2.37 -24.65
C ASP D 224 4.90 -3.49 -24.85
N ALA D 225 6.13 -3.25 -24.40
CA ALA D 225 7.22 -4.21 -24.58
C ALA D 225 6.97 -5.54 -23.86
N LEU D 226 6.20 -5.48 -22.78
CA LEU D 226 5.93 -6.67 -21.96
C LEU D 226 4.71 -7.50 -22.35
N GLY D 227 3.78 -6.92 -23.12
CA GLY D 227 2.57 -7.64 -23.49
C GLY D 227 1.36 -6.75 -23.69
N LEU D 228 0.18 -7.38 -23.68
CA LEU D 228 -1.10 -6.68 -23.87
C LEU D 228 -1.78 -6.48 -22.52
N HIS D 229 -2.46 -5.35 -22.36
CA HIS D 229 -3.07 -5.03 -21.07
C HIS D 229 -4.48 -4.47 -21.18
N ILE D 230 -5.31 -4.81 -20.19
CA ILE D 230 -6.69 -4.33 -20.16
C ILE D 230 -6.92 -3.48 -18.91
N TYR D 231 -7.35 -2.24 -19.13
CA TYR D 231 -7.52 -1.28 -18.04
C TYR D 231 -8.96 -0.83 -17.89
N ASP D 232 -9.42 -0.72 -16.65
CA ASP D 232 -10.56 0.13 -16.36
C ASP D 232 -10.11 1.53 -16.76
N PRO D 233 -10.85 2.17 -17.67
CA PRO D 233 -10.48 3.48 -18.24
C PRO D 233 -10.20 4.55 -17.19
N GLU D 234 -10.69 4.36 -15.97
CA GLU D 234 -10.46 5.33 -14.89
C GLU D 234 -9.06 5.20 -14.30
N ASN D 235 -8.43 4.05 -14.53
CA ASN D 235 -7.09 3.81 -14.01
C ASN D 235 -6.16 3.36 -15.14
N ARG D 236 -5.24 4.23 -15.55
CA ARG D 236 -4.29 3.89 -16.61
C ARG D 236 -2.98 3.40 -16.02
N LEU D 237 -2.86 3.46 -14.71
CA LEU D 237 -1.64 3.06 -14.01
C LEU D 237 -1.53 1.54 -13.84
N THR D 238 -2.61 0.93 -13.37
CA THR D 238 -2.59 -0.49 -13.04
C THR D 238 -3.58 -1.26 -13.92
N PRO D 239 -3.06 -2.16 -14.77
CA PRO D 239 -3.94 -2.97 -15.61
C PRO D 239 -4.70 -4.01 -14.76
N LYS D 240 -5.93 -4.31 -15.13
CA LYS D 240 -6.72 -5.29 -14.39
C LYS D 240 -6.28 -6.71 -14.73
N ILE D 241 -5.86 -6.94 -15.97
CA ILE D 241 -5.23 -8.19 -16.36
C ILE D 241 -4.12 -7.95 -17.38
N SER D 242 -3.12 -8.82 -17.38
CA SER D 242 -1.98 -8.68 -18.30
C SER D 242 -1.69 -9.96 -19.09
N PHE D 243 -1.29 -9.80 -20.34
CA PHE D 243 -0.97 -10.95 -21.20
C PHE D 243 0.47 -10.89 -21.71
N PRO D 244 1.41 -11.45 -20.92
CA PRO D 244 2.84 -11.51 -21.28
C PRO D 244 3.03 -12.07 -22.69
N TRP D 245 3.97 -11.53 -23.45
CA TRP D 245 4.12 -11.90 -24.86
C TRP D 245 4.37 -13.39 -25.09
N ASN D 246 5.19 -13.98 -24.24
CA ASN D 246 5.50 -15.42 -24.36
C ASN D 246 4.31 -16.31 -23.99
N GLU D 247 3.34 -15.73 -23.29
CA GLU D 247 2.16 -16.48 -22.85
C GLU D 247 0.95 -16.32 -23.78
N ILE D 248 1.12 -15.61 -24.89
CA ILE D 248 0.08 -15.51 -25.91
C ILE D 248 0.38 -16.45 -27.08
N ARG D 249 -0.53 -17.40 -27.32
CA ARG D 249 -0.42 -18.28 -28.49
C ARG D 249 -0.50 -17.46 -29.79
N ASN D 250 -1.61 -16.76 -29.98
CA ASN D 250 -1.71 -15.75 -31.04
C ASN D 250 -2.97 -14.90 -30.91
N ILE D 251 -3.05 -13.88 -31.77
CA ILE D 251 -4.13 -12.91 -31.75
C ILE D 251 -4.82 -12.90 -33.10
N SER D 252 -6.15 -12.94 -33.08
CA SER D 252 -6.92 -12.96 -34.31
C SER D 252 -7.76 -11.70 -34.44
N TYR D 253 -7.89 -11.25 -35.67
CA TYR D 253 -8.66 -10.05 -35.97
C TYR D 253 -9.58 -10.29 -37.16
N SER D 254 -10.88 -10.21 -36.93
CA SER D 254 -11.86 -10.37 -38.00
C SER D 254 -12.93 -9.29 -37.87
N ASP D 255 -13.24 -8.64 -39.00
CA ASP D 255 -14.10 -7.46 -39.05
C ASP D 255 -13.57 -6.39 -38.08
N LYS D 256 -14.38 -6.03 -37.09
CA LYS D 256 -13.91 -5.06 -36.09
C LYS D 256 -13.46 -5.71 -34.77
N GLU D 257 -13.47 -7.04 -34.71
CA GLU D 257 -13.21 -7.77 -33.46
C GLU D 257 -11.80 -8.35 -33.32
N PHE D 258 -11.22 -8.16 -32.14
CA PHE D 258 -9.93 -8.73 -31.78
C PHE D 258 -10.12 -9.88 -30.80
N THR D 259 -9.27 -10.90 -30.92
CA THR D 259 -9.34 -12.06 -30.03
C THR D 259 -7.94 -12.51 -29.59
N ILE D 260 -7.72 -12.57 -28.28
CA ILE D 260 -6.44 -13.02 -27.75
C ILE D 260 -6.53 -14.45 -27.20
N LYS D 261 -5.75 -15.35 -27.79
CA LYS D 261 -5.72 -16.75 -27.37
C LYS D 261 -4.47 -17.06 -26.57
N PRO D 262 -4.64 -17.26 -25.25
CA PRO D 262 -3.53 -17.63 -24.36
C PRO D 262 -2.89 -18.97 -24.74
N LEU D 263 -1.61 -19.12 -24.45
CA LEU D 263 -0.93 -20.40 -24.60
C LEU D 263 -1.51 -21.35 -23.56
N ASP D 264 -2.09 -20.74 -22.53
CA ASP D 264 -2.76 -21.47 -21.46
C ASP D 264 -4.21 -21.70 -21.83
N LYS D 265 -4.57 -22.97 -22.02
CA LYS D 265 -5.91 -23.31 -22.49
C LYS D 265 -6.99 -23.12 -21.43
N LYS D 266 -6.66 -23.45 -20.17
CA LYS D 266 -7.63 -23.40 -19.09
C LYS D 266 -7.96 -21.95 -18.66
N ILE D 267 -7.23 -20.99 -19.21
CA ILE D 267 -7.56 -19.58 -18.99
C ILE D 267 -8.43 -19.07 -20.14
N ASP D 268 -9.58 -18.50 -19.78
CA ASP D 268 -10.56 -18.01 -20.75
C ASP D 268 -9.95 -16.97 -21.70
N VAL D 269 -10.22 -17.13 -22.99
CA VAL D 269 -9.71 -16.20 -24.00
C VAL D 269 -10.37 -14.84 -23.87
N PHE D 270 -9.72 -13.81 -24.40
CA PHE D 270 -10.24 -12.45 -24.29
C PHE D 270 -10.56 -11.86 -25.66
N LYS D 271 -11.77 -11.31 -25.78
CA LYS D 271 -12.19 -10.68 -27.03
C LYS D 271 -12.69 -9.27 -26.77
N PHE D 272 -12.33 -8.36 -27.67
CA PHE D 272 -12.80 -6.99 -27.59
C PHE D 272 -13.02 -6.39 -28.96
N ASN D 273 -13.73 -5.27 -29.00
CA ASN D 273 -14.00 -4.58 -30.26
C ASN D 273 -13.43 -3.17 -30.26
N SER D 274 -12.93 -2.75 -31.42
CA SER D 274 -12.49 -1.36 -31.60
C SER D 274 -13.06 -0.84 -32.92
N SER D 275 -13.78 0.27 -32.85
CA SER D 275 -14.52 0.78 -33.99
C SER D 275 -13.63 1.19 -35.15
N LYS D 276 -12.69 2.11 -34.88
CA LYS D 276 -11.86 2.70 -35.93
C LYS D 276 -10.91 1.68 -36.56
N LEU D 277 -10.86 1.67 -37.88
CA LEU D 277 -10.11 0.65 -38.62
C LEU D 277 -8.60 0.87 -38.61
N ARG D 278 -8.16 2.10 -38.81
CA ARG D 278 -6.73 2.41 -38.83
C ARG D 278 -6.11 2.37 -37.44
N VAL D 279 -6.93 2.50 -36.41
CA VAL D 279 -6.48 2.25 -35.05
C VAL D 279 -6.14 0.77 -34.95
N ASN D 280 -7.06 -0.07 -35.45
CA ASN D 280 -6.87 -1.51 -35.46
C ASN D 280 -5.65 -1.94 -36.28
N LYS D 281 -5.34 -1.15 -37.31
CA LYS D 281 -4.16 -1.40 -38.11
C LYS D 281 -2.92 -1.07 -37.30
N LEU D 282 -3.02 -0.01 -36.50
CA LEU D 282 -1.93 0.41 -35.62
C LEU D 282 -1.73 -0.62 -34.51
N ILE D 283 -2.84 -1.13 -33.97
CA ILE D 283 -2.77 -2.11 -32.90
C ILE D 283 -2.00 -3.35 -33.34
N LEU D 284 -2.20 -3.77 -34.59
CA LEU D 284 -1.57 -4.97 -35.11
C LEU D 284 -0.07 -4.79 -35.35
N GLN D 285 0.33 -3.64 -35.89
CA GLN D 285 1.74 -3.33 -36.05
C GLN D 285 2.50 -3.36 -34.72
N LEU D 286 1.97 -2.62 -33.74
CA LEU D 286 2.59 -2.56 -32.42
C LEU D 286 2.62 -3.94 -31.77
N CYS D 287 1.57 -4.73 -32.00
CA CYS D 287 1.51 -6.09 -31.46
C CYS D 287 2.62 -6.95 -32.04
N ILE D 288 2.79 -6.87 -33.36
CA ILE D 288 3.82 -7.63 -34.04
C ILE D 288 5.22 -7.19 -33.63
N GLY D 289 5.47 -5.89 -33.69
CA GLY D 289 6.75 -5.34 -33.29
C GLY D 289 7.16 -5.70 -31.88
N ASN D 290 6.28 -5.43 -30.92
CA ASN D 290 6.56 -5.72 -29.52
C ASN D 290 6.79 -7.20 -29.22
N HIS D 291 5.91 -8.06 -29.75
CA HIS D 291 6.11 -9.50 -29.59
C HIS D 291 7.46 -9.89 -30.18
N ASP D 292 7.74 -9.43 -31.39
CA ASP D 292 9.01 -9.68 -32.05
C ASP D 292 10.17 -9.32 -31.13
N LEU D 293 10.27 -8.04 -30.77
CA LEU D 293 11.37 -7.55 -29.96
C LEU D 293 11.50 -8.28 -28.61
N PHE D 294 10.37 -8.63 -28.02
CA PHE D 294 10.32 -9.34 -26.74
C PHE D 294 11.08 -10.67 -26.79
N MET D 295 10.96 -11.38 -27.90
CA MET D 295 11.62 -12.68 -28.05
C MET D 295 13.09 -12.57 -28.43
N ARG D 296 13.43 -11.57 -29.25
CA ARG D 296 14.80 -11.40 -29.70
C ARG D 296 15.75 -11.11 -28.54
N ARG D 297 15.20 -10.57 -27.45
CA ARG D 297 15.99 -10.30 -26.25
C ARG D 297 16.23 -11.59 -25.48
N ARG D 298 15.27 -12.51 -25.60
CA ARG D 298 15.29 -13.76 -24.83
C ARG D 298 15.86 -14.99 -25.55
N LYS D 299 16.35 -14.81 -26.78
CA LYS D 299 16.92 -15.92 -27.53
C LYS D 299 18.43 -16.00 -27.80
N ALA D 300 19.05 -14.84 -28.02
CA ALA D 300 20.48 -14.75 -28.33
C ALA D 300 21.11 -15.99 -28.98
N THR E 8 -41.47 15.19 -36.78
CA THR E 8 -40.99 14.85 -35.45
C THR E 8 -40.78 16.10 -34.60
N PHE E 9 -40.57 15.90 -33.30
CA PHE E 9 -40.27 17.00 -32.39
C PHE E 9 -39.12 16.61 -31.47
N THR E 10 -38.54 17.58 -30.79
CA THR E 10 -37.37 17.31 -29.96
C THR E 10 -37.68 17.17 -28.46
N VAL E 11 -37.15 16.11 -27.88
CA VAL E 11 -37.30 15.84 -26.45
C VAL E 11 -35.95 15.80 -25.73
N ARG E 12 -35.91 16.47 -24.59
CA ARG E 12 -34.71 16.52 -23.76
C ARG E 12 -34.83 15.52 -22.60
N ILE E 13 -33.84 14.65 -22.46
CA ILE E 13 -33.84 13.69 -21.35
C ILE E 13 -32.73 13.99 -20.37
N VAL E 14 -33.11 14.32 -19.13
CA VAL E 14 -32.13 14.58 -18.09
C VAL E 14 -31.99 13.38 -17.17
N THR E 15 -30.82 12.75 -17.18
CA THR E 15 -30.49 11.72 -16.19
C THR E 15 -29.75 12.38 -15.03
N MET E 16 -29.32 11.58 -14.06
CA MET E 16 -28.66 12.13 -12.89
C MET E 16 -27.34 12.86 -13.23
N ASP E 17 -26.46 12.23 -14.01
CA ASP E 17 -25.20 12.88 -14.42
C ASP E 17 -25.15 13.51 -15.82
N ALA E 18 -26.19 13.33 -16.62
CA ALA E 18 -26.08 13.66 -18.04
C ALA E 18 -27.38 14.16 -18.69
N GLU E 19 -27.24 14.77 -19.87
CA GLU E 19 -28.40 15.18 -20.65
C GLU E 19 -28.42 14.45 -21.99
N MET E 20 -29.62 14.37 -22.58
CA MET E 20 -29.81 13.67 -23.85
C MET E 20 -30.84 14.38 -24.70
N GLU E 21 -30.69 14.29 -26.02
CA GLU E 21 -31.64 14.86 -26.96
C GLU E 21 -32.07 13.78 -27.95
N PHE E 22 -33.37 13.68 -28.18
CA PHE E 22 -33.88 12.71 -29.14
C PHE E 22 -34.84 13.40 -30.11
N ASN E 23 -34.84 12.91 -31.35
CA ASN E 23 -35.85 13.36 -32.31
C ASN E 23 -37.01 12.39 -32.22
N CYS E 24 -38.13 12.89 -31.70
CA CYS E 24 -39.25 12.06 -31.31
C CYS E 24 -40.38 12.20 -32.31
N GLU E 25 -40.83 11.07 -32.85
CA GLU E 25 -41.95 11.08 -33.79
C GLU E 25 -43.22 11.57 -33.11
N MET E 26 -44.11 12.17 -33.90
CA MET E 26 -45.34 12.76 -33.37
C MET E 26 -46.24 11.74 -32.70
N LYS E 27 -46.25 10.52 -33.23
CA LYS E 27 -47.17 9.47 -32.78
C LYS E 27 -46.59 8.61 -31.66
N TRP E 28 -45.32 8.84 -31.33
CA TRP E 28 -44.62 7.99 -30.37
C TRP E 28 -45.27 7.94 -28.99
N LYS E 29 -45.36 6.74 -28.45
CA LYS E 29 -45.95 6.55 -27.13
C LYS E 29 -44.87 6.61 -26.04
N GLY E 30 -45.29 6.52 -24.78
CA GLY E 30 -44.37 6.59 -23.66
C GLY E 30 -43.36 5.46 -23.71
N LYS E 31 -43.83 4.28 -24.12
CA LYS E 31 -43.01 3.08 -24.16
C LYS E 31 -41.89 3.19 -25.19
N ASP E 32 -42.15 3.92 -26.28
CA ASP E 32 -41.17 4.05 -27.34
C ASP E 32 -40.00 4.92 -26.89
N LEU E 33 -40.34 6.04 -26.26
CA LEU E 33 -39.34 6.97 -25.75
C LEU E 33 -38.57 6.34 -24.59
N PHE E 34 -39.28 5.56 -23.77
CA PHE E 34 -38.68 4.89 -22.62
C PHE E 34 -37.68 3.81 -23.04
N ASP E 35 -38.13 2.89 -23.90
CA ASP E 35 -37.24 1.82 -24.37
C ASP E 35 -36.04 2.41 -25.09
N LEU E 36 -36.26 3.53 -25.77
CA LEU E 36 -35.18 4.21 -26.49
C LEU E 36 -34.11 4.71 -25.51
N VAL E 37 -34.54 5.48 -24.51
CA VAL E 37 -33.64 5.97 -23.47
C VAL E 37 -32.92 4.79 -22.81
N CYS E 38 -33.65 3.72 -22.55
CA CYS E 38 -33.06 2.56 -21.89
C CYS E 38 -32.00 1.87 -22.75
N ARG E 39 -32.27 1.71 -24.04
CA ARG E 39 -31.30 1.13 -24.96
C ARG E 39 -30.03 1.98 -25.10
N THR E 40 -30.22 3.30 -25.16
CA THR E 40 -29.10 4.23 -25.22
C THR E 40 -28.18 4.06 -24.02
N LEU E 41 -28.78 3.81 -22.86
CA LEU E 41 -28.04 3.66 -21.60
C LEU E 41 -27.49 2.26 -21.40
N GLY E 42 -27.88 1.32 -22.26
CA GLY E 42 -27.54 -0.08 -22.06
C GLY E 42 -28.14 -0.59 -20.77
N LEU E 43 -29.34 -0.11 -20.46
CA LEU E 43 -30.00 -0.46 -19.21
C LEU E 43 -31.05 -1.53 -19.45
N ARG E 44 -30.79 -2.74 -18.94
CA ARG E 44 -31.77 -3.81 -19.07
C ARG E 44 -32.73 -3.97 -17.90
N GLU E 45 -32.43 -3.37 -16.74
CA GLU E 45 -33.38 -3.53 -15.63
C GLU E 45 -34.16 -2.24 -15.58
N THR E 46 -35.27 -2.23 -16.32
CA THR E 46 -35.97 -1.00 -16.62
C THR E 46 -37.15 -0.77 -15.72
N TRP E 47 -37.56 -1.82 -14.99
CA TRP E 47 -38.80 -1.79 -14.22
C TRP E 47 -38.69 -0.81 -13.05
N PHE E 48 -37.48 -0.56 -12.59
CA PHE E 48 -37.26 0.42 -11.51
C PHE E 48 -37.52 1.83 -12.00
N PHE E 49 -37.36 2.05 -13.30
CA PHE E 49 -37.26 3.43 -13.79
C PHE E 49 -38.50 3.97 -14.50
N GLY E 50 -38.43 5.26 -14.84
CA GLY E 50 -39.51 5.95 -15.50
C GLY E 50 -39.03 7.29 -16.03
N LEU E 51 -39.87 7.96 -16.79
CA LEU E 51 -39.58 9.31 -17.26
C LEU E 51 -40.53 10.26 -16.55
N GLN E 52 -39.96 11.26 -15.89
CA GLN E 52 -40.74 12.10 -14.98
C GLN E 52 -40.74 13.56 -15.42
N TYR E 53 -41.88 14.20 -15.19
CA TYR E 53 -42.09 15.61 -15.37
C TYR E 53 -42.92 16.06 -14.19
N THR E 54 -42.98 17.35 -13.94
CA THR E 54 -43.70 17.85 -12.79
C THR E 54 -44.71 18.91 -13.12
N ILE E 55 -45.96 18.73 -12.73
CA ILE E 55 -46.96 19.77 -13.01
C ILE E 55 -47.46 20.48 -11.78
N LYS E 56 -47.22 21.77 -11.70
CA LYS E 56 -47.66 22.53 -10.54
C LYS E 56 -47.12 21.84 -9.30
N ASP E 57 -45.87 21.43 -9.37
CA ASP E 57 -45.21 20.85 -8.23
C ASP E 57 -45.89 19.62 -7.71
N THR E 58 -46.37 18.82 -8.63
CA THR E 58 -46.61 17.43 -8.40
C THR E 58 -45.92 16.66 -9.49
N VAL E 59 -45.15 15.65 -9.14
CA VAL E 59 -44.48 14.86 -10.15
C VAL E 59 -45.45 13.99 -10.90
N ALA E 60 -45.10 13.65 -12.12
CA ALA E 60 -45.90 12.73 -12.89
C ALA E 60 -44.99 11.83 -13.68
N TRP E 61 -45.43 10.62 -13.94
CA TRP E 61 -44.65 9.69 -14.74
C TRP E 61 -45.27 9.44 -16.11
N LEU E 62 -44.43 9.24 -17.12
CA LEU E 62 -44.89 9.01 -18.47
C LEU E 62 -45.58 7.66 -18.55
N LYS E 63 -46.83 7.66 -19.03
CA LYS E 63 -47.58 6.42 -19.22
C LYS E 63 -47.04 5.68 -20.44
N MET E 64 -46.94 4.36 -20.33
CA MET E 64 -46.35 3.54 -21.39
C MET E 64 -47.23 3.41 -22.63
N ASP E 65 -48.54 3.34 -22.43
CA ASP E 65 -49.48 3.07 -23.52
C ASP E 65 -50.07 4.34 -24.14
N LYS E 66 -49.60 5.50 -23.70
CA LYS E 66 -50.15 6.78 -24.13
C LYS E 66 -49.18 7.54 -25.02
N LYS E 67 -49.70 8.35 -25.94
CA LYS E 67 -48.88 9.19 -26.79
C LYS E 67 -48.10 10.19 -25.94
N VAL E 68 -46.85 10.47 -26.31
CA VAL E 68 -46.00 11.39 -25.55
C VAL E 68 -46.63 12.77 -25.39
N LEU E 69 -47.16 13.32 -26.49
CA LEU E 69 -47.73 14.66 -26.47
C LEU E 69 -49.12 14.76 -25.87
N ASP E 70 -49.72 13.61 -25.57
CA ASP E 70 -51.03 13.58 -24.91
C ASP E 70 -50.89 13.88 -23.43
N HIS E 71 -49.66 13.84 -22.93
CA HIS E 71 -49.37 14.15 -21.54
C HIS E 71 -49.44 15.66 -21.27
N ASP E 72 -49.59 16.02 -19.99
CA ASP E 72 -49.81 17.41 -19.59
C ASP E 72 -48.52 18.22 -19.55
N VAL E 73 -47.41 17.58 -19.89
CA VAL E 73 -46.11 18.25 -19.91
C VAL E 73 -46.13 19.43 -20.89
N SER E 74 -45.40 20.48 -20.55
CA SER E 74 -45.39 21.66 -21.37
C SER E 74 -44.78 21.35 -22.71
N LYS E 75 -45.41 21.84 -23.76
CA LYS E 75 -44.96 21.53 -25.10
C LYS E 75 -43.90 22.49 -25.55
N GLU E 76 -43.58 23.48 -24.73
CA GLU E 76 -42.63 24.49 -25.15
C GLU E 76 -41.27 23.86 -25.25
N GLU E 77 -40.63 24.06 -26.40
CA GLU E 77 -39.33 23.47 -26.66
C GLU E 77 -38.27 24.01 -25.67
N PRO E 78 -37.42 23.13 -25.17
CA PRO E 78 -37.43 21.73 -25.57
C PRO E 78 -38.15 20.86 -24.54
N VAL E 79 -39.09 20.05 -25.01
CA VAL E 79 -39.91 19.24 -24.12
C VAL E 79 -38.94 18.37 -23.32
N THR E 80 -39.20 18.24 -22.03
CA THR E 80 -38.19 17.70 -21.13
C THR E 80 -38.70 16.66 -20.13
N PHE E 81 -37.96 15.57 -20.02
CA PHE E 81 -38.25 14.53 -19.05
C PHE E 81 -37.02 14.18 -18.25
N HIS E 82 -37.21 13.88 -16.97
CA HIS E 82 -36.14 13.39 -16.11
C HIS E 82 -36.22 11.88 -16.00
N PHE E 83 -35.12 11.21 -16.32
CA PHE E 83 -35.05 9.76 -16.18
C PHE E 83 -34.60 9.45 -14.76
N LEU E 84 -35.47 8.84 -13.97
CA LEU E 84 -35.24 8.62 -12.55
C LEU E 84 -35.75 7.26 -12.10
N ALA E 85 -35.22 6.76 -10.99
CA ALA E 85 -35.79 5.57 -10.37
C ALA E 85 -37.15 5.93 -9.79
N LYS E 86 -38.19 5.21 -10.23
CA LYS E 86 -39.53 5.30 -9.66
C LYS E 86 -39.73 4.38 -8.44
N PHE E 87 -39.12 3.20 -8.50
CA PHE E 87 -39.22 2.20 -7.45
C PHE E 87 -37.82 1.77 -6.99
N TYR E 88 -37.71 1.24 -5.77
CA TYR E 88 -36.42 0.89 -5.18
C TYR E 88 -36.38 -0.58 -4.78
N PRO E 89 -35.22 -1.23 -5.00
CA PRO E 89 -35.07 -2.61 -4.54
C PRO E 89 -35.16 -2.71 -3.01
N GLU E 90 -35.44 -3.91 -2.50
CA GLU E 90 -35.40 -4.15 -1.07
C GLU E 90 -33.96 -4.39 -0.61
N ASN E 91 -33.19 -5.09 -1.44
CA ASN E 91 -31.76 -5.22 -1.23
C ASN E 91 -31.00 -4.87 -2.50
N ALA E 92 -30.27 -3.76 -2.48
CA ALA E 92 -29.62 -3.26 -3.68
C ALA E 92 -28.50 -4.17 -4.16
N GLU E 93 -27.78 -4.76 -3.22
CA GLU E 93 -26.67 -5.64 -3.55
C GLU E 93 -27.16 -6.89 -4.27
N GLU E 94 -28.35 -7.35 -3.89
CA GLU E 94 -28.93 -8.54 -4.50
C GLU E 94 -29.57 -8.27 -5.85
N GLU E 95 -30.39 -7.22 -5.90
CA GLU E 95 -31.28 -7.01 -7.04
C GLU E 95 -30.76 -6.12 -8.16
N LEU E 96 -29.68 -5.40 -7.94
CA LEU E 96 -29.16 -4.57 -9.02
C LEU E 96 -27.95 -5.27 -9.62
N VAL E 97 -28.16 -5.88 -10.79
CA VAL E 97 -27.11 -6.67 -11.43
C VAL E 97 -26.15 -5.86 -12.29
N GLN E 98 -26.70 -4.94 -13.08
CA GLN E 98 -25.87 -4.16 -13.99
C GLN E 98 -25.19 -3.04 -13.26
N GLU E 99 -23.95 -2.75 -13.64
CA GLU E 99 -23.24 -1.62 -13.09
C GLU E 99 -24.00 -0.33 -13.37
N ILE E 100 -24.55 -0.21 -14.57
CA ILE E 100 -25.28 1.00 -14.96
C ILE E 100 -26.48 1.28 -14.03
N THR E 101 -27.13 0.21 -13.57
CA THR E 101 -28.31 0.35 -12.71
C THR E 101 -27.87 0.81 -11.33
N GLN E 102 -26.81 0.18 -10.84
CA GLN E 102 -26.23 0.51 -9.55
C GLN E 102 -25.80 1.97 -9.49
N HIS E 103 -25.12 2.40 -10.55
CA HIS E 103 -24.59 3.75 -10.66
C HIS E 103 -25.71 4.77 -10.73
N LEU E 104 -26.82 4.39 -11.37
CA LEU E 104 -27.96 5.29 -11.48
C LEU E 104 -28.67 5.47 -10.13
N PHE E 105 -28.75 4.39 -9.35
CA PHE E 105 -29.32 4.50 -8.00
C PHE E 105 -28.40 5.32 -7.11
N PHE E 106 -27.09 5.01 -7.16
CA PHE E 106 -26.09 5.74 -6.39
C PHE E 106 -26.23 7.25 -6.54
N LEU E 107 -26.31 7.74 -7.78
CA LEU E 107 -26.38 9.18 -8.01
C LEU E 107 -27.65 9.81 -7.46
N GLN E 108 -28.78 9.13 -7.64
CA GLN E 108 -30.07 9.70 -7.27
C GLN E 108 -30.21 9.72 -5.76
N VAL E 109 -29.77 8.65 -5.12
CA VAL E 109 -29.86 8.53 -3.68
C VAL E 109 -28.89 9.51 -2.97
N LYS E 110 -27.66 9.61 -3.47
CA LYS E 110 -26.70 10.57 -2.91
C LYS E 110 -27.24 11.98 -2.96
N LYS E 111 -27.89 12.32 -4.07
CA LYS E 111 -28.46 13.64 -4.22
C LYS E 111 -29.61 13.84 -3.24
N GLN E 112 -30.45 12.82 -3.09
CA GLN E 112 -31.53 12.86 -2.11
C GLN E 112 -30.97 13.14 -0.70
N ILE E 113 -29.82 12.56 -0.40
CA ILE E 113 -29.24 12.68 0.93
C ILE E 113 -28.61 14.05 1.13
N LEU E 114 -27.85 14.51 0.12
CA LEU E 114 -27.25 15.83 0.17
C LEU E 114 -28.30 16.95 0.17
N ASP E 115 -29.43 16.71 -0.48
CA ASP E 115 -30.52 17.71 -0.55
C ASP E 115 -31.41 17.63 0.69
N GLU E 116 -31.05 16.75 1.62
CA GLU E 116 -31.78 16.55 2.87
C GLU E 116 -33.20 16.06 2.63
N LYS E 117 -33.43 15.45 1.47
CA LYS E 117 -34.70 14.82 1.16
C LYS E 117 -34.81 13.57 2.00
N VAL E 118 -33.67 12.91 2.20
CA VAL E 118 -33.58 11.71 3.01
C VAL E 118 -32.69 11.99 4.22
N TYR E 119 -33.28 11.94 5.41
CA TYR E 119 -32.54 12.21 6.64
C TYR E 119 -31.36 11.26 6.79
N CYS E 120 -30.20 11.81 7.14
CA CYS E 120 -29.06 10.96 7.44
C CYS E 120 -28.37 11.50 8.68
N PRO E 121 -28.03 10.62 9.62
CA PRO E 121 -27.32 11.05 10.82
C PRO E 121 -25.85 11.33 10.48
N PRO E 122 -25.17 12.16 11.28
CA PRO E 122 -23.86 12.71 10.89
C PRO E 122 -22.74 11.68 10.70
N GLU E 123 -22.57 10.71 11.61
CA GLU E 123 -21.48 9.74 11.42
C GLU E 123 -21.71 8.93 10.14
N ALA E 124 -22.94 8.49 9.93
CA ALA E 124 -23.25 7.82 8.67
C ALA E 124 -22.97 8.73 7.48
N SER E 125 -23.30 10.02 7.60
CA SER E 125 -23.10 10.92 6.47
C SER E 125 -21.61 11.06 6.11
N VAL E 126 -20.74 11.02 7.12
CA VAL E 126 -19.30 11.05 6.85
C VAL E 126 -18.82 9.76 6.17
N LEU E 127 -19.30 8.61 6.64
CA LEU E 127 -18.93 7.33 6.02
C LEU E 127 -19.43 7.30 4.56
N LEU E 128 -20.63 7.80 4.33
CA LEU E 128 -21.19 7.89 2.99
C LEU E 128 -20.32 8.75 2.07
N ALA E 129 -19.94 9.93 2.56
CA ALA E 129 -19.11 10.85 1.79
C ALA E 129 -17.81 10.16 1.41
N SER E 130 -17.23 9.44 2.35
CA SER E 130 -15.97 8.75 2.11
C SER E 130 -16.04 7.72 0.97
N TYR E 131 -17.21 7.12 0.79
CA TYR E 131 -17.42 6.17 -0.32
C TYR E 131 -17.67 6.90 -1.62
N ALA E 132 -18.39 8.00 -1.57
CA ALA E 132 -18.58 8.84 -2.75
C ALA E 132 -17.22 9.37 -3.24
N VAL E 133 -16.34 9.71 -2.31
CA VAL E 133 -15.00 10.16 -2.61
C VAL E 133 -14.16 9.04 -3.23
N GLN E 134 -14.15 7.88 -2.57
CA GLN E 134 -13.48 6.70 -3.12
C GLN E 134 -13.97 6.36 -4.53
N ALA E 135 -15.26 6.57 -4.77
CA ALA E 135 -15.83 6.25 -6.08
C ALA E 135 -15.36 7.24 -7.13
N LYS E 136 -15.28 8.51 -6.76
CA LYS E 136 -14.87 9.53 -7.72
C LYS E 136 -13.35 9.55 -7.96
N TYR E 137 -12.58 9.52 -6.89
CA TYR E 137 -11.13 9.72 -6.96
C TYR E 137 -10.23 8.47 -6.97
N GLY E 138 -10.80 7.29 -6.81
CA GLY E 138 -9.99 6.09 -6.63
C GLY E 138 -9.33 6.08 -5.26
N ASP E 139 -8.34 5.21 -5.06
CA ASP E 139 -7.62 5.09 -3.79
C ASP E 139 -7.03 6.42 -3.31
N TYR E 140 -7.09 6.65 -1.99
CA TYR E 140 -6.46 7.82 -1.37
C TYR E 140 -4.95 7.77 -1.58
N ASP E 141 -4.41 8.85 -2.13
CA ASP E 141 -3.00 8.97 -2.47
C ASP E 141 -2.46 10.34 -2.05
N PRO E 142 -1.87 10.43 -0.85
CA PRO E 142 -1.37 11.72 -0.33
C PRO E 142 -0.37 12.42 -1.27
N SER E 143 0.22 11.70 -2.21
CA SER E 143 1.01 12.33 -3.28
C SER E 143 0.10 13.14 -4.21
N VAL E 144 -1.02 12.54 -4.58
CA VAL E 144 -2.07 13.18 -5.39
C VAL E 144 -2.98 14.12 -4.57
N HIS E 145 -3.61 13.60 -3.52
CA HIS E 145 -4.57 14.42 -2.78
C HIS E 145 -3.96 15.14 -1.58
N LYS E 146 -3.69 16.43 -1.78
CA LYS E 146 -3.15 17.32 -0.75
C LYS E 146 -4.27 17.87 0.11
N ARG E 147 -3.91 18.39 1.28
CA ARG E 147 -4.85 19.12 2.11
C ARG E 147 -5.55 20.17 1.26
N GLY E 148 -6.87 20.20 1.33
CA GLY E 148 -7.68 21.12 0.54
C GLY E 148 -8.22 20.54 -0.76
N PHE E 149 -7.89 19.29 -1.06
CA PHE E 149 -8.31 18.69 -2.33
C PHE E 149 -9.82 18.47 -2.48
N LEU E 150 -10.53 18.43 -1.36
CA LEU E 150 -11.99 18.29 -1.35
C LEU E 150 -12.74 19.61 -1.16
N ALA E 151 -11.99 20.71 -1.11
CA ALA E 151 -12.56 22.02 -0.81
C ALA E 151 -13.74 22.45 -1.70
N GLN E 152 -13.78 21.94 -2.93
CA GLN E 152 -14.83 22.32 -3.88
C GLN E 152 -15.99 21.31 -3.96
N GLU E 153 -15.90 20.23 -3.20
CA GLU E 153 -16.90 19.17 -3.28
C GLU E 153 -18.00 19.38 -2.25
N GLU E 154 -19.24 19.05 -2.59
CA GLU E 154 -20.27 19.04 -1.56
C GLU E 154 -20.45 17.59 -1.16
N LEU E 155 -19.89 17.29 0.01
CA LEU E 155 -19.83 15.94 0.51
C LEU E 155 -20.86 15.59 1.58
N LEU E 156 -21.51 16.61 2.12
CA LEU E 156 -22.31 16.46 3.34
C LEU E 156 -23.54 17.33 3.29
N PRO E 157 -24.64 16.87 3.87
CA PRO E 157 -25.82 17.73 4.02
C PRO E 157 -25.47 18.92 4.91
N LYS E 158 -25.99 20.11 4.58
CA LYS E 158 -25.73 21.31 5.37
C LYS E 158 -26.27 21.16 6.79
N ARG E 159 -27.32 20.35 6.93
CA ARG E 159 -27.92 20.08 8.22
C ARG E 159 -26.92 19.39 9.15
N VAL E 160 -26.10 18.50 8.60
CA VAL E 160 -25.06 17.80 9.36
C VAL E 160 -23.94 18.76 9.72
N ILE E 161 -23.52 19.57 8.75
CA ILE E 161 -22.48 20.57 8.98
C ILE E 161 -22.87 21.54 10.10
N ASN E 162 -24.13 21.97 10.09
CA ASN E 162 -24.63 22.92 11.09
C ASN E 162 -24.82 22.33 12.47
N LEU E 163 -24.67 21.02 12.59
CA LEU E 163 -24.72 20.34 13.88
C LEU E 163 -23.48 20.68 14.71
N TYR E 164 -22.38 20.95 14.01
CA TYR E 164 -21.10 21.12 14.67
C TYR E 164 -20.53 22.52 14.54
N GLN E 165 -19.42 22.75 15.22
CA GLN E 165 -18.64 23.98 15.09
C GLN E 165 -17.42 23.84 14.19
N MET E 166 -17.26 22.67 13.56
CA MET E 166 -16.05 22.36 12.80
C MET E 166 -15.81 23.23 11.56
N THR E 167 -14.54 23.47 11.28
CA THR E 167 -14.09 24.18 10.08
C THR E 167 -14.15 23.27 8.86
N PRO E 168 -14.03 23.84 7.64
CA PRO E 168 -14.01 22.99 6.44
C PRO E 168 -12.84 22.01 6.40
N GLU E 169 -11.73 22.38 7.02
CA GLU E 169 -10.54 21.54 7.01
C GLU E 169 -10.68 20.36 7.97
N MET E 170 -11.36 20.59 9.08
CA MET E 170 -11.65 19.52 10.02
C MET E 170 -12.56 18.48 9.38
N TRP E 171 -13.50 18.94 8.56
CA TRP E 171 -14.40 18.05 7.82
C TRP E 171 -13.66 17.21 6.79
N GLU E 172 -12.75 17.83 6.07
CA GLU E 172 -11.97 17.12 5.06
C GLU E 172 -11.15 16.03 5.75
N GLU E 173 -10.67 16.35 6.94
CA GLU E 173 -9.87 15.40 7.71
C GLU E 173 -10.70 14.21 8.19
N ARG E 174 -11.92 14.46 8.65
CA ARG E 174 -12.79 13.37 9.09
C ARG E 174 -13.14 12.46 7.92
N ILE E 175 -13.53 13.06 6.80
CA ILE E 175 -13.84 12.28 5.61
C ILE E 175 -12.61 11.53 5.09
N THR E 176 -11.45 12.18 5.12
CA THR E 176 -10.24 11.54 4.62
C THR E 176 -9.80 10.37 5.51
N ALA E 177 -10.07 10.47 6.82
CA ALA E 177 -9.80 9.34 7.71
C ALA E 177 -10.51 8.05 7.26
N TRP E 178 -11.79 8.14 6.92
CA TRP E 178 -12.53 6.99 6.43
C TRP E 178 -12.09 6.59 5.02
N TYR E 179 -11.96 7.59 4.14
CA TYR E 179 -11.54 7.42 2.75
C TYR E 179 -10.28 6.54 2.67
N ALA E 180 -9.29 6.86 3.49
CA ALA E 180 -8.03 6.11 3.56
C ALA E 180 -8.23 4.61 3.77
N GLU E 181 -9.27 4.24 4.52
CA GLU E 181 -9.50 2.83 4.83
C GLU E 181 -10.22 2.09 3.71
N HIS E 182 -10.66 2.80 2.69
CA HIS E 182 -11.35 2.18 1.54
C HIS E 182 -10.42 1.75 0.40
N ARG E 183 -9.10 1.82 0.64
CA ARG E 183 -8.11 1.46 -0.38
C ARG E 183 -8.40 0.06 -0.94
N GLY E 184 -8.47 -0.04 -2.27
CA GLY E 184 -8.74 -1.30 -2.93
C GLY E 184 -10.11 -1.45 -3.57
N ARG E 185 -11.03 -0.53 -3.26
CA ARG E 185 -12.39 -0.62 -3.79
C ARG E 185 -12.54 0.10 -5.13
N ALA E 186 -12.96 -0.65 -6.15
CA ALA E 186 -13.28 -0.07 -7.45
C ALA E 186 -14.50 0.84 -7.34
N ARG E 187 -14.68 1.72 -8.32
CA ARG E 187 -15.81 2.64 -8.32
C ARG E 187 -17.16 1.97 -8.05
N ASP E 188 -17.42 0.83 -8.69
CA ASP E 188 -18.71 0.16 -8.53
C ASP E 188 -18.85 -0.50 -7.16
N GLU E 189 -17.72 -0.85 -6.56
CA GLU E 189 -17.69 -1.40 -5.21
C GLU E 189 -18.01 -0.32 -4.17
N ALA E 190 -17.43 0.86 -4.34
CA ALA E 190 -17.61 1.93 -3.38
C ALA E 190 -19.06 2.41 -3.43
N GLU E 191 -19.58 2.54 -4.64
CA GLU E 191 -20.96 2.96 -4.85
C GLU E 191 -21.99 1.98 -4.29
N MET E 192 -21.68 0.68 -4.34
CA MET E 192 -22.59 -0.30 -3.76
C MET E 192 -22.53 -0.24 -2.24
N GLU E 193 -21.32 -0.07 -1.70
CA GLU E 193 -21.16 0.17 -0.26
C GLU E 193 -21.98 1.39 0.17
N TYR E 194 -21.90 2.47 -0.60
CA TYR E 194 -22.73 3.65 -0.33
C TYR E 194 -24.23 3.28 -0.27
N LEU E 195 -24.72 2.54 -1.27
CA LEU E 195 -26.10 2.10 -1.33
C LEU E 195 -26.48 1.17 -0.16
N LYS E 196 -25.58 0.29 0.24
CA LYS E 196 -25.83 -0.60 1.37
C LYS E 196 -26.08 0.14 2.67
N ILE E 197 -25.34 1.22 2.90
CA ILE E 197 -25.59 2.08 4.06
C ILE E 197 -26.85 2.92 3.86
N ALA E 198 -26.97 3.52 2.67
CA ALA E 198 -28.10 4.39 2.40
C ALA E 198 -29.45 3.67 2.51
N GLN E 199 -29.52 2.43 2.05
CA GLN E 199 -30.80 1.72 2.02
C GLN E 199 -31.35 1.40 3.44
N ASP E 200 -30.47 1.43 4.44
CA ASP E 200 -30.88 1.24 5.84
C ASP E 200 -31.46 2.51 6.46
N LEU E 201 -31.34 3.66 5.81
CA LEU E 201 -31.90 4.90 6.35
C LEU E 201 -33.42 4.83 6.35
N GLU E 202 -34.05 5.45 7.34
CA GLU E 202 -35.49 5.27 7.52
C GLU E 202 -36.33 5.92 6.44
N MET E 203 -35.90 7.09 5.95
CA MET E 203 -36.63 7.79 4.89
C MET E 203 -36.27 7.30 3.49
N TYR E 204 -35.25 6.44 3.37
CA TYR E 204 -34.84 5.91 2.06
C TYR E 204 -35.97 5.22 1.30
N GLY E 205 -36.18 5.64 0.05
CA GLY E 205 -37.11 4.98 -0.84
C GLY E 205 -38.58 5.15 -0.46
N VAL E 206 -38.85 6.10 0.41
CA VAL E 206 -40.22 6.36 0.86
C VAL E 206 -40.82 7.55 0.11
N ASN E 207 -41.96 7.31 -0.53
CA ASN E 207 -42.73 8.40 -1.13
C ASN E 207 -43.73 8.91 -0.10
N TYR E 208 -43.59 10.19 0.28
CA TYR E 208 -44.43 10.80 1.31
C TYR E 208 -45.57 11.64 0.72
N PHE E 209 -46.72 11.63 1.38
CA PHE E 209 -47.85 12.49 0.98
C PHE E 209 -48.64 13.09 2.15
N THR E 210 -48.95 14.38 2.04
CA THR E 210 -49.76 15.07 3.03
C THR E 210 -51.19 14.51 3.05
N ILE E 211 -51.71 14.24 4.24
CA ILE E 211 -52.93 13.46 4.35
C ILE E 211 -53.70 13.76 5.64
N ARG E 212 -54.99 13.41 5.65
CA ARG E 212 -55.78 13.49 6.88
C ARG E 212 -56.85 12.39 6.96
N ASN E 213 -57.12 11.96 8.18
CA ASN E 213 -58.11 10.92 8.44
C ASN E 213 -59.50 11.51 8.70
N LYS E 214 -60.41 10.67 9.19
CA LYS E 214 -61.79 11.10 9.48
C LYS E 214 -61.85 12.35 10.34
N LYS E 215 -61.13 12.34 11.46
CA LYS E 215 -61.10 13.49 12.37
C LYS E 215 -60.48 14.73 11.71
N GLY E 216 -59.89 14.55 10.54
CA GLY E 216 -59.28 15.66 9.81
C GLY E 216 -57.89 15.98 10.32
N THR E 217 -57.39 15.12 11.22
CA THR E 217 -56.05 15.28 11.77
C THR E 217 -55.03 15.16 10.65
N GLU E 218 -54.10 16.10 10.57
CA GLU E 218 -53.06 16.06 9.54
C GLU E 218 -52.12 14.88 9.79
N LEU E 219 -51.89 14.11 8.74
CA LEU E 219 -51.03 12.93 8.80
C LEU E 219 -50.17 12.82 7.53
N LEU E 220 -49.20 11.91 7.57
CA LEU E 220 -48.37 11.65 6.41
C LEU E 220 -48.55 10.21 5.97
N LEU E 221 -48.75 10.02 4.68
CA LEU E 221 -48.80 8.70 4.08
C LEU E 221 -47.44 8.43 3.45
N GLY E 222 -46.80 7.32 3.80
CA GLY E 222 -45.70 6.82 3.01
C GLY E 222 -46.03 5.65 2.11
N VAL E 223 -45.37 5.58 0.96
CA VAL E 223 -45.50 4.42 0.08
C VAL E 223 -44.10 3.98 -0.26
N ASP E 224 -43.77 2.73 0.06
CA ASP E 224 -42.45 2.22 -0.31
C ASP E 224 -42.49 0.77 -0.78
N ALA E 225 -41.30 0.21 -0.95
CA ALA E 225 -41.15 -1.15 -1.41
C ALA E 225 -41.80 -2.16 -0.46
N LEU E 226 -41.91 -1.82 0.82
CA LEU E 226 -42.41 -2.78 1.81
C LEU E 226 -43.91 -2.74 2.12
N GLY E 227 -44.59 -1.65 1.76
CA GLY E 227 -45.99 -1.50 2.08
C GLY E 227 -46.46 -0.06 2.18
N LEU E 228 -47.53 0.14 2.92
CA LEU E 228 -48.06 1.48 3.16
C LEU E 228 -47.81 1.83 4.62
N HIS E 229 -47.59 3.12 4.90
CA HIS E 229 -47.21 3.55 6.24
C HIS E 229 -47.86 4.88 6.58
N ILE E 230 -48.29 5.03 7.83
CA ILE E 230 -48.88 6.28 8.30
C ILE E 230 -47.97 6.90 9.35
N TYR E 231 -47.70 8.19 9.21
CA TYR E 231 -46.78 8.88 10.11
C TYR E 231 -47.48 10.07 10.74
N ASP E 232 -47.12 10.34 11.99
CA ASP E 232 -47.29 11.68 12.53
C ASP E 232 -46.45 12.59 11.65
N PRO E 233 -46.97 13.76 11.26
CA PRO E 233 -46.21 14.68 10.40
C PRO E 233 -44.92 15.17 11.06
N GLU E 234 -44.86 15.07 12.38
CA GLU E 234 -43.71 15.57 13.13
C GLU E 234 -42.55 14.57 13.14
N ASN E 235 -42.85 13.31 12.82
CA ASN E 235 -41.84 12.28 12.76
C ASN E 235 -41.90 11.54 11.42
N ARG E 236 -40.93 11.77 10.55
CA ARG E 236 -40.94 11.11 9.24
C ARG E 236 -40.12 9.83 9.26
N LEU E 237 -39.46 9.58 10.38
CA LEU E 237 -38.58 8.41 10.52
C LEU E 237 -39.33 7.13 10.85
N THR E 238 -40.24 7.22 11.81
CA THR E 238 -40.91 6.03 12.35
C THR E 238 -42.42 6.08 12.11
N PRO E 239 -42.95 5.14 11.34
CA PRO E 239 -44.39 5.16 11.08
C PRO E 239 -45.17 4.72 12.30
N LYS E 240 -46.34 5.30 12.52
CA LYS E 240 -47.26 4.85 13.56
C LYS E 240 -47.85 3.50 13.19
N ILE E 241 -48.20 3.33 11.91
CA ILE E 241 -48.82 2.10 11.42
C ILE E 241 -48.22 1.68 10.09
N SER E 242 -47.90 0.40 9.95
CA SER E 242 -47.41 -0.15 8.68
C SER E 242 -48.29 -1.27 8.15
N PHE E 243 -48.57 -1.23 6.85
CA PHE E 243 -49.38 -2.22 6.16
C PHE E 243 -48.56 -2.90 5.08
N PRO E 244 -47.88 -4.00 5.42
CA PRO E 244 -47.10 -4.74 4.43
C PRO E 244 -47.92 -5.09 3.19
N TRP E 245 -47.28 -5.18 2.03
CA TRP E 245 -48.01 -5.42 0.79
C TRP E 245 -48.79 -6.74 0.79
N ASN E 246 -48.20 -7.78 1.36
CA ASN E 246 -48.83 -9.09 1.40
C ASN E 246 -49.90 -9.19 2.50
N GLU E 247 -49.99 -8.16 3.33
CA GLU E 247 -51.02 -8.08 4.35
C GLU E 247 -52.22 -7.20 3.98
N ILE E 248 -52.21 -6.65 2.77
CA ILE E 248 -53.36 -5.86 2.32
C ILE E 248 -54.22 -6.61 1.33
N ARG E 249 -55.49 -6.81 1.71
CA ARG E 249 -56.47 -7.46 0.83
C ARG E 249 -56.68 -6.65 -0.45
N ASN E 250 -57.11 -5.40 -0.28
CA ASN E 250 -57.22 -4.48 -1.42
C ASN E 250 -57.27 -3.01 -0.99
N ILE E 251 -57.31 -2.12 -1.98
CA ILE E 251 -57.28 -0.68 -1.75
C ILE E 251 -58.31 -0.07 -2.67
N SER E 252 -59.03 0.95 -2.19
CA SER E 252 -60.05 1.58 -3.01
C SER E 252 -60.03 3.09 -2.87
N TYR E 253 -60.44 3.76 -3.95
CA TYR E 253 -60.49 5.22 -3.98
C TYR E 253 -61.72 5.74 -4.70
N SER E 254 -62.45 6.64 -4.04
CA SER E 254 -63.60 7.34 -4.63
C SER E 254 -63.73 8.74 -4.03
N ASP E 255 -64.35 9.65 -4.79
CA ASP E 255 -64.32 11.09 -4.48
C ASP E 255 -62.85 11.42 -4.26
N LYS E 256 -62.48 12.03 -3.12
CA LYS E 256 -61.09 11.94 -2.72
C LYS E 256 -61.05 11.24 -1.36
N GLU E 257 -60.86 9.92 -1.40
CA GLU E 257 -60.79 9.11 -0.18
C GLU E 257 -60.14 7.77 -0.50
N PHE E 258 -59.39 7.22 0.45
CA PHE E 258 -58.75 5.92 0.24
C PHE E 258 -59.15 4.95 1.34
N THR E 259 -59.28 3.67 0.97
CA THR E 259 -59.52 2.63 1.97
C THR E 259 -58.53 1.49 1.84
N ILE E 260 -57.76 1.29 2.90
CA ILE E 260 -56.89 0.13 3.00
C ILE E 260 -57.63 -0.92 3.81
N LYS E 261 -58.00 -2.01 3.16
CA LYS E 261 -58.59 -3.11 3.91
C LYS E 261 -57.62 -4.27 4.02
N PRO E 262 -57.17 -4.55 5.24
CA PRO E 262 -56.20 -5.61 5.52
C PRO E 262 -56.73 -6.98 5.16
N LEU E 263 -55.82 -7.93 4.97
CA LEU E 263 -56.16 -9.31 4.65
C LEU E 263 -56.69 -10.04 5.88
N ASP E 264 -56.60 -9.39 7.03
CA ASP E 264 -57.06 -9.93 8.30
C ASP E 264 -58.28 -9.16 8.79
N LYS E 265 -59.44 -9.84 8.80
CA LYS E 265 -60.73 -9.21 9.11
C LYS E 265 -60.78 -8.51 10.46
N LYS E 266 -60.05 -9.03 11.44
CA LYS E 266 -60.16 -8.56 12.82
C LYS E 266 -59.37 -7.27 13.04
N ILE E 267 -58.72 -6.78 11.99
CA ILE E 267 -58.07 -5.48 12.03
C ILE E 267 -58.91 -4.45 11.28
N ASP E 268 -59.17 -3.31 11.91
CA ASP E 268 -59.97 -2.25 11.31
C ASP E 268 -59.35 -1.74 10.01
N VAL E 269 -60.21 -1.40 9.06
CA VAL E 269 -59.73 -0.77 7.84
C VAL E 269 -59.30 0.65 8.16
N PHE E 270 -58.43 1.21 7.33
CA PHE E 270 -57.96 2.57 7.54
C PHE E 270 -58.46 3.45 6.41
N LYS E 271 -58.85 4.68 6.72
CA LYS E 271 -59.38 5.59 5.71
C LYS E 271 -58.74 6.96 5.82
N PHE E 272 -58.51 7.59 4.68
CA PHE E 272 -57.97 8.94 4.68
C PHE E 272 -58.39 9.74 3.45
N ASN E 273 -58.26 11.06 3.58
CA ASN E 273 -58.59 11.98 2.51
C ASN E 273 -57.37 12.71 1.98
N SER E 274 -57.28 12.84 0.66
CA SER E 274 -56.24 13.63 0.02
C SER E 274 -56.87 14.58 -1.01
N SER E 275 -56.66 15.87 -0.83
CA SER E 275 -57.31 16.88 -1.67
C SER E 275 -56.96 16.79 -3.16
N LYS E 276 -55.66 16.87 -3.47
CA LYS E 276 -55.22 16.97 -4.86
C LYS E 276 -55.39 15.66 -5.63
N LEU E 277 -55.95 15.77 -6.83
CA LEU E 277 -56.33 14.60 -7.62
C LEU E 277 -55.15 13.93 -8.32
N ARG E 278 -54.22 14.73 -8.84
CA ARG E 278 -53.05 14.18 -9.52
C ARG E 278 -52.13 13.45 -8.54
N VAL E 279 -52.11 13.91 -7.30
CA VAL E 279 -51.40 13.22 -6.23
C VAL E 279 -51.96 11.81 -6.05
N ASN E 280 -53.28 11.71 -6.00
CA ASN E 280 -53.95 10.42 -5.78
C ASN E 280 -53.73 9.44 -6.92
N LYS E 281 -53.59 9.98 -8.12
CA LYS E 281 -53.25 9.16 -9.28
C LYS E 281 -51.84 8.60 -9.08
N LEU E 282 -50.93 9.46 -8.64
CA LEU E 282 -49.56 9.08 -8.34
C LEU E 282 -49.52 8.03 -7.22
N ILE E 283 -50.24 8.30 -6.14
CA ILE E 283 -50.36 7.37 -5.02
C ILE E 283 -50.77 5.98 -5.49
N LEU E 284 -51.78 5.94 -6.36
CA LEU E 284 -52.29 4.68 -6.88
C LEU E 284 -51.26 3.93 -7.74
N GLN E 285 -50.58 4.66 -8.62
CA GLN E 285 -49.53 4.05 -9.44
C GLN E 285 -48.46 3.45 -8.53
N LEU E 286 -48.07 4.22 -7.53
CA LEU E 286 -47.01 3.80 -6.62
C LEU E 286 -47.42 2.53 -5.87
N CYS E 287 -48.70 2.46 -5.52
CA CYS E 287 -49.25 1.27 -4.86
C CYS E 287 -49.20 0.07 -5.78
N ILE E 288 -49.67 0.26 -7.00
CA ILE E 288 -49.67 -0.83 -7.98
C ILE E 288 -48.26 -1.38 -8.26
N GLY E 289 -47.34 -0.50 -8.61
CA GLY E 289 -45.98 -0.91 -8.94
C GLY E 289 -45.27 -1.58 -7.78
N ASN E 290 -45.28 -0.92 -6.62
CA ASN E 290 -44.60 -1.44 -5.44
C ASN E 290 -45.15 -2.81 -4.99
N HIS E 291 -46.47 -2.93 -4.94
CA HIS E 291 -47.09 -4.22 -4.61
C HIS E 291 -46.61 -5.29 -5.58
N ASP E 292 -46.67 -4.97 -6.86
CA ASP E 292 -46.22 -5.90 -7.90
C ASP E 292 -44.79 -6.38 -7.67
N LEU E 293 -43.86 -5.44 -7.51
CA LEU E 293 -42.46 -5.78 -7.31
C LEU E 293 -42.26 -6.56 -6.02
N PHE E 294 -43.02 -6.20 -4.98
CA PHE E 294 -42.95 -6.89 -3.70
C PHE E 294 -43.28 -8.36 -3.88
N MET E 295 -44.31 -8.63 -4.68
CA MET E 295 -44.76 -10.00 -4.91
C MET E 295 -43.76 -10.80 -5.73
N ARG E 296 -43.22 -10.19 -6.78
CA ARG E 296 -42.24 -10.88 -7.63
C ARG E 296 -41.03 -11.38 -6.84
N ARG E 297 -40.56 -10.57 -5.89
CA ARG E 297 -39.40 -10.97 -5.09
C ARG E 297 -39.69 -12.23 -4.28
N ARG E 298 -40.97 -12.42 -3.95
CA ARG E 298 -41.40 -13.51 -3.06
C ARG E 298 -41.96 -14.77 -3.73
N LYS E 299 -41.98 -14.82 -5.06
CA LYS E 299 -42.52 -15.98 -5.76
C LYS E 299 -41.45 -17.01 -6.10
N THR F 8 -63.00 53.54 16.07
CA THR F 8 -62.18 52.40 16.46
C THR F 8 -60.70 52.75 16.39
N PHE F 9 -59.90 52.15 17.28
CA PHE F 9 -58.45 52.30 17.22
C PHE F 9 -57.68 51.01 17.48
N THR F 10 -56.38 51.03 17.20
CA THR F 10 -55.53 49.86 17.32
C THR F 10 -54.85 49.74 18.67
N VAL F 11 -55.05 48.61 19.33
CA VAL F 11 -54.32 48.29 20.55
C VAL F 11 -53.26 47.24 20.23
N ARG F 12 -52.13 47.31 20.92
CA ARG F 12 -51.08 46.31 20.77
C ARG F 12 -51.02 45.44 22.03
N ILE F 13 -51.16 44.14 21.85
CA ILE F 13 -51.05 43.21 22.97
C ILE F 13 -49.82 42.33 22.83
N VAL F 14 -48.87 42.49 23.73
CA VAL F 14 -47.67 41.67 23.76
C VAL F 14 -47.78 40.59 24.85
N THR F 15 -47.69 39.33 24.45
CA THR F 15 -47.55 38.25 25.42
C THR F 15 -46.08 37.88 25.51
N MET F 16 -45.75 36.89 26.31
CA MET F 16 -44.36 36.49 26.46
C MET F 16 -43.74 36.01 25.13
N ASP F 17 -44.47 35.17 24.39
CA ASP F 17 -43.97 34.66 23.10
C ASP F 17 -44.53 35.30 21.82
N ALA F 18 -45.49 36.21 21.94
CA ALA F 18 -46.17 36.69 20.75
C ALA F 18 -46.63 38.14 20.84
N GLU F 19 -46.76 38.78 19.67
CA GLU F 19 -47.35 40.11 19.55
C GLU F 19 -48.69 40.01 18.83
N MET F 20 -49.69 40.75 19.30
CA MET F 20 -51.01 40.78 18.68
C MET F 20 -51.49 42.21 18.46
N GLU F 21 -52.21 42.42 17.36
CA GLU F 21 -52.82 43.72 17.10
C GLU F 21 -54.33 43.59 16.92
N PHE F 22 -55.07 44.43 17.65
CA PHE F 22 -56.53 44.40 17.61
C PHE F 22 -57.09 45.79 17.34
N ASN F 23 -58.21 45.84 16.62
CA ASN F 23 -58.94 47.10 16.45
C ASN F 23 -60.00 47.21 17.54
N CYS F 24 -59.82 48.20 18.41
CA CYS F 24 -60.66 48.32 19.60
C CYS F 24 -61.62 49.51 19.54
N GLU F 25 -62.84 49.28 20.03
CA GLU F 25 -63.88 50.28 20.03
C GLU F 25 -63.57 51.42 21.00
N MET F 26 -64.17 52.58 20.78
CA MET F 26 -63.91 53.78 21.58
C MET F 26 -64.34 53.64 23.04
N LYS F 27 -65.57 53.19 23.25
CA LYS F 27 -66.15 53.15 24.60
C LYS F 27 -65.96 51.80 25.29
N TRP F 28 -65.32 50.86 24.60
CA TRP F 28 -65.05 49.53 25.16
C TRP F 28 -64.29 49.66 26.46
N LYS F 29 -64.82 49.02 27.51
CA LYS F 29 -64.17 49.05 28.81
C LYS F 29 -63.10 47.95 28.91
N GLY F 30 -62.41 47.90 30.05
CA GLY F 30 -61.33 46.94 30.24
C GLY F 30 -61.77 45.51 30.01
N LYS F 31 -62.96 45.18 30.48
CA LYS F 31 -63.50 43.83 30.38
C LYS F 31 -63.73 43.36 28.93
N ASP F 32 -63.92 44.30 28.01
CA ASP F 32 -64.09 43.93 26.61
C ASP F 32 -62.78 43.53 25.97
N LEU F 33 -61.76 44.36 26.15
CA LEU F 33 -60.46 44.12 25.53
C LEU F 33 -59.80 42.88 26.13
N PHE F 34 -59.93 42.70 27.44
CA PHE F 34 -59.37 41.55 28.14
C PHE F 34 -60.04 40.25 27.70
N ASP F 35 -61.38 40.23 27.73
CA ASP F 35 -62.15 39.04 27.33
C ASP F 35 -61.91 38.68 25.88
N LEU F 36 -61.57 39.70 25.08
CA LEU F 36 -61.28 39.49 23.67
C LEU F 36 -59.95 38.76 23.48
N VAL F 37 -58.93 39.17 24.23
CA VAL F 37 -57.61 38.54 24.11
C VAL F 37 -57.65 37.08 24.55
N CYS F 38 -58.32 36.83 25.67
CA CYS F 38 -58.41 35.49 26.22
C CYS F 38 -59.08 34.53 25.24
N ARG F 39 -60.15 34.99 24.59
CA ARG F 39 -60.80 34.18 23.56
C ARG F 39 -59.87 33.92 22.39
N THR F 40 -59.06 34.92 22.04
CA THR F 40 -58.14 34.81 20.92
C THR F 40 -57.00 33.84 21.23
N LEU F 41 -56.65 33.73 22.51
CA LEU F 41 -55.57 32.85 22.92
C LEU F 41 -56.09 31.46 23.29
N GLY F 42 -57.41 31.31 23.29
CA GLY F 42 -58.05 30.07 23.70
C GLY F 42 -57.94 29.87 25.19
N LEU F 43 -57.93 30.98 25.94
CA LEU F 43 -57.60 30.95 27.36
C LEU F 43 -58.85 31.02 28.23
N ARG F 44 -59.18 29.89 28.86
CA ARG F 44 -60.33 29.80 29.74
C ARG F 44 -60.08 30.32 31.15
N GLU F 45 -58.86 30.16 31.68
CA GLU F 45 -58.64 30.52 33.07
C GLU F 45 -58.04 31.92 33.07
N THR F 46 -58.92 32.90 33.25
CA THR F 46 -58.56 34.29 32.99
C THR F 46 -58.28 35.05 34.27
N TRP F 47 -58.59 34.42 35.40
CA TRP F 47 -58.56 35.12 36.68
C TRP F 47 -57.12 35.35 37.16
N PHE F 48 -56.17 34.62 36.57
CA PHE F 48 -54.76 34.79 36.87
C PHE F 48 -54.20 35.98 36.12
N PHE F 49 -54.80 36.30 34.98
CA PHE F 49 -54.19 37.25 34.05
C PHE F 49 -54.77 38.65 34.08
N GLY F 50 -54.15 39.53 33.31
CA GLY F 50 -54.52 40.93 33.25
C GLY F 50 -53.78 41.60 32.13
N LEU F 51 -54.10 42.87 31.87
CA LEU F 51 -53.42 43.62 30.83
C LEU F 51 -52.66 44.76 31.49
N GLN F 52 -51.34 44.71 31.38
CA GLN F 52 -50.49 45.61 32.13
C GLN F 52 -49.84 46.67 31.27
N TYR F 53 -49.79 47.87 31.81
CA TYR F 53 -49.06 48.98 31.20
C TYR F 53 -48.32 49.66 32.34
N THR F 54 -47.36 50.52 32.03
CA THR F 54 -46.54 51.13 33.07
C THR F 54 -46.68 52.63 33.10
N ILE F 55 -46.94 53.20 34.27
CA ILE F 55 -46.80 54.64 34.39
C ILE F 55 -45.71 55.06 35.36
N LYS F 56 -44.75 55.81 34.85
CA LYS F 56 -43.79 56.45 35.70
C LYS F 56 -43.11 55.46 36.59
N ASP F 57 -42.76 54.32 36.02
CA ASP F 57 -42.04 53.30 36.74
C ASP F 57 -42.91 52.48 37.64
N THR F 58 -44.21 52.69 37.57
CA THR F 58 -45.10 51.86 38.34
C THR F 58 -46.04 51.15 37.44
N VAL F 59 -46.14 49.84 37.59
CA VAL F 59 -47.03 49.09 36.75
C VAL F 59 -48.45 49.40 37.13
N ALA F 60 -49.32 49.36 36.15
CA ALA F 60 -50.75 49.47 36.40
C ALA F 60 -51.48 48.39 35.62
N TRP F 61 -52.63 47.96 36.13
CA TRP F 61 -53.43 46.99 35.43
C TRP F 61 -54.73 47.63 34.93
N LEU F 62 -55.13 47.26 33.72
CA LEU F 62 -56.40 47.69 33.16
C LEU F 62 -57.53 47.27 34.07
N LYS F 63 -58.35 48.23 34.49
CA LYS F 63 -59.52 47.93 35.31
C LYS F 63 -60.64 47.40 34.41
N MET F 64 -61.44 46.49 34.95
CA MET F 64 -62.47 45.83 34.15
C MET F 64 -63.67 46.74 33.88
N ASP F 65 -64.05 47.53 34.89
CA ASP F 65 -65.27 48.35 34.79
C ASP F 65 -65.05 49.74 34.21
N LYS F 66 -63.79 50.10 33.99
CA LYS F 66 -63.47 51.43 33.46
C LYS F 66 -63.20 51.33 31.96
N LYS F 67 -63.58 52.37 31.22
CA LYS F 67 -63.29 52.44 29.79
C LYS F 67 -61.78 52.37 29.59
N VAL F 68 -61.37 51.78 28.47
CA VAL F 68 -59.95 51.66 28.15
C VAL F 68 -59.26 53.01 28.13
N LEU F 69 -59.71 53.89 27.23
CA LEU F 69 -59.08 55.19 27.01
C LEU F 69 -59.00 56.14 28.22
N ASP F 70 -59.81 55.87 29.25
CA ASP F 70 -59.78 56.70 30.47
C ASP F 70 -58.53 56.43 31.32
N HIS F 71 -57.85 55.33 31.04
CA HIS F 71 -56.60 54.98 31.73
C HIS F 71 -55.42 55.87 31.31
N ASP F 72 -54.37 55.85 32.12
CA ASP F 72 -53.25 56.78 31.96
C ASP F 72 -52.28 56.34 30.87
N VAL F 73 -52.56 55.20 30.24
CA VAL F 73 -51.69 54.68 29.20
C VAL F 73 -51.51 55.69 28.06
N SER F 74 -50.32 55.71 27.48
CA SER F 74 -50.01 56.61 26.37
C SER F 74 -50.94 56.37 25.18
N LYS F 75 -51.57 57.43 24.72
CA LYS F 75 -52.47 57.36 23.57
C LYS F 75 -51.68 57.19 22.26
N GLU F 76 -50.38 57.38 22.32
CA GLU F 76 -49.68 57.36 21.08
C GLU F 76 -50.08 56.02 20.54
N GLU F 77 -50.60 56.02 19.33
CA GLU F 77 -50.90 54.81 18.59
C GLU F 77 -49.59 54.15 18.12
N PRO F 78 -49.51 52.82 18.17
CA PRO F 78 -50.65 51.99 18.59
C PRO F 78 -50.50 51.59 20.05
N VAL F 79 -51.55 51.81 20.84
CA VAL F 79 -51.47 51.62 22.28
C VAL F 79 -51.09 50.18 22.59
N THR F 80 -50.20 50.03 23.57
CA THR F 80 -49.67 48.75 23.93
C THR F 80 -49.98 48.34 25.36
N PHE F 81 -50.47 47.13 25.49
CA PHE F 81 -50.65 46.49 26.79
C PHE F 81 -49.88 45.17 26.82
N HIS F 82 -49.33 44.82 27.97
CA HIS F 82 -48.66 43.54 28.13
C HIS F 82 -49.59 42.52 28.81
N PHE F 83 -49.85 41.42 28.13
CA PHE F 83 -50.70 40.38 28.69
C PHE F 83 -49.84 39.51 29.59
N LEU F 84 -50.18 39.48 30.88
CA LEU F 84 -49.30 38.90 31.88
C LEU F 84 -50.09 38.33 33.06
N ALA F 85 -49.52 37.34 33.74
CA ALA F 85 -50.12 36.82 34.95
C ALA F 85 -49.99 37.83 36.09
N LYS F 86 -51.12 38.21 36.68
CA LYS F 86 -51.14 39.12 37.83
C LYS F 86 -51.20 38.41 39.19
N PHE F 87 -51.67 37.17 39.16
CA PHE F 87 -51.78 36.37 40.37
C PHE F 87 -51.22 34.99 40.09
N TYR F 88 -50.70 34.35 41.12
CA TYR F 88 -50.09 33.05 40.95
C TYR F 88 -50.85 32.03 41.76
N PRO F 89 -51.03 30.84 41.22
CA PRO F 89 -51.69 29.77 41.97
C PRO F 89 -50.85 29.33 43.15
N GLU F 90 -51.50 28.77 44.17
CA GLU F 90 -50.77 28.20 45.29
C GLU F 90 -50.10 26.89 44.87
N ASN F 91 -50.76 26.16 43.96
CA ASN F 91 -50.20 24.96 43.38
C ASN F 91 -50.43 24.98 41.87
N ALA F 92 -49.36 25.07 41.09
CA ALA F 92 -49.52 25.23 39.64
C ALA F 92 -50.02 23.96 38.95
N GLU F 93 -49.56 22.81 39.42
CA GLU F 93 -49.93 21.53 38.80
C GLU F 93 -51.42 21.24 38.97
N GLU F 94 -51.96 21.65 40.11
CA GLU F 94 -53.39 21.49 40.37
C GLU F 94 -54.24 22.57 39.72
N GLU F 95 -53.77 23.81 39.74
CA GLU F 95 -54.62 24.94 39.34
C GLU F 95 -54.51 25.41 37.90
N LEU F 96 -53.52 24.95 37.14
CA LEU F 96 -53.46 25.35 35.75
C LEU F 96 -53.82 24.14 34.90
N VAL F 97 -55.05 24.13 34.40
CA VAL F 97 -55.59 23.01 33.62
C VAL F 97 -55.21 23.07 32.14
N GLN F 98 -55.32 24.25 31.54
CA GLN F 98 -55.00 24.43 30.14
C GLN F 98 -53.50 24.52 29.87
N GLU F 99 -53.07 23.89 28.77
CA GLU F 99 -51.71 24.00 28.29
C GLU F 99 -51.27 25.46 28.05
N ILE F 100 -52.18 26.28 27.51
CA ILE F 100 -51.83 27.66 27.19
C ILE F 100 -51.57 28.46 28.47
N THR F 101 -52.33 28.14 29.51
CA THR F 101 -52.15 28.76 30.81
C THR F 101 -50.80 28.37 31.38
N GLN F 102 -50.53 27.07 31.36
CA GLN F 102 -49.25 26.54 31.84
C GLN F 102 -48.07 27.18 31.12
N HIS F 103 -48.16 27.22 29.79
CA HIS F 103 -47.10 27.75 28.95
C HIS F 103 -46.85 29.24 29.19
N LEU F 104 -47.91 30.01 29.35
CA LEU F 104 -47.76 31.44 29.61
C LEU F 104 -47.08 31.66 30.97
N PHE F 105 -47.46 30.89 31.98
CA PHE F 105 -46.80 30.97 33.28
C PHE F 105 -45.32 30.60 33.20
N PHE F 106 -45.03 29.49 32.52
CA PHE F 106 -43.66 29.01 32.34
C PHE F 106 -42.72 30.09 31.79
N LEU F 107 -43.12 30.72 30.68
CA LEU F 107 -42.32 31.74 30.03
C LEU F 107 -42.11 32.94 30.94
N GLN F 108 -43.15 33.34 31.66
CA GLN F 108 -43.09 34.54 32.48
C GLN F 108 -42.21 34.30 33.71
N VAL F 109 -42.38 33.15 34.34
CA VAL F 109 -41.56 32.77 35.48
C VAL F 109 -40.08 32.60 35.09
N LYS F 110 -39.82 31.89 34.00
CA LYS F 110 -38.44 31.68 33.55
C LYS F 110 -37.73 33.01 33.34
N LYS F 111 -38.42 33.96 32.71
CA LYS F 111 -37.87 35.30 32.54
C LYS F 111 -37.52 35.95 33.88
N GLN F 112 -38.42 35.87 34.84
CA GLN F 112 -38.17 36.40 36.18
C GLN F 112 -36.92 35.78 36.83
N ILE F 113 -36.71 34.49 36.59
CA ILE F 113 -35.53 33.81 37.15
C ILE F 113 -34.24 34.19 36.44
N LEU F 114 -34.26 34.17 35.11
CA LEU F 114 -33.09 34.54 34.33
C LEU F 114 -32.69 36.02 34.48
N ASP F 115 -33.67 36.88 34.75
CA ASP F 115 -33.43 38.31 34.98
C ASP F 115 -33.15 38.61 36.45
N GLU F 116 -33.08 37.57 37.28
CA GLU F 116 -32.77 37.68 38.70
C GLU F 116 -33.78 38.48 39.51
N LYS F 117 -35.01 38.62 38.99
CA LYS F 117 -36.11 39.22 39.74
C LYS F 117 -36.50 38.27 40.88
N VAL F 118 -36.37 36.99 40.62
CA VAL F 118 -36.67 35.96 41.62
C VAL F 118 -35.38 35.20 41.90
N TYR F 119 -34.87 35.33 43.11
CA TYR F 119 -33.66 34.65 43.50
C TYR F 119 -33.79 33.14 43.26
N CYS F 120 -32.76 32.53 42.69
CA CYS F 120 -32.73 31.06 42.60
C CYS F 120 -31.33 30.56 42.94
N PRO F 121 -31.24 29.52 43.78
CA PRO F 121 -29.91 29.00 44.16
C PRO F 121 -29.27 28.23 43.00
N PRO F 122 -27.95 27.96 43.07
CA PRO F 122 -27.24 27.40 41.92
C PRO F 122 -27.73 26.04 41.42
N GLU F 123 -27.91 25.06 42.30
CA GLU F 123 -28.27 23.70 41.83
C GLU F 123 -29.68 23.68 41.24
N ALA F 124 -30.62 24.33 41.93
CA ALA F 124 -31.96 24.46 41.39
C ALA F 124 -31.94 25.16 40.03
N SER F 125 -31.04 26.12 39.86
CA SER F 125 -31.02 26.88 38.61
C SER F 125 -30.54 25.99 37.45
N VAL F 126 -29.64 25.05 37.74
CA VAL F 126 -29.21 24.08 36.75
C VAL F 126 -30.34 23.11 36.40
N LEU F 127 -31.03 22.59 37.42
CA LEU F 127 -32.17 21.70 37.21
C LEU F 127 -33.25 22.41 36.38
N LEU F 128 -33.57 23.65 36.75
CA LEU F 128 -34.51 24.45 35.98
C LEU F 128 -34.08 24.54 34.51
N ALA F 129 -32.84 24.95 34.27
CA ALA F 129 -32.33 25.04 32.90
C ALA F 129 -32.50 23.72 32.14
N SER F 130 -32.33 22.60 32.83
CA SER F 130 -32.43 21.30 32.18
C SER F 130 -33.86 20.95 31.73
N TYR F 131 -34.85 21.45 32.46
CA TYR F 131 -36.24 21.28 32.04
C TYR F 131 -36.61 22.23 30.91
N ALA F 132 -36.10 23.45 30.97
CA ALA F 132 -36.26 24.38 29.87
C ALA F 132 -35.66 23.78 28.59
N VAL F 133 -34.52 23.11 28.71
CA VAL F 133 -33.88 22.49 27.55
C VAL F 133 -34.71 21.29 27.03
N GLN F 134 -35.12 20.41 27.93
CA GLN F 134 -36.05 19.34 27.55
C GLN F 134 -37.32 19.85 26.85
N ALA F 135 -37.89 20.95 27.35
CA ALA F 135 -39.10 21.54 26.75
C ALA F 135 -38.87 22.01 25.32
N LYS F 136 -37.73 22.66 25.09
CA LYS F 136 -37.46 23.24 23.78
C LYS F 136 -36.92 22.23 22.78
N TYR F 137 -36.00 21.38 23.22
CA TYR F 137 -35.25 20.50 22.32
C TYR F 137 -35.82 19.08 22.16
N GLY F 138 -36.74 18.68 23.03
CA GLY F 138 -37.10 17.27 23.12
C GLY F 138 -35.98 16.46 23.75
N ASP F 139 -36.07 15.14 23.70
CA ASP F 139 -35.09 14.24 24.31
C ASP F 139 -33.64 14.49 23.86
N TYR F 140 -32.72 14.41 24.81
CA TYR F 140 -31.31 14.45 24.49
C TYR F 140 -30.94 13.30 23.56
N ASP F 141 -30.31 13.66 22.45
CA ASP F 141 -29.91 12.71 21.42
C ASP F 141 -28.53 13.03 20.85
N PRO F 142 -27.48 12.33 21.32
CA PRO F 142 -26.11 12.60 20.86
C PRO F 142 -25.90 12.54 19.33
N SER F 143 -26.84 11.97 18.57
CA SER F 143 -26.73 11.99 17.10
C SER F 143 -27.27 13.31 16.53
N VAL F 144 -27.88 14.11 17.39
CA VAL F 144 -28.47 15.38 17.02
C VAL F 144 -27.75 16.52 17.77
N HIS F 145 -27.69 16.42 19.09
CA HIS F 145 -27.10 17.49 19.90
C HIS F 145 -25.61 17.23 20.13
N LYS F 146 -24.76 17.99 19.44
CA LYS F 146 -23.33 17.83 19.57
C LYS F 146 -22.82 18.95 20.43
N ARG F 147 -21.53 18.90 20.78
CA ARG F 147 -20.93 19.93 21.60
C ARG F 147 -21.15 21.32 21.01
N GLY F 148 -21.68 22.22 21.83
CA GLY F 148 -21.93 23.58 21.40
C GLY F 148 -23.38 23.83 21.05
N PHE F 149 -24.21 22.78 21.10
CA PHE F 149 -25.62 22.92 20.75
C PHE F 149 -26.39 23.91 21.65
N LEU F 150 -25.92 24.12 22.89
CA LEU F 150 -26.53 25.11 23.78
C LEU F 150 -25.83 26.50 23.80
N ALA F 151 -24.82 26.68 22.95
CA ALA F 151 -23.96 27.87 23.03
C ALA F 151 -24.70 29.21 22.90
N GLN F 152 -25.80 29.23 22.16
CA GLN F 152 -26.60 30.44 21.96
C GLN F 152 -27.79 30.61 22.91
N GLU F 153 -27.93 29.73 23.89
CA GLU F 153 -29.04 29.82 24.83
C GLU F 153 -28.64 30.56 26.11
N GLU F 154 -29.51 31.40 26.66
CA GLU F 154 -29.24 31.85 28.03
C GLU F 154 -29.99 30.94 28.98
N LEU F 155 -29.24 30.07 29.64
CA LEU F 155 -29.85 29.05 30.47
C LEU F 155 -29.83 29.35 31.96
N LEU F 156 -29.01 30.31 32.37
CA LEU F 156 -28.74 30.53 33.79
C LEU F 156 -28.66 32.01 34.10
N PRO F 157 -29.09 32.42 35.29
CA PRO F 157 -28.85 33.80 35.74
C PRO F 157 -27.36 34.07 35.78
N LYS F 158 -26.92 35.29 35.43
CA LYS F 158 -25.50 35.61 35.47
C LYS F 158 -24.93 35.46 36.89
N ARG F 159 -25.75 35.76 37.88
CA ARG F 159 -25.36 35.62 39.27
C ARG F 159 -24.83 34.21 39.57
N VAL F 160 -25.52 33.20 39.03
CA VAL F 160 -25.09 31.80 39.19
C VAL F 160 -23.80 31.52 38.44
N ILE F 161 -23.73 31.95 37.18
CA ILE F 161 -22.52 31.82 36.37
C ILE F 161 -21.29 32.43 37.06
N ASN F 162 -21.48 33.56 37.72
CA ASN F 162 -20.39 34.24 38.41
C ASN F 162 -19.88 33.55 39.68
N LEU F 163 -20.63 32.58 40.20
CA LEU F 163 -20.20 31.79 41.35
C LEU F 163 -19.13 30.76 40.96
N TYR F 164 -18.84 30.61 39.68
CA TYR F 164 -17.90 29.56 39.26
C TYR F 164 -16.95 30.05 38.18
N GLN F 165 -15.93 29.26 37.88
CA GLN F 165 -14.99 29.53 36.80
C GLN F 165 -15.23 28.78 35.48
N MET F 166 -16.34 28.06 35.38
CA MET F 166 -16.59 27.19 34.23
C MET F 166 -16.74 27.88 32.87
N THR F 167 -16.20 27.25 31.84
CA THR F 167 -16.42 27.67 30.46
C THR F 167 -17.83 27.30 30.00
N PRO F 168 -18.30 27.93 28.90
CA PRO F 168 -19.62 27.58 28.34
C PRO F 168 -19.77 26.09 28.03
N GLU F 169 -18.70 25.45 27.59
CA GLU F 169 -18.72 24.00 27.35
C GLU F 169 -18.98 23.19 28.62
N MET F 170 -18.31 23.56 29.71
CA MET F 170 -18.50 22.90 31.00
C MET F 170 -19.94 23.06 31.49
N TRP F 171 -20.50 24.25 31.34
CA TRP F 171 -21.90 24.49 31.72
C TRP F 171 -22.86 23.66 30.88
N GLU F 172 -22.58 23.58 29.58
CA GLU F 172 -23.41 22.81 28.66
C GLU F 172 -23.42 21.36 29.13
N GLU F 173 -22.23 20.85 29.45
CA GLU F 173 -22.07 19.48 29.93
C GLU F 173 -22.81 19.26 31.26
N ARG F 174 -22.67 20.21 32.18
CA ARG F 174 -23.34 20.11 33.47
C ARG F 174 -24.87 20.12 33.34
N ILE F 175 -25.37 20.99 32.48
CA ILE F 175 -26.80 21.06 32.21
C ILE F 175 -27.29 19.78 31.50
N THR F 176 -26.48 19.27 30.59
CA THR F 176 -26.80 18.07 29.82
C THR F 176 -26.91 16.84 30.70
N ALA F 177 -26.10 16.77 31.74
CA ALA F 177 -26.16 15.66 32.67
C ALA F 177 -27.59 15.50 33.26
N TRP F 178 -28.23 16.62 33.60
CA TRP F 178 -29.60 16.59 34.10
C TRP F 178 -30.64 16.41 32.97
N TYR F 179 -30.44 17.18 31.91
CA TYR F 179 -31.31 17.15 30.73
C TYR F 179 -31.50 15.73 30.17
N ALA F 180 -30.41 14.98 30.04
CA ALA F 180 -30.46 13.59 29.59
C ALA F 180 -31.40 12.70 30.41
N GLU F 181 -31.51 12.98 31.71
CA GLU F 181 -32.36 12.16 32.58
C GLU F 181 -33.85 12.49 32.38
N HIS F 182 -34.17 13.58 31.69
CA HIS F 182 -35.57 13.97 31.51
C HIS F 182 -36.23 13.32 30.29
N ARG F 183 -35.55 12.39 29.62
CA ARG F 183 -36.08 11.88 28.34
C ARG F 183 -37.46 11.23 28.50
N GLY F 184 -38.33 11.47 27.52
CA GLY F 184 -39.69 10.95 27.57
C GLY F 184 -40.70 11.98 28.03
N ARG F 185 -40.24 13.12 28.53
CA ARG F 185 -41.17 14.17 28.95
C ARG F 185 -41.48 15.14 27.81
N ALA F 186 -42.77 15.27 27.53
CA ALA F 186 -43.28 16.20 26.52
C ALA F 186 -43.10 17.64 26.97
N ARG F 187 -43.25 18.56 26.03
CA ARG F 187 -43.07 19.97 26.31
C ARG F 187 -43.82 20.46 27.55
N ASP F 188 -45.12 20.17 27.63
CA ASP F 188 -45.92 20.63 28.76
C ASP F 188 -45.54 19.97 30.09
N GLU F 189 -45.14 18.70 30.04
CA GLU F 189 -44.66 18.03 31.25
C GLU F 189 -43.37 18.66 31.78
N ALA F 190 -42.46 18.99 30.86
CA ALA F 190 -41.19 19.59 31.23
C ALA F 190 -41.41 20.98 31.79
N GLU F 191 -42.30 21.75 31.16
CA GLU F 191 -42.58 23.10 31.64
C GLU F 191 -43.28 23.10 33.00
N MET F 192 -44.10 22.08 33.25
CA MET F 192 -44.77 21.99 34.53
C MET F 192 -43.77 21.60 35.63
N GLU F 193 -42.84 20.69 35.31
CA GLU F 193 -41.80 20.33 36.28
C GLU F 193 -41.02 21.58 36.65
N TYR F 194 -40.70 22.39 35.63
CA TYR F 194 -40.05 23.68 35.86
C TYR F 194 -40.82 24.54 36.88
N LEU F 195 -42.12 24.74 36.63
CA LEU F 195 -42.97 25.52 37.53
C LEU F 195 -43.09 24.94 38.94
N LYS F 196 -43.13 23.62 39.02
CA LYS F 196 -43.19 22.96 40.31
C LYS F 196 -41.96 23.29 41.15
N ILE F 197 -40.81 23.42 40.49
CA ILE F 197 -39.59 23.80 41.18
C ILE F 197 -39.61 25.30 41.48
N ALA F 198 -39.96 26.09 40.48
CA ALA F 198 -39.92 27.55 40.61
C ALA F 198 -40.89 28.06 41.69
N GLN F 199 -42.02 27.39 41.85
CA GLN F 199 -43.06 27.87 42.76
C GLN F 199 -42.66 27.68 44.23
N ASP F 200 -41.64 26.87 44.48
CA ASP F 200 -41.15 26.72 45.85
C ASP F 200 -40.04 27.72 46.18
N LEU F 201 -39.62 28.52 45.21
CA LEU F 201 -38.66 29.58 45.50
C LEU F 201 -39.29 30.62 46.41
N GLU F 202 -38.51 31.10 47.37
CA GLU F 202 -39.01 32.04 48.36
C GLU F 202 -39.54 33.34 47.74
N MET F 203 -38.85 33.87 46.72
CA MET F 203 -39.31 35.11 46.09
C MET F 203 -40.39 34.93 45.02
N TYR F 204 -40.75 33.67 44.73
CA TYR F 204 -41.71 33.39 43.66
C TYR F 204 -43.08 33.95 44.00
N GLY F 205 -43.65 34.67 43.05
CA GLY F 205 -45.05 35.07 43.14
C GLY F 205 -45.30 36.18 44.15
N VAL F 206 -44.24 36.86 44.55
CA VAL F 206 -44.32 37.91 45.56
C VAL F 206 -44.12 39.29 44.95
N ASN F 207 -45.06 40.19 45.23
CA ASN F 207 -44.96 41.58 44.80
C ASN F 207 -44.34 42.41 45.93
N TYR F 208 -43.24 43.10 45.63
CA TYR F 208 -42.49 43.84 46.65
C TYR F 208 -42.70 45.34 46.55
N PHE F 209 -42.79 46.00 47.71
CA PHE F 209 -42.98 47.43 47.75
C PHE F 209 -42.19 48.07 48.90
N THR F 210 -41.54 49.18 48.61
CA THR F 210 -40.87 49.94 49.67
C THR F 210 -41.92 50.61 50.56
N ILE F 211 -41.87 50.32 51.86
CA ILE F 211 -42.75 50.96 52.82
C ILE F 211 -41.93 51.49 53.99
N ARG F 212 -42.60 52.17 54.91
CA ARG F 212 -41.98 52.64 56.16
C ARG F 212 -42.95 52.45 57.31
N ASN F 213 -42.47 51.88 58.42
CA ASN F 213 -43.31 51.70 59.61
C ASN F 213 -43.43 53.00 60.41
N LYS F 214 -43.95 52.89 61.63
CA LYS F 214 -44.16 54.07 62.47
C LYS F 214 -42.89 54.88 62.74
N LYS F 215 -41.83 54.21 63.16
CA LYS F 215 -40.57 54.89 63.48
C LYS F 215 -39.90 55.51 62.26
N GLY F 216 -40.40 55.19 61.06
CA GLY F 216 -39.83 55.65 59.82
C GLY F 216 -38.80 54.68 59.27
N THR F 217 -38.70 53.51 59.88
CA THR F 217 -37.78 52.48 59.43
C THR F 217 -38.20 52.01 58.05
N GLU F 218 -37.26 52.03 57.10
CA GLU F 218 -37.51 51.52 55.77
C GLU F 218 -37.75 50.02 55.83
N LEU F 219 -38.85 49.59 55.21
CA LEU F 219 -39.18 48.17 55.15
C LEU F 219 -39.66 47.78 53.77
N LEU F 220 -40.02 46.51 53.63
CA LEU F 220 -40.51 45.95 52.39
C LEU F 220 -41.81 45.20 52.67
N LEU F 221 -42.82 45.49 51.86
CA LEU F 221 -44.11 44.80 51.93
C LEU F 221 -44.17 43.76 50.81
N GLY F 222 -44.26 42.49 51.18
CA GLY F 222 -44.63 41.47 50.21
C GLY F 222 -46.11 41.19 50.15
N VAL F 223 -46.63 40.99 48.94
CA VAL F 223 -48.03 40.57 48.76
C VAL F 223 -48.04 39.38 47.80
N ASP F 224 -48.48 38.22 48.28
CA ASP F 224 -48.53 37.03 47.44
C ASP F 224 -49.84 36.25 47.64
N ALA F 225 -49.91 35.06 47.04
CA ALA F 225 -51.11 34.24 47.10
C ALA F 225 -51.45 33.82 48.51
N LEU F 226 -50.43 33.77 49.37
CA LEU F 226 -50.58 33.30 50.75
C LEU F 226 -51.05 34.36 51.74
N GLY F 227 -50.59 35.60 51.57
CA GLY F 227 -50.91 36.65 52.51
C GLY F 227 -50.04 37.88 52.40
N LEU F 228 -49.94 38.62 53.51
CA LEU F 228 -49.12 39.82 53.56
C LEU F 228 -47.87 39.54 54.36
N HIS F 229 -46.74 40.09 53.90
CA HIS F 229 -45.46 39.78 54.50
C HIS F 229 -44.64 41.05 54.65
N ILE F 230 -43.90 41.12 55.75
CA ILE F 230 -43.04 42.28 56.02
C ILE F 230 -41.59 41.86 56.04
N TYR F 231 -40.77 42.54 55.24
CA TYR F 231 -39.38 42.15 55.10
C TYR F 231 -38.42 43.21 55.57
N ASP F 232 -37.37 42.77 56.24
CA ASP F 232 -36.19 43.57 56.42
C ASP F 232 -35.61 43.77 55.03
N PRO F 233 -35.38 45.04 54.63
CA PRO F 233 -34.97 45.41 53.26
C PRO F 233 -33.76 44.67 52.66
N GLU F 234 -32.88 44.11 53.47
CA GLU F 234 -31.74 43.37 52.91
C GLU F 234 -31.96 41.86 52.83
N ASN F 235 -33.14 41.40 53.21
CA ASN F 235 -33.50 40.00 53.01
C ASN F 235 -34.90 39.88 52.40
N ARG F 236 -34.98 39.48 51.14
CA ARG F 236 -36.27 39.32 50.45
C ARG F 236 -36.72 37.87 50.47
N LEU F 237 -35.87 37.01 51.03
CA LEU F 237 -36.15 35.57 51.08
C LEU F 237 -37.06 35.17 52.24
N THR F 238 -36.75 35.66 53.43
CA THR F 238 -37.49 35.30 54.63
C THR F 238 -38.14 36.51 55.31
N PRO F 239 -39.48 36.60 55.26
CA PRO F 239 -40.20 37.74 55.86
C PRO F 239 -40.07 37.78 57.38
N LYS F 240 -39.90 38.97 57.95
CA LYS F 240 -39.89 39.11 59.40
C LYS F 240 -41.26 38.83 60.01
N ILE F 241 -42.32 39.26 59.33
CA ILE F 241 -43.69 39.01 59.78
C ILE F 241 -44.58 38.53 58.62
N SER F 242 -45.48 37.60 58.89
CA SER F 242 -46.41 37.11 57.89
C SER F 242 -47.86 37.18 58.37
N PHE F 243 -48.76 37.54 57.46
CA PHE F 243 -50.17 37.58 57.78
C PHE F 243 -50.97 36.82 56.74
N PRO F 244 -51.22 35.53 56.99
CA PRO F 244 -52.08 34.71 56.12
C PRO F 244 -53.42 35.41 55.86
N TRP F 245 -53.95 35.27 54.65
CA TRP F 245 -55.18 35.95 54.27
C TRP F 245 -56.33 35.64 55.21
N ASN F 246 -56.43 34.37 55.62
CA ASN F 246 -57.52 33.95 56.49
C ASN F 246 -57.34 34.41 57.93
N GLU F 247 -56.15 34.92 58.25
CA GLU F 247 -55.88 35.49 59.56
C GLU F 247 -56.00 37.01 59.59
N ILE F 248 -56.40 37.62 58.46
CA ILE F 248 -56.60 39.06 58.42
C ILE F 248 -58.07 39.43 58.32
N ARG F 249 -58.55 40.22 59.28
CA ARG F 249 -59.93 40.67 59.30
C ARG F 249 -60.16 41.82 58.32
N ASN F 250 -59.27 42.80 58.36
CA ASN F 250 -59.48 44.04 57.62
C ASN F 250 -58.18 44.75 57.21
N ILE F 251 -58.21 45.47 56.09
CA ILE F 251 -57.12 46.36 55.73
C ILE F 251 -57.65 47.76 55.44
N SER F 252 -57.10 48.75 56.14
CA SER F 252 -57.57 50.12 55.99
C SER F 252 -56.54 50.98 55.28
N TYR F 253 -57.01 51.84 54.39
CA TYR F 253 -56.15 52.82 53.75
C TYR F 253 -56.76 54.22 53.73
N SER F 254 -56.04 55.19 54.31
CA SER F 254 -56.39 56.59 54.22
C SER F 254 -55.09 57.38 54.25
N ASP F 255 -55.10 58.58 53.67
CA ASP F 255 -53.89 59.35 53.45
C ASP F 255 -52.90 58.47 52.72
N LYS F 256 -51.65 58.50 53.15
CA LYS F 256 -50.63 57.62 52.60
C LYS F 256 -50.36 56.36 53.46
N GLU F 257 -51.17 56.15 54.50
CA GLU F 257 -50.93 55.11 55.50
C GLU F 257 -51.87 53.90 55.41
N PHE F 258 -51.30 52.71 55.58
CA PHE F 258 -52.05 51.44 55.58
C PHE F 258 -52.20 50.89 57.00
N THR F 259 -53.30 50.20 57.26
CA THR F 259 -53.50 49.53 58.53
C THR F 259 -53.91 48.09 58.32
N ILE F 260 -53.11 47.16 58.80
CA ILE F 260 -53.46 45.75 58.74
C ILE F 260 -53.90 45.30 60.11
N LYS F 261 -55.15 44.88 60.22
CA LYS F 261 -55.65 44.42 61.51
C LYS F 261 -55.93 42.92 61.52
N PRO F 262 -55.16 42.18 62.32
CA PRO F 262 -55.28 40.73 62.50
C PRO F 262 -56.67 40.34 62.95
N LEU F 263 -57.12 39.16 62.55
CA LEU F 263 -58.40 38.63 62.98
C LEU F 263 -58.36 38.37 64.49
N ASP F 264 -57.17 38.13 65.01
CA ASP F 264 -56.97 37.96 66.44
C ASP F 264 -56.69 39.30 67.11
N LYS F 265 -57.58 39.69 68.02
CA LYS F 265 -57.49 40.96 68.72
C LYS F 265 -56.21 41.07 69.55
N LYS F 266 -55.70 39.93 70.01
CA LYS F 266 -54.56 39.91 70.90
C LYS F 266 -53.23 40.00 70.14
N ILE F 267 -53.34 40.11 68.82
CA ILE F 267 -52.20 40.46 67.98
C ILE F 267 -52.32 41.93 67.61
N ASP F 268 -51.26 42.69 67.85
CA ASP F 268 -51.26 44.12 67.54
C ASP F 268 -51.43 44.35 66.05
N VAL F 269 -52.17 45.41 65.70
CA VAL F 269 -52.33 45.78 64.30
C VAL F 269 -50.99 46.29 63.77
N PHE F 270 -50.84 46.25 62.45
CA PHE F 270 -49.62 46.74 61.83
C PHE F 270 -49.92 47.91 60.90
N LYS F 271 -49.10 48.95 61.00
CA LYS F 271 -49.29 50.15 60.20
C LYS F 271 -47.99 50.56 59.51
N PHE F 272 -48.12 51.04 58.28
CA PHE F 272 -46.96 51.50 57.51
C PHE F 272 -47.34 52.56 56.48
N ASN F 273 -46.36 53.34 56.05
CA ASN F 273 -46.57 54.40 55.08
C ASN F 273 -46.03 54.05 53.69
N SER F 274 -46.74 54.48 52.66
CA SER F 274 -46.23 54.35 51.30
C SER F 274 -46.52 55.63 50.54
N SER F 275 -45.45 56.26 50.05
CA SER F 275 -45.54 57.62 49.51
C SER F 275 -46.26 57.68 48.17
N LYS F 276 -45.81 56.88 47.21
CA LYS F 276 -46.34 56.95 45.85
C LYS F 276 -47.80 56.52 45.79
N LEU F 277 -48.62 57.33 45.14
CA LEU F 277 -50.06 57.14 45.15
C LEU F 277 -50.48 55.97 44.26
N ARG F 278 -49.87 55.85 43.10
CA ARG F 278 -50.22 54.78 42.19
C ARG F 278 -49.72 53.42 42.66
N VAL F 279 -48.70 53.41 43.51
CA VAL F 279 -48.25 52.18 44.16
C VAL F 279 -49.38 51.65 45.05
N ASN F 280 -49.99 52.56 45.82
CA ASN F 280 -50.98 52.17 46.80
C ASN F 280 -52.23 51.50 46.23
N LYS F 281 -52.70 52.00 45.09
CA LYS F 281 -53.85 51.38 44.44
C LYS F 281 -53.48 50.00 43.91
N LEU F 282 -52.25 49.87 43.42
CA LEU F 282 -51.74 48.57 43.02
C LEU F 282 -51.74 47.62 44.22
N ILE F 283 -51.22 48.11 45.34
CA ILE F 283 -51.19 47.31 46.56
C ILE F 283 -52.60 46.84 46.92
N LEU F 284 -53.55 47.76 46.81
CA LEU F 284 -54.92 47.45 47.16
C LEU F 284 -55.53 46.43 46.20
N GLN F 285 -55.32 46.65 44.91
CA GLN F 285 -55.74 45.68 43.89
C GLN F 285 -55.22 44.28 44.23
N LEU F 286 -53.91 44.17 44.46
CA LEU F 286 -53.26 42.89 44.72
C LEU F 286 -53.79 42.23 46.00
N CYS F 287 -54.02 43.05 47.03
CA CYS F 287 -54.63 42.54 48.26
C CYS F 287 -56.00 41.96 48.00
N ILE F 288 -56.84 42.70 47.29
CA ILE F 288 -58.19 42.25 46.99
C ILE F 288 -58.17 40.98 46.15
N GLY F 289 -57.36 41.00 45.09
CA GLY F 289 -57.28 39.86 44.19
C GLY F 289 -56.76 38.61 44.88
N ASN F 290 -55.63 38.73 45.56
CA ASN F 290 -55.04 37.58 46.24
C ASN F 290 -55.93 37.01 47.34
N HIS F 291 -56.49 37.89 48.17
CA HIS F 291 -57.40 37.47 49.23
C HIS F 291 -58.56 36.67 48.65
N ASP F 292 -59.14 37.19 47.57
CA ASP F 292 -60.24 36.51 46.90
C ASP F 292 -59.87 35.07 46.55
N LEU F 293 -58.89 34.90 45.66
CA LEU F 293 -58.47 33.59 45.18
C LEU F 293 -58.07 32.65 46.31
N PHE F 294 -57.48 33.20 47.37
CA PHE F 294 -57.10 32.41 48.52
C PHE F 294 -58.35 31.76 49.13
N MET F 295 -59.40 32.58 49.29
CA MET F 295 -60.64 32.11 49.89
C MET F 295 -61.36 31.10 49.01
N ARG F 296 -61.37 31.36 47.71
CA ARG F 296 -62.07 30.50 46.75
C ARG F 296 -61.46 29.09 46.62
N ARG F 297 -60.15 28.97 46.84
CA ARG F 297 -59.49 27.66 46.82
C ARG F 297 -59.94 26.84 48.01
N ARG F 298 -60.44 27.51 49.04
CA ARG F 298 -60.85 26.84 50.27
C ARG F 298 -62.38 26.83 50.41
N ASP G 68 58.13 -8.03 7.81
CA ASP G 68 57.85 -7.33 6.57
C ASP G 68 58.50 -8.00 5.37
N GLU G 69 57.83 -9.02 4.84
CA GLU G 69 58.32 -9.75 3.67
C GLU G 69 58.13 -8.96 2.37
N GLU G 70 59.10 -9.07 1.48
CA GLU G 70 58.98 -8.52 0.13
C GLU G 70 57.85 -9.19 -0.65
N VAL G 71 56.99 -8.37 -1.25
CA VAL G 71 55.88 -8.90 -2.04
C VAL G 71 55.79 -8.18 -3.39
N GLU G 72 55.45 -8.93 -4.44
CA GLU G 72 55.15 -8.32 -5.73
C GLU G 72 53.88 -8.94 -6.29
N LEU G 73 53.07 -8.12 -6.94
CA LEU G 73 51.86 -8.61 -7.57
C LEU G 73 51.97 -8.37 -9.07
N ILE G 74 51.93 -9.44 -9.84
CA ILE G 74 52.00 -9.31 -11.29
C ILE G 74 50.58 -9.37 -11.86
N LEU G 75 50.11 -8.25 -12.34
CA LEU G 75 48.74 -8.17 -12.80
C LEU G 75 48.63 -8.25 -14.29
N GLY G 76 47.85 -9.22 -14.76
CA GLY G 76 47.68 -9.45 -16.17
C GLY G 76 48.80 -10.26 -16.76
N ASP G 77 48.77 -10.42 -18.08
CA ASP G 77 49.81 -11.15 -18.77
C ASP G 77 50.35 -10.26 -19.87
N THR G 78 51.62 -9.90 -19.79
CA THR G 78 52.27 -9.09 -20.80
C THR G 78 53.77 -9.05 -20.57
N LEU H 86 61.50 -6.67 -15.08
CA LEU H 86 62.02 -6.94 -16.40
C LEU H 86 63.53 -6.82 -16.38
N GLU H 87 64.01 -5.77 -15.74
CA GLU H 87 65.42 -5.51 -15.69
C GLU H 87 66.06 -5.19 -14.36
N ASP H 88 65.28 -4.68 -13.42
CA ASP H 88 65.84 -4.39 -12.10
C ASP H 88 65.47 -5.62 -11.24
N ASP H 89 64.18 -5.95 -11.12
CA ASP H 89 63.76 -7.11 -10.33
C ASP H 89 62.34 -7.62 -10.44
N ILE H 90 62.19 -8.92 -10.45
CA ILE H 90 60.91 -9.61 -10.61
C ILE H 90 60.75 -10.61 -9.46
N ILE H 91 59.56 -10.70 -8.90
CA ILE H 91 59.29 -11.61 -7.81
C ILE H 91 57.94 -12.29 -8.01
N LEU H 92 57.93 -13.62 -7.95
CA LEU H 92 56.70 -14.39 -8.03
C LEU H 92 56.35 -14.79 -6.61
N SER H 93 55.31 -14.16 -6.05
CA SER H 93 54.95 -14.43 -4.67
C SER H 93 53.90 -15.53 -4.64
N LEU H 94 54.29 -16.70 -4.15
CA LEU H 94 53.42 -17.86 -4.22
C LEU H 94 52.61 -18.26 -3.00
N ASN H 95 53.19 -18.32 -1.82
CA ASN H 95 52.42 -18.72 -0.64
C ASN H 95 52.67 -17.93 0.64
N GLU H 96 51.63 -17.89 1.47
CA GLU H 96 51.67 -17.25 2.78
C GLU H 96 52.06 -15.76 2.70
N UNK I 1 2.30 -39.84 6.29
CA UNK I 1 2.62 -39.59 4.89
C UNK I 1 1.39 -39.72 3.99
N UNK I 2 0.57 -38.65 3.93
CA UNK I 2 -0.67 -38.70 3.16
C UNK I 2 -0.63 -37.95 1.82
N UNK I 3 -1.71 -38.09 1.04
CA UNK I 3 -1.94 -37.29 -0.15
C UNK I 3 -3.41 -36.91 -0.20
N UNK I 4 -3.68 -35.61 -0.23
CA UNK I 4 -5.06 -35.13 -0.24
C UNK I 4 -5.51 -34.85 -1.67
N UNK I 5 -6.46 -35.63 -2.16
CA UNK I 5 -6.95 -35.48 -3.52
C UNK I 5 -8.16 -34.56 -3.53
N UNK I 6 -8.00 -33.38 -4.11
CA UNK I 6 -9.05 -32.37 -4.14
C UNK I 6 -9.44 -32.04 -5.58
N UNK I 7 -10.34 -31.06 -5.74
CA UNK I 7 -10.75 -30.61 -7.07
C UNK I 7 -9.57 -30.11 -7.89
N UNK J 1 -62.95 12.94 -9.59
CA UNK J 1 -61.78 12.25 -10.10
C UNK J 1 -62.19 11.04 -10.94
N UNK J 2 -62.01 9.86 -10.37
CA UNK J 2 -62.46 8.61 -10.97
C UNK J 2 -62.79 7.65 -9.83
N UNK J 3 -63.01 6.38 -10.17
CA UNK J 3 -63.23 5.35 -9.15
C UNK J 3 -62.26 4.21 -9.38
N UNK J 4 -61.59 3.76 -8.32
CA UNK J 4 -60.61 2.69 -8.45
C UNK J 4 -60.59 1.72 -7.26
N UNK J 5 -60.48 0.43 -7.55
CA UNK J 5 -60.25 -0.59 -6.52
C UNK J 5 -59.16 -1.56 -6.96
N UNK J 6 -58.05 -1.60 -6.22
CA UNK J 6 -56.91 -2.45 -6.56
C UNK J 6 -56.94 -3.74 -5.75
N UNK J 7 -57.13 -4.87 -6.44
CA UNK J 7 -57.21 -6.16 -5.77
C UNK J 7 -55.83 -6.79 -5.59
N UNK J 8 -55.50 -7.16 -4.35
CA UNK J 8 -54.17 -7.65 -4.03
C UNK J 8 -54.21 -8.86 -3.10
N UNK K 1 -58.23 58.17 47.12
CA UNK K 1 -59.46 57.68 47.74
C UNK K 1 -59.24 57.33 49.21
N UNK K 2 -60.30 56.87 49.87
CA UNK K 2 -60.21 56.34 51.22
C UNK K 2 -60.84 54.95 51.25
N UNK K 3 -60.05 53.94 51.58
CA UNK K 3 -60.49 52.56 51.45
C UNK K 3 -60.38 51.72 52.72
N UNK K 4 -61.46 51.01 53.03
CA UNK K 4 -61.43 49.93 54.01
C UNK K 4 -61.89 48.64 53.32
N UNK K 5 -60.96 47.70 53.14
CA UNK K 5 -61.25 46.48 52.39
C UNK K 5 -61.63 45.31 53.29
N UNK K 6 -62.61 44.52 52.84
CA UNK K 6 -63.06 43.36 53.60
C UNK K 6 -63.55 42.26 52.67
#